data_5ES9
#
_entry.id   5ES9
#
_cell.length_a   162.057
_cell.length_b   162.057
_cell.length_c   206.493
_cell.angle_alpha   90.000
_cell.angle_beta   90.000
_cell.angle_gamma   120.000
#
_symmetry.space_group_name_H-M   'P 32 2 1'
#
loop_
_entity.id
_entity.type
_entity.pdbx_description
1 polymer 'Linear gramicidin synthetase subunit A'
2 non-polymer "4'-PHOSPHOPANTETHEINE"
#
_entity_poly.entity_id   1
_entity_poly.type   'polypeptide(L)'
_entity_poly.pdbx_seq_one_letter_code
;MGRILFLTTFMSKGNKVVRYLESLHHEVVICQEKVHAQSANLQEIDWIVSYAYGYILDKEIVSRFRGRIINLHPSLLPWN
KGRDPVFWSVWDETPKGVTIHLIDEHVDTGDILVQEEIAFADEDTLLDCYNKANQAIEELFIREWENIVHGRIAPYRQTA
GGTLHFKADRDFYKNLNMTTVRELLALKRLCAEPKRGEKPIDKTFHQLFEQQVEMTPDHVAVVDRGQSLTYKQLNERANQ
LAHHLRGKGVKPDDQVAIMLDKSLDMIVSILAVMKAGGAYVPIDPDYPGERIAYMLADSSAAILLTNALHEEKANGACDI
IDVHDPDSYSENTNNLPHVNRPDDLVYVMYTSGSTGLAKGVMIEHHNLVNFCEWYRPYFGVTPADKALVYSSFSFDGSAL
DIFTHLLAGAALHIVPSERKYDLDALNDYCNQEGITISYLPTGAAEQFMQMDNQSFRVVITGGDVLKKIERNGTYKLYNG
YGPTECTIMVTMFEVDKPYANIPIGKPIDRTRILILDEALALQPIGVAGELFIVGEGLGRGYLNRPELTAEKFIVHPQTG
ERMYRTGDRARFLPDGNIEFLGRLDNLVKIRGYRIEPGEIEPFLMNHPLIELTTVLAKEQADGRKYLVGYYVAPEEIPHG
ELREWLGNDLPDYMIPTYFVHMKAFPLTANGKVDRRALPDVQADAELLGEDYVAPTDELEQQLAQVWSHVLGIPQMGIDD
HFLERGGDSIKVMQLIHQLKNIGLSLRYDQLFTHPTIRQLKRLLTEQAAAENLYFQ
;
_entity_poly.pdbx_strand_id   A,B
#
loop_
_chem_comp.id
_chem_comp.type
_chem_comp.name
_chem_comp.formula
PNS non-polymer 4'-PHOSPHOPANTETHEINE 'C11 H23 N2 O7 P S'
#
# COMPACT_ATOMS: atom_id res chain seq x y z
N MET A 1 32.04 70.11 27.26
CA MET A 1 32.60 69.13 28.18
C MET A 1 33.79 68.39 27.56
N GLY A 2 33.51 67.53 26.59
CA GLY A 2 34.55 66.77 25.92
C GLY A 2 34.17 66.42 24.50
N ARG A 3 35.17 66.31 23.62
CA ARG A 3 34.92 66.10 22.21
C ARG A 3 34.85 64.60 21.88
N ILE A 4 33.79 64.24 21.15
CA ILE A 4 33.45 62.84 20.88
C ILE A 4 33.44 62.50 19.41
N LEU A 5 34.25 61.51 19.04
CA LEU A 5 34.22 60.96 17.69
C LEU A 5 33.23 59.79 17.60
N PHE A 6 32.25 59.96 16.73
CA PHE A 6 31.21 58.98 16.47
C PHE A 6 31.51 58.24 15.17
N LEU A 7 31.73 56.93 15.28
CA LEU A 7 32.12 56.10 14.15
C LEU A 7 30.99 55.17 13.71
N THR A 8 30.46 55.41 12.52
CA THR A 8 29.40 54.58 11.99
C THR A 8 29.44 54.59 10.47
N THR A 9 29.08 53.47 9.85
CA THR A 9 28.94 53.41 8.40
C THR A 9 27.50 53.14 8.01
N PHE A 10 26.71 52.65 8.97
CA PHE A 10 25.33 52.30 8.70
C PHE A 10 24.35 53.29 9.32
N MET A 11 24.47 53.50 10.62
CA MET A 11 23.54 54.34 11.35
C MET A 11 23.57 55.78 10.83
N SER A 12 22.49 56.52 11.03
CA SER A 12 22.40 57.88 10.51
C SER A 12 23.23 58.86 11.33
N LYS A 13 23.15 60.14 10.97
CA LYS A 13 23.80 61.20 11.72
C LYS A 13 22.78 61.86 12.65
N GLY A 14 21.58 61.30 12.70
CA GLY A 14 20.52 61.82 13.54
C GLY A 14 20.11 60.80 14.59
N ASN A 15 21.02 59.91 14.93
CA ASN A 15 20.76 58.88 15.94
C ASN A 15 20.42 59.48 17.29
N LYS A 16 19.59 58.76 18.05
CA LYS A 16 19.24 59.16 19.40
C LYS A 16 20.50 59.32 20.26
N VAL A 17 21.46 58.43 20.01
CA VAL A 17 22.74 58.44 20.69
C VAL A 17 23.46 59.78 20.53
N VAL A 18 23.73 60.12 19.28
CA VAL A 18 24.42 61.37 18.94
C VAL A 18 23.74 62.59 19.56
N ARG A 19 22.41 62.60 19.50
CA ARG A 19 21.63 63.74 19.97
C ARG A 19 21.64 63.83 21.48
N TYR A 20 21.68 62.69 22.14
CA TYR A 20 21.80 62.67 23.59
C TYR A 20 23.16 63.22 24.00
N LEU A 21 24.20 62.71 23.35
CA LEU A 21 25.55 63.21 23.59
C LEU A 21 25.66 64.72 23.39
N GLU A 22 25.08 65.22 22.30
CA GLU A 22 25.06 66.67 22.07
C GLU A 22 24.22 67.37 23.12
N SER A 23 23.17 66.71 23.58
CA SER A 23 22.34 67.26 24.65
C SER A 23 23.17 67.45 25.90
N LEU A 24 24.23 66.68 26.02
CA LEU A 24 25.12 66.83 27.17
C LEU A 24 26.24 67.83 26.89
N HIS A 25 26.09 68.60 25.82
CA HIS A 25 27.05 69.63 25.40
C HIS A 25 28.36 69.06 24.89
N HIS A 26 28.33 67.84 24.35
CA HIS A 26 29.50 67.26 23.70
C HIS A 26 29.53 67.64 22.22
N GLU A 27 30.69 68.03 21.73
CA GLU A 27 30.87 68.21 20.30
C GLU A 27 31.07 66.85 19.66
N VAL A 28 30.17 66.47 18.77
CA VAL A 28 30.17 65.13 18.18
C VAL A 28 30.60 65.16 16.72
N VAL A 29 31.86 64.81 16.46
CA VAL A 29 32.36 64.66 15.10
C VAL A 29 31.92 63.32 14.53
N ILE A 30 31.38 63.31 13.33
CA ILE A 30 30.83 62.09 12.77
C ILE A 30 31.64 61.62 11.57
N CYS A 31 32.11 60.37 11.64
CA CYS A 31 33.00 59.85 10.62
C CYS A 31 32.60 58.45 10.16
N GLN A 32 32.42 58.30 8.85
CA GLN A 32 31.94 57.06 8.29
C GLN A 32 32.99 56.32 7.48
N GLU A 33 34.22 56.82 7.50
CA GLU A 33 35.30 56.20 6.74
C GLU A 33 36.46 55.77 7.64
N LYS A 34 37.34 54.92 7.12
CA LYS A 34 38.50 54.49 7.87
C LYS A 34 39.48 55.64 8.06
N VAL A 35 39.94 55.81 9.29
CA VAL A 35 40.89 56.86 9.63
C VAL A 35 42.22 56.29 10.07
N HIS A 36 43.27 57.07 9.88
CA HIS A 36 44.60 56.72 10.36
C HIS A 36 44.96 57.68 11.49
N ALA A 37 46.13 57.47 12.09
CA ALA A 37 46.54 58.27 13.25
C ALA A 37 46.65 59.76 12.93
N GLN A 38 47.10 60.09 11.74
CA GLN A 38 47.31 61.49 11.34
C GLN A 38 46.00 62.27 11.21
N SER A 39 44.90 61.55 11.05
CA SER A 39 43.60 62.13 10.70
C SER A 39 43.20 63.32 11.57
N ALA A 40 42.50 64.27 10.95
CA ALA A 40 42.06 65.46 11.64
C ALA A 40 40.94 65.15 12.63
N ASN A 41 40.14 64.12 12.35
CA ASN A 41 39.04 63.75 13.25
C ASN A 41 39.53 63.29 14.60
N LEU A 42 40.77 62.83 14.66
CA LEU A 42 41.33 62.27 15.89
C LEU A 42 41.94 63.35 16.78
N GLN A 43 41.79 64.60 16.41
CA GLN A 43 42.36 65.70 17.16
C GLN A 43 41.49 66.07 18.35
N GLU A 44 42.12 66.16 19.53
CA GLU A 44 41.45 66.57 20.78
C GLU A 44 40.25 65.69 21.12
N ILE A 45 40.37 64.38 20.86
CA ILE A 45 39.26 63.45 21.08
C ILE A 45 39.38 62.69 22.40
N ASP A 46 38.39 62.86 23.26
CA ASP A 46 38.41 62.21 24.58
C ASP A 46 37.82 60.81 24.51
N TRP A 47 36.61 60.72 23.97
CA TRP A 47 35.93 59.45 23.80
C TRP A 47 35.63 59.18 22.33
N ILE A 48 35.84 57.93 21.93
CA ILE A 48 35.40 57.46 20.62
C ILE A 48 34.29 56.45 20.78
N VAL A 49 33.18 56.69 20.10
CA VAL A 49 32.01 55.82 20.17
C VAL A 49 31.67 55.24 18.80
N SER A 50 31.76 53.92 18.68
CA SER A 50 31.50 53.25 17.42
C SER A 50 30.16 52.53 17.46
N TYR A 51 29.42 52.68 16.37
CA TYR A 51 28.09 52.11 16.25
C TYR A 51 27.93 51.63 14.80
N ALA A 52 27.92 50.32 14.61
CA ALA A 52 27.81 49.74 13.27
C ALA A 52 28.87 50.30 12.33
N TYR A 53 30.09 50.39 12.84
CA TYR A 53 31.24 50.90 12.08
C TYR A 53 31.82 49.77 11.22
N GLY A 54 32.01 50.04 9.93
CA GLY A 54 32.38 48.99 9.00
C GLY A 54 33.86 48.70 8.88
N TYR A 55 34.67 49.47 9.61
CA TYR A 55 36.12 49.35 9.48
C TYR A 55 36.82 49.04 10.81
N ILE A 56 38.06 48.58 10.71
CA ILE A 56 38.84 48.30 11.91
C ILE A 56 39.79 49.46 12.20
N LEU A 57 39.96 49.78 13.47
CA LEU A 57 40.89 50.83 13.87
C LEU A 57 42.31 50.30 13.89
N ASP A 58 43.25 51.11 13.39
CA ASP A 58 44.66 50.79 13.47
C ASP A 58 45.06 50.60 14.93
N LYS A 59 45.86 49.57 15.20
CA LYS A 59 46.22 49.21 16.57
C LYS A 59 46.86 50.37 17.35
N GLU A 60 47.59 51.21 16.62
CA GLU A 60 48.09 52.47 17.13
C GLU A 60 46.98 53.25 17.86
N ILE A 61 45.90 53.48 17.12
CA ILE A 61 44.77 54.24 17.62
C ILE A 61 44.11 53.57 18.82
N VAL A 62 43.95 52.25 18.75
CA VAL A 62 43.26 51.52 19.80
C VAL A 62 44.09 51.50 21.09
N SER A 63 45.41 51.61 20.95
CA SER A 63 46.27 51.63 22.13
C SER A 63 46.36 53.02 22.74
N ARG A 64 46.47 54.05 21.90
CA ARG A 64 46.53 55.41 22.39
C ARG A 64 45.23 55.81 23.09
N PHE A 65 44.12 55.27 22.60
CA PHE A 65 42.80 55.57 23.16
C PHE A 65 42.29 54.47 24.08
N ARG A 66 43.18 53.58 24.49
CA ARG A 66 42.81 52.45 25.34
C ARG A 66 42.04 52.91 26.57
N GLY A 67 40.95 52.20 26.86
CA GLY A 67 40.05 52.57 27.95
C GLY A 67 38.93 53.49 27.50
N ARG A 68 39.09 54.13 26.34
CA ARG A 68 38.19 55.21 25.93
C ARG A 68 37.41 54.94 24.64
N ILE A 69 37.60 53.77 24.04
CA ILE A 69 36.84 53.41 22.85
C ILE A 69 35.69 52.49 23.20
N ILE A 70 34.47 52.98 23.01
CA ILE A 70 33.25 52.25 23.32
C ILE A 70 32.59 51.80 22.04
N ASN A 71 32.10 50.56 22.01
CA ASN A 71 31.34 50.09 20.86
C ASN A 71 29.97 49.57 21.24
N LEU A 72 29.01 49.80 20.35
CA LEU A 72 27.66 49.29 20.52
C LEU A 72 27.41 48.16 19.52
N HIS A 73 27.28 46.94 20.03
CA HIS A 73 27.07 45.78 19.18
C HIS A 73 25.76 45.08 19.50
N PRO A 74 24.79 45.16 18.59
CA PRO A 74 23.46 44.56 18.80
C PRO A 74 23.46 43.04 18.80
N SER A 75 23.99 42.45 19.87
CA SER A 75 23.97 41.01 20.10
C SER A 75 24.50 40.73 21.50
N LEU A 76 24.08 39.61 22.08
CA LEU A 76 24.76 39.01 23.22
C LEU A 76 26.19 38.84 22.77
N LEU A 77 27.02 39.83 23.05
CA LEU A 77 28.31 39.95 22.38
C LEU A 77 29.17 38.69 22.22
N PRO A 78 29.29 37.84 23.27
CA PRO A 78 29.98 36.57 23.02
C PRO A 78 29.46 35.92 21.72
N TRP A 79 28.13 35.93 21.59
CA TRP A 79 27.44 35.51 20.39
C TRP A 79 27.40 36.55 19.28
N ASN A 80 27.44 36.06 18.04
CA ASN A 80 27.30 36.93 16.87
C ASN A 80 28.22 38.11 16.91
N LYS A 81 29.52 37.81 17.04
CA LYS A 81 30.55 38.79 16.81
C LYS A 81 30.64 39.00 15.30
N GLY A 82 30.96 40.21 14.87
CA GLY A 82 31.13 40.46 13.44
C GLY A 82 29.91 41.02 12.74
N ARG A 83 29.73 40.60 11.49
CA ARG A 83 28.71 41.19 10.63
C ARG A 83 27.34 40.52 10.74
N ASP A 84 26.31 41.34 10.56
CA ASP A 84 24.90 40.91 10.67
C ASP A 84 24.59 40.12 11.94
N PRO A 85 24.82 40.73 13.13
CA PRO A 85 24.63 39.99 14.38
C PRO A 85 23.18 39.54 14.64
N VAL A 86 22.21 40.40 14.32
CA VAL A 86 20.80 40.09 14.54
C VAL A 86 20.33 38.93 13.68
N PHE A 87 20.65 39.00 12.38
CA PHE A 87 20.29 37.94 11.45
C PHE A 87 20.79 36.58 11.94
N TRP A 88 22.10 36.49 12.16
CA TRP A 88 22.70 35.25 12.64
C TRP A 88 22.19 34.84 14.02
N SER A 89 21.75 35.83 14.79
CA SER A 89 21.13 35.58 16.08
C SER A 89 19.81 34.83 15.91
N VAL A 90 19.08 35.15 14.84
CA VAL A 90 17.82 34.47 14.55
C VAL A 90 18.04 33.12 13.87
N TRP A 91 18.94 33.07 12.89
CA TRP A 91 19.21 31.86 12.12
C TRP A 91 19.83 30.74 12.96
N ASP A 92 20.94 31.03 13.62
CA ASP A 92 21.65 30.02 14.41
C ASP A 92 20.96 29.76 15.76
N GLU A 93 19.92 30.53 16.05
CA GLU A 93 19.09 30.36 17.25
C GLU A 93 19.87 30.58 18.55
N THR A 94 20.83 31.49 18.51
CA THR A 94 21.65 31.83 19.67
C THR A 94 20.86 32.71 20.65
N PRO A 95 21.39 32.93 21.86
CA PRO A 95 20.75 33.90 22.76
C PRO A 95 20.65 35.29 22.13
N LYS A 96 19.64 36.06 22.55
CA LYS A 96 19.38 37.38 21.98
C LYS A 96 19.71 38.49 22.96
N GLY A 97 20.21 39.62 22.44
CA GLY A 97 20.50 40.76 23.29
C GLY A 97 21.24 41.89 22.61
N VAL A 98 21.77 42.81 23.42
CA VAL A 98 22.59 43.92 22.95
C VAL A 98 23.74 44.18 23.93
N THR A 99 24.93 44.49 23.40
CA THR A 99 26.10 44.71 24.25
C THR A 99 26.92 45.96 23.93
N ILE A 100 27.13 46.76 24.97
CA ILE A 100 28.04 47.88 24.97
C ILE A 100 29.37 47.48 25.60
N HIS A 101 30.46 47.65 24.84
CA HIS A 101 31.73 47.01 25.18
C HIS A 101 32.99 47.75 24.73
N LEU A 102 34.08 47.52 25.44
CA LEU A 102 35.37 48.07 25.06
C LEU A 102 35.89 47.46 23.75
N ILE A 103 36.71 48.22 23.03
CA ILE A 103 37.33 47.75 21.80
C ILE A 103 38.77 47.31 22.05
N ASP A 104 39.08 46.07 21.71
CA ASP A 104 40.46 45.59 21.75
C ASP A 104 40.94 45.31 20.34
N GLU A 105 42.06 44.60 20.23
CA GLU A 105 42.71 44.39 18.94
C GLU A 105 41.95 43.47 18.00
N HIS A 106 40.95 42.77 18.52
CA HIS A 106 40.23 41.78 17.72
C HIS A 106 38.77 42.17 17.52
N VAL A 107 38.04 41.32 16.80
CA VAL A 107 36.67 41.61 16.42
C VAL A 107 35.70 41.34 17.56
N ASP A 108 35.27 42.42 18.20
CA ASP A 108 34.31 42.38 19.29
C ASP A 108 34.71 41.38 20.36
N THR A 109 36.00 41.29 20.68
CA THR A 109 36.37 40.40 21.76
C THR A 109 36.72 41.18 23.03
N GLY A 110 36.46 42.48 23.02
CA GLY A 110 36.72 43.32 24.17
C GLY A 110 35.78 43.08 25.36
N ASP A 111 36.19 43.55 26.53
CA ASP A 111 35.42 43.34 27.75
C ASP A 111 34.12 44.15 27.78
N ILE A 112 33.08 43.54 28.33
CA ILE A 112 31.72 44.08 28.30
C ILE A 112 31.44 45.14 29.36
N LEU A 113 31.01 46.31 28.91
CA LEU A 113 30.52 47.33 29.84
C LEU A 113 29.11 46.97 30.32
N VAL A 114 28.13 47.08 29.44
CA VAL A 114 26.76 46.72 29.84
C VAL A 114 26.05 45.88 28.79
N GLN A 115 25.35 44.85 29.24
CA GLN A 115 24.73 43.88 28.37
C GLN A 115 23.27 43.67 28.74
N GLU A 116 22.41 43.42 27.75
CA GLU A 116 20.98 43.31 28.02
C GLU A 116 20.26 42.34 27.09
N GLU A 117 19.61 41.32 27.64
CA GLU A 117 18.84 40.37 26.85
C GLU A 117 17.69 41.03 26.12
N ILE A 118 17.52 40.66 24.85
CA ILE A 118 16.38 41.10 24.06
C ILE A 118 15.56 39.89 23.63
N ALA A 119 14.31 40.12 23.23
CA ALA A 119 13.45 39.04 22.79
C ALA A 119 12.73 39.41 21.49
N PHE A 120 12.71 38.48 20.54
CA PHE A 120 12.02 38.69 19.28
C PHE A 120 10.77 37.82 19.22
N ALA A 121 9.79 38.25 18.44
CA ALA A 121 8.55 37.49 18.31
C ALA A 121 8.59 36.63 17.06
N ASP A 122 7.82 35.54 17.08
CA ASP A 122 7.76 34.64 15.94
C ASP A 122 7.24 35.37 14.70
N GLU A 123 6.46 36.42 14.91
CA GLU A 123 5.80 37.11 13.82
C GLU A 123 6.55 38.35 13.33
N ASP A 124 7.59 38.75 14.05
CA ASP A 124 8.41 39.88 13.63
C ASP A 124 9.24 39.51 12.40
N THR A 125 9.39 40.47 11.48
CA THR A 125 10.28 40.28 10.34
C THR A 125 11.71 40.60 10.77
N LEU A 126 12.68 40.16 9.98
CA LEU A 126 14.09 40.34 10.33
C LEU A 126 14.45 41.82 10.45
N LEU A 127 13.80 42.65 9.64
CA LEU A 127 13.98 44.08 9.72
C LEU A 127 13.50 44.60 11.08
N ASP A 128 12.35 44.08 11.51
CA ASP A 128 11.81 44.40 12.83
C ASP A 128 12.84 44.10 13.91
N CYS A 129 13.42 42.91 13.84
CA CYS A 129 14.47 42.50 14.78
C CYS A 129 15.60 43.51 14.79
N TYR A 130 16.17 43.75 13.61
CA TYR A 130 17.23 44.74 13.41
C TYR A 130 16.92 46.06 14.13
N ASN A 131 15.75 46.62 13.85
CA ASN A 131 15.36 47.92 14.41
C ASN A 131 15.11 47.90 15.92
N LYS A 132 14.41 46.88 16.40
CA LYS A 132 14.17 46.73 17.84
C LYS A 132 15.48 46.62 18.60
N ALA A 133 16.44 45.89 18.02
CA ALA A 133 17.74 45.71 18.66
C ALA A 133 18.49 47.02 18.71
N ASN A 134 18.53 47.72 17.57
CA ASN A 134 19.18 49.03 17.52
C ASN A 134 18.58 50.00 18.53
N GLN A 135 17.25 50.06 18.55
CA GLN A 135 16.52 50.85 19.53
C GLN A 135 16.97 50.51 20.95
N ALA A 136 16.94 49.23 21.28
CA ALA A 136 17.25 48.77 22.64
C ALA A 136 18.67 49.14 23.06
N ILE A 137 19.63 48.98 22.15
CA ILE A 137 21.01 49.28 22.50
C ILE A 137 21.24 50.79 22.57
N GLU A 138 20.46 51.57 21.83
CA GLU A 138 20.56 53.02 21.91
C GLU A 138 20.03 53.50 23.25
N GLU A 139 18.87 52.97 23.64
CA GLU A 139 18.29 53.29 24.94
C GLU A 139 19.24 52.89 26.07
N LEU A 140 19.84 51.71 25.93
CA LEU A 140 20.83 51.23 26.89
C LEU A 140 22.00 52.19 27.02
N PHE A 141 22.51 52.62 25.87
CA PHE A 141 23.55 53.64 25.81
C PHE A 141 23.16 54.86 26.63
N ILE A 142 21.95 55.36 26.38
CA ILE A 142 21.46 56.58 27.03
C ILE A 142 21.34 56.41 28.55
N ARG A 143 20.86 55.26 28.98
CA ARG A 143 20.80 54.95 30.42
C ARG A 143 22.19 54.92 31.07
N GLU A 144 23.11 54.14 30.49
CA GLU A 144 24.35 53.83 31.20
C GLU A 144 25.55 54.73 30.87
N TRP A 145 25.34 55.71 30.01
CA TRP A 145 26.41 56.61 29.56
C TRP A 145 27.13 57.31 30.69
N GLU A 146 26.38 57.89 31.63
CA GLU A 146 26.98 58.55 32.79
C GLU A 146 27.86 57.61 33.60
N ASN A 147 27.40 56.38 33.79
CA ASN A 147 28.16 55.39 34.55
C ASN A 147 29.33 54.88 33.73
N ILE A 148 29.30 55.19 32.44
CA ILE A 148 30.41 54.84 31.55
C ILE A 148 31.48 55.92 31.59
N VAL A 149 31.05 57.18 31.61
CA VAL A 149 31.98 58.31 31.55
C VAL A 149 32.75 58.45 32.85
N HIS A 150 32.08 58.17 33.95
CA HIS A 150 32.70 58.24 35.26
C HIS A 150 33.43 56.94 35.59
N GLY A 151 33.51 56.05 34.61
CA GLY A 151 34.20 54.78 34.71
C GLY A 151 33.87 53.99 35.97
N ARG A 152 32.59 54.01 36.36
CA ARG A 152 32.17 53.37 37.59
C ARG A 152 31.57 52.00 37.32
N ILE A 153 31.69 51.55 36.08
CA ILE A 153 31.23 50.23 35.70
C ILE A 153 32.39 49.24 35.67
N ALA A 154 32.13 48.00 36.06
CA ALA A 154 33.11 46.95 35.94
C ALA A 154 32.94 46.25 34.62
N PRO A 155 33.88 46.44 33.68
CA PRO A 155 33.88 45.52 32.54
C PRO A 155 34.38 44.14 32.94
N TYR A 156 33.63 43.13 32.55
CA TYR A 156 33.95 41.74 32.83
C TYR A 156 34.25 41.07 31.50
N ARG A 157 35.21 40.14 31.50
CA ARG A 157 35.56 39.42 30.28
C ARG A 157 34.33 38.71 29.75
N GLN A 158 34.32 38.41 28.46
CA GLN A 158 33.20 37.69 27.91
C GLN A 158 33.29 36.23 28.26
N THR A 159 32.12 35.61 28.39
CA THR A 159 32.02 34.18 28.51
C THR A 159 32.71 33.52 27.30
N ALA A 160 33.35 32.39 27.54
CA ALA A 160 34.01 31.65 26.47
C ALA A 160 33.04 31.24 25.38
N GLY A 161 33.58 30.93 24.21
CA GLY A 161 32.76 30.46 23.10
C GLY A 161 32.16 31.58 22.27
N GLY A 162 30.88 31.43 21.95
CA GLY A 162 30.20 32.38 21.09
C GLY A 162 30.46 32.07 19.63
N THR A 163 29.96 32.94 18.75
CA THR A 163 30.13 32.75 17.30
C THR A 163 30.69 34.00 16.64
N LEU A 164 31.28 33.82 15.47
CA LEU A 164 31.77 34.93 14.66
C LEU A 164 31.34 34.80 13.20
N HIS A 165 30.83 35.89 12.66
CA HIS A 165 30.43 35.92 11.26
C HIS A 165 31.12 37.06 10.54
N PHE A 166 31.30 36.89 9.23
CA PHE A 166 31.98 37.89 8.41
C PHE A 166 30.99 38.57 7.46
N LYS A 167 31.51 39.42 6.59
CA LYS A 167 30.67 40.20 5.70
C LYS A 167 29.97 39.33 4.65
N ALA A 168 30.71 38.39 4.07
CA ALA A 168 30.20 37.61 2.95
C ALA A 168 29.22 36.51 3.38
N ASP A 169 29.27 36.12 4.64
CA ASP A 169 28.51 34.96 5.13
C ASP A 169 27.00 35.04 4.87
N ARG A 170 26.47 36.24 4.75
CA ARG A 170 25.03 36.42 4.59
C ARG A 170 24.59 36.42 3.12
N ASP A 171 25.56 36.37 2.21
CA ASP A 171 25.28 36.42 0.77
C ASP A 171 24.17 35.48 0.33
N PHE A 172 24.38 34.18 0.57
CA PHE A 172 23.38 33.15 0.27
C PHE A 172 21.95 33.49 0.71
N TYR A 173 21.83 34.25 1.78
CA TYR A 173 20.53 34.52 2.40
C TYR A 173 20.03 35.93 2.13
N LYS A 174 20.65 36.58 1.15
CA LYS A 174 20.38 38.00 0.87
C LYS A 174 18.90 38.32 0.61
N ASN A 175 18.08 37.30 0.32
CA ASN A 175 16.66 37.53 0.02
C ASN A 175 15.75 37.38 1.21
N LEU A 176 16.31 36.89 2.30
CA LEU A 176 15.45 36.42 3.41
C LEU A 176 14.98 37.39 4.46
N ASN A 177 15.23 38.66 4.32
CA ASN A 177 15.38 39.39 5.58
C ASN A 177 14.22 40.36 5.68
N MET A 178 13.32 40.21 4.70
CA MET A 178 11.96 40.65 4.88
C MET A 178 11.11 39.51 5.40
N THR A 179 11.70 38.32 5.52
CA THR A 179 10.97 37.17 6.02
C THR A 179 10.82 37.25 7.52
N THR A 180 9.86 36.49 8.01
CA THR A 180 9.48 36.48 9.40
C THR A 180 10.37 35.48 10.15
N VAL A 181 10.50 35.67 11.46
CA VAL A 181 11.28 34.77 12.30
C VAL A 181 10.81 33.33 12.11
N ARG A 182 9.50 33.14 12.23
CA ARG A 182 8.88 31.84 12.04
C ARG A 182 9.21 31.23 10.68
N GLU A 183 8.94 32.01 9.62
CA GLU A 183 9.17 31.56 8.25
C GLU A 183 10.64 31.28 7.98
N LEU A 184 11.51 32.13 8.53
CA LEU A 184 12.95 31.97 8.40
C LEU A 184 13.43 30.67 9.00
N LEU A 185 13.03 30.43 10.25
CA LEU A 185 13.41 29.21 10.94
C LEU A 185 12.85 27.98 10.25
N ALA A 186 11.67 28.12 9.65
CA ALA A 186 11.09 27.01 8.90
C ALA A 186 11.94 26.71 7.67
N LEU A 187 12.33 27.76 6.96
CA LEU A 187 13.24 27.63 5.82
C LEU A 187 14.53 26.96 6.27
N LYS A 188 14.96 27.27 7.49
CA LYS A 188 16.16 26.64 8.03
C LYS A 188 15.93 25.14 8.19
N ARG A 189 14.85 24.79 8.87
CA ARG A 189 14.54 23.38 9.11
C ARG A 189 14.46 22.58 7.82
N LEU A 190 13.87 23.17 6.78
CA LEU A 190 13.80 22.50 5.50
C LEU A 190 15.17 22.40 4.82
N CYS A 191 15.80 23.55 4.57
CA CYS A 191 16.92 23.60 3.64
C CYS A 191 18.31 23.52 4.26
N ALA A 192 18.43 23.65 5.57
CA ALA A 192 19.76 23.69 6.18
C ALA A 192 20.51 22.36 6.08
N GLU A 193 21.82 22.43 6.24
CA GLU A 193 22.72 21.28 6.11
C GLU A 193 22.31 20.10 6.99
N PRO A 194 22.64 18.87 6.55
CA PRO A 194 22.25 17.66 7.29
C PRO A 194 22.89 17.61 8.66
N LYS A 195 22.18 17.06 9.63
CA LYS A 195 22.68 17.01 11.00
C LYS A 195 23.85 16.04 11.13
N ARG A 196 24.75 16.34 12.06
CA ARG A 196 25.93 15.52 12.31
C ARG A 196 25.54 14.10 12.70
N GLY A 197 26.50 13.18 12.60
CA GLY A 197 26.28 11.80 13.00
C GLY A 197 26.20 10.82 11.85
N GLU A 198 25.88 11.32 10.65
CA GLU A 198 25.71 10.45 9.49
C GLU A 198 27.04 9.90 8.98
N LYS A 199 26.96 8.78 8.26
CA LYS A 199 28.12 8.17 7.63
C LYS A 199 27.77 7.72 6.22
N PRO A 200 28.76 7.69 5.31
CA PRO A 200 28.52 7.28 3.91
C PRO A 200 27.92 5.88 3.79
N ILE A 201 27.21 5.64 2.69
CA ILE A 201 26.59 4.34 2.43
C ILE A 201 27.66 3.32 2.05
N ASP A 202 27.73 2.22 2.79
CA ASP A 202 28.85 1.28 2.66
C ASP A 202 28.52 0.02 1.86
N LYS A 203 27.31 -0.05 1.30
CA LYS A 203 26.87 -1.27 0.64
C LYS A 203 26.65 -1.10 -0.86
N THR A 204 26.87 -2.19 -1.60
CA THR A 204 26.52 -2.25 -3.01
C THR A 204 25.24 -3.07 -3.14
N PHE A 205 24.46 -2.86 -4.21
CA PHE A 205 23.14 -3.48 -4.31
C PHE A 205 23.20 -4.99 -4.16
N HIS A 206 24.05 -5.67 -4.93
CA HIS A 206 24.03 -7.12 -4.93
C HIS A 206 24.44 -7.72 -3.58
N GLN A 207 25.09 -6.90 -2.74
CA GLN A 207 25.31 -7.29 -1.35
C GLN A 207 23.97 -7.39 -0.62
N LEU A 208 23.22 -6.30 -0.62
CA LEU A 208 21.90 -6.26 0.01
C LEU A 208 21.01 -7.36 -0.56
N PHE A 209 21.12 -7.58 -1.86
CA PHE A 209 20.37 -8.66 -2.50
C PHE A 209 20.76 -10.00 -1.90
N GLU A 210 22.01 -10.42 -2.07
CA GLU A 210 22.49 -11.71 -1.56
C GLU A 210 22.13 -11.95 -0.10
N GLN A 211 22.21 -10.89 0.71
CA GLN A 211 21.72 -10.93 2.08
C GLN A 211 20.24 -11.32 2.10
N GLN A 212 19.46 -10.62 1.27
CA GLN A 212 18.03 -10.85 1.19
C GLN A 212 17.71 -12.24 0.62
N VAL A 213 18.65 -12.81 -0.12
CA VAL A 213 18.53 -14.18 -0.60
C VAL A 213 18.63 -15.10 0.59
N GLU A 214 19.69 -14.93 1.37
CA GLU A 214 19.91 -15.77 2.54
C GLU A 214 18.77 -15.70 3.55
N MET A 215 18.19 -14.50 3.71
CA MET A 215 17.06 -14.35 4.61
C MET A 215 15.79 -15.02 4.07
N THR A 216 15.52 -14.84 2.79
CA THR A 216 14.33 -15.43 2.19
C THR A 216 14.63 -16.13 0.87
N PRO A 217 15.22 -17.34 0.94
CA PRO A 217 15.68 -18.03 -0.27
C PRO A 217 14.61 -18.85 -1.01
N ASP A 218 13.59 -19.32 -0.30
CA ASP A 218 12.57 -20.19 -0.92
C ASP A 218 11.45 -19.38 -1.57
N HIS A 219 11.26 -18.16 -1.06
CA HIS A 219 10.20 -17.29 -1.55
C HIS A 219 10.45 -16.87 -2.99
N VAL A 220 9.37 -16.78 -3.74
CA VAL A 220 9.42 -16.36 -5.13
C VAL A 220 10.02 -14.97 -5.24
N ALA A 221 10.80 -14.74 -6.30
CA ALA A 221 11.39 -13.44 -6.58
C ALA A 221 10.67 -12.75 -7.73
N VAL A 222 10.64 -13.43 -8.87
CA VAL A 222 10.06 -12.86 -10.08
C VAL A 222 9.20 -13.89 -10.86
N VAL A 223 8.03 -13.43 -11.32
CA VAL A 223 7.09 -14.30 -12.03
C VAL A 223 6.81 -13.80 -13.45
N ASP A 224 6.97 -14.68 -14.43
CA ASP A 224 6.64 -14.35 -15.82
C ASP A 224 5.70 -15.38 -16.40
N ARG A 225 4.47 -14.93 -16.70
CA ARG A 225 3.38 -15.81 -17.09
C ARG A 225 3.15 -16.85 -15.99
N GLY A 226 3.46 -18.11 -16.28
CA GLY A 226 3.29 -19.16 -15.29
C GLY A 226 4.56 -19.51 -14.54
N GLN A 227 5.70 -19.12 -15.10
CA GLN A 227 7.00 -19.58 -14.61
C GLN A 227 7.63 -18.62 -13.61
N SER A 228 8.32 -19.19 -12.62
CA SER A 228 8.83 -18.41 -11.51
C SER A 228 10.27 -18.77 -11.13
N LEU A 229 10.95 -17.84 -10.47
CA LEU A 229 12.26 -18.09 -9.89
C LEU A 229 12.25 -17.70 -8.44
N THR A 230 12.68 -18.58 -7.55
CA THR A 230 12.82 -18.21 -6.14
C THR A 230 14.09 -17.38 -6.00
N TYR A 231 14.21 -16.64 -4.91
CA TYR A 231 15.38 -15.78 -4.70
C TYR A 231 16.66 -16.58 -4.77
N LYS A 232 16.62 -17.82 -4.26
CA LYS A 232 17.75 -18.73 -4.37
C LYS A 232 18.02 -19.12 -5.82
N GLN A 233 16.99 -19.51 -6.55
CA GLN A 233 17.13 -19.91 -7.95
C GLN A 233 17.71 -18.77 -8.80
N LEU A 234 17.06 -17.62 -8.73
CA LEU A 234 17.50 -16.42 -9.43
C LEU A 234 18.95 -16.09 -9.09
N ASN A 235 19.25 -16.06 -7.79
CA ASN A 235 20.59 -15.76 -7.32
C ASN A 235 21.64 -16.71 -7.88
N GLU A 236 21.33 -18.00 -7.86
CA GLU A 236 22.24 -19.03 -8.35
C GLU A 236 22.50 -18.90 -9.85
N ARG A 237 21.43 -18.81 -10.64
CA ARG A 237 21.53 -18.64 -12.08
C ARG A 237 22.35 -17.39 -12.45
N ALA A 238 21.98 -16.27 -11.84
CA ALA A 238 22.67 -15.00 -12.05
C ALA A 238 24.13 -15.12 -11.64
N ASN A 239 24.40 -15.97 -10.65
CA ASN A 239 25.77 -16.21 -10.23
C ASN A 239 26.56 -16.97 -11.29
N GLN A 240 25.94 -18.00 -11.86
CA GLN A 240 26.55 -18.73 -12.96
C GLN A 240 26.94 -17.76 -14.09
N LEU A 241 25.95 -16.99 -14.55
CA LEU A 241 26.18 -16.05 -15.64
C LEU A 241 27.25 -15.03 -15.27
N ALA A 242 27.17 -14.50 -14.05
CA ALA A 242 28.12 -13.50 -13.57
C ALA A 242 29.53 -14.05 -13.52
N HIS A 243 29.67 -15.33 -13.15
CA HIS A 243 30.97 -15.97 -13.14
C HIS A 243 31.51 -15.97 -14.55
N HIS A 244 30.66 -16.29 -15.52
CA HIS A 244 31.09 -16.23 -16.92
C HIS A 244 31.48 -14.81 -17.34
N LEU A 245 30.76 -13.81 -16.85
CA LEU A 245 31.00 -12.44 -17.24
C LEU A 245 32.31 -11.92 -16.67
N ARG A 246 32.51 -12.11 -15.37
CA ARG A 246 33.74 -11.68 -14.71
C ARG A 246 34.91 -12.47 -15.31
N GLY A 247 34.62 -13.69 -15.76
CA GLY A 247 35.62 -14.49 -16.44
C GLY A 247 36.00 -13.94 -17.80
N LYS A 248 35.16 -13.07 -18.35
CA LYS A 248 35.43 -12.48 -19.66
C LYS A 248 36.10 -11.10 -19.54
N GLY A 249 36.39 -10.69 -18.31
CA GLY A 249 37.15 -9.47 -18.08
C GLY A 249 36.35 -8.26 -17.64
N VAL A 250 35.12 -8.49 -17.17
CA VAL A 250 34.30 -7.38 -16.68
C VAL A 250 34.84 -6.86 -15.34
N LYS A 251 35.08 -5.55 -15.28
CA LYS A 251 35.63 -4.96 -14.06
C LYS A 251 34.68 -3.92 -13.49
N PRO A 252 34.95 -3.44 -12.27
CA PRO A 252 34.19 -2.29 -11.75
C PRO A 252 34.17 -1.11 -12.74
N ASP A 253 33.02 -0.44 -12.82
CA ASP A 253 32.79 0.73 -13.68
C ASP A 253 32.68 0.36 -15.17
N ASP A 254 32.79 -0.92 -15.50
CA ASP A 254 32.68 -1.36 -16.89
C ASP A 254 31.22 -1.45 -17.35
N GLN A 255 30.95 -0.93 -18.55
CA GLN A 255 29.64 -1.01 -19.16
C GLN A 255 29.39 -2.38 -19.78
N VAL A 256 28.21 -2.94 -19.53
CA VAL A 256 27.79 -4.19 -20.16
C VAL A 256 26.38 -4.02 -20.72
N ALA A 257 26.24 -4.16 -22.04
CA ALA A 257 24.96 -3.90 -22.67
C ALA A 257 24.03 -5.11 -22.63
N ILE A 258 22.78 -4.85 -22.28
CA ILE A 258 21.74 -5.88 -22.24
C ILE A 258 20.59 -5.50 -23.17
N MET A 259 20.33 -6.38 -24.14
CA MET A 259 19.25 -6.16 -25.10
C MET A 259 18.29 -7.34 -25.11
N LEU A 260 17.21 -7.23 -24.35
CA LEU A 260 16.23 -8.31 -24.22
C LEU A 260 14.83 -7.75 -24.01
N ASP A 261 13.81 -8.59 -24.23
CA ASP A 261 12.45 -8.20 -23.90
C ASP A 261 12.16 -8.56 -22.45
N LYS A 262 11.12 -7.95 -21.88
CA LYS A 262 10.72 -8.20 -20.50
C LYS A 262 10.58 -9.69 -20.21
N SER A 263 11.42 -10.20 -19.32
CA SER A 263 11.46 -11.62 -19.03
C SER A 263 12.24 -11.95 -17.76
N LEU A 264 12.35 -13.24 -17.47
CA LEU A 264 13.17 -13.72 -16.37
C LEU A 264 14.64 -13.55 -16.73
N ASP A 265 14.95 -13.79 -17.99
CA ASP A 265 16.30 -13.64 -18.52
C ASP A 265 16.84 -12.24 -18.26
N MET A 266 15.95 -11.25 -18.33
CA MET A 266 16.33 -9.86 -18.14
C MET A 266 16.81 -9.63 -16.71
N ILE A 267 16.02 -10.08 -15.73
CA ILE A 267 16.39 -10.01 -14.32
C ILE A 267 17.71 -10.74 -14.05
N VAL A 268 17.77 -12.00 -14.50
CA VAL A 268 18.98 -12.82 -14.45
C VAL A 268 20.19 -12.02 -14.91
N SER A 269 20.02 -11.35 -16.05
CA SER A 269 21.10 -10.60 -16.69
C SER A 269 21.52 -9.39 -15.90
N ILE A 270 20.56 -8.58 -15.46
CA ILE A 270 20.88 -7.37 -14.70
C ILE A 270 21.67 -7.74 -13.45
N LEU A 271 21.12 -8.67 -12.68
CA LEU A 271 21.80 -9.13 -11.49
C LEU A 271 23.15 -9.75 -11.81
N ALA A 272 23.26 -10.38 -12.98
CA ALA A 272 24.51 -11.02 -13.37
C ALA A 272 25.58 -9.99 -13.68
N VAL A 273 25.19 -8.92 -14.37
CA VAL A 273 26.10 -7.83 -14.67
C VAL A 273 26.60 -7.22 -13.38
N MET A 274 25.67 -6.96 -12.45
CA MET A 274 26.04 -6.43 -11.14
C MET A 274 27.05 -7.34 -10.43
N LYS A 275 26.70 -8.63 -10.34
CA LYS A 275 27.49 -9.59 -9.60
C LYS A 275 28.88 -9.79 -10.21
N ALA A 276 28.94 -9.65 -11.53
CA ALA A 276 30.20 -9.81 -12.24
C ALA A 276 31.05 -8.54 -12.14
N GLY A 277 30.44 -7.50 -11.59
CA GLY A 277 31.18 -6.30 -11.22
C GLY A 277 31.00 -5.10 -12.11
N GLY A 278 30.08 -5.18 -13.08
CA GLY A 278 29.91 -4.08 -14.02
C GLY A 278 28.68 -3.23 -13.78
N ALA A 279 28.44 -2.27 -14.67
CA ALA A 279 27.17 -1.56 -14.72
C ALA A 279 26.45 -2.02 -15.96
N TYR A 280 25.12 -1.97 -15.97
CA TYR A 280 24.39 -2.48 -17.12
C TYR A 280 23.73 -1.37 -17.93
N VAL A 281 23.71 -1.58 -19.24
CA VAL A 281 23.15 -0.62 -20.17
C VAL A 281 21.92 -1.21 -20.86
N PRO A 282 20.74 -0.70 -20.51
CA PRO A 282 19.52 -1.28 -21.08
C PRO A 282 19.19 -0.76 -22.47
N ILE A 283 19.01 -1.67 -23.43
CA ILE A 283 18.59 -1.29 -24.77
C ILE A 283 17.29 -1.98 -25.16
N ASP A 284 16.25 -1.18 -25.30
CA ASP A 284 14.95 -1.68 -25.75
C ASP A 284 15.08 -2.10 -27.21
N PRO A 285 14.79 -3.38 -27.49
CA PRO A 285 14.90 -3.92 -28.85
C PRO A 285 13.90 -3.31 -29.81
N ASP A 286 12.93 -2.56 -29.30
CA ASP A 286 11.94 -1.91 -30.15
C ASP A 286 12.36 -0.48 -30.49
N TYR A 287 13.56 -0.10 -30.10
CA TYR A 287 14.14 1.17 -30.52
C TYR A 287 14.53 1.08 -31.99
N PRO A 288 14.58 2.24 -32.67
CA PRO A 288 15.12 2.28 -34.03
C PRO A 288 16.56 1.78 -34.09
N GLY A 289 16.94 1.17 -35.21
CA GLY A 289 18.29 0.66 -35.37
C GLY A 289 19.34 1.74 -35.17
N GLU A 290 18.97 2.98 -35.50
CA GLU A 290 19.86 4.11 -35.36
C GLU A 290 20.21 4.38 -33.91
N ARG A 291 19.20 4.62 -33.08
CA ARG A 291 19.43 4.88 -31.66
C ARG A 291 20.12 3.71 -31.00
N ILE A 292 19.83 2.49 -31.47
CA ILE A 292 20.49 1.30 -30.96
C ILE A 292 22.00 1.34 -31.24
N ALA A 293 22.35 1.59 -32.49
CA ALA A 293 23.75 1.73 -32.88
C ALA A 293 24.44 2.84 -32.08
N TYR A 294 23.71 3.92 -31.82
CA TYR A 294 24.27 5.04 -31.09
C TYR A 294 24.49 4.72 -29.61
N MET A 295 23.50 4.09 -28.97
CA MET A 295 23.63 3.70 -27.57
C MET A 295 24.80 2.76 -27.42
N LEU A 296 24.97 1.86 -28.39
CA LEU A 296 26.10 0.95 -28.36
C LEU A 296 27.43 1.67 -28.60
N ALA A 297 27.41 2.72 -29.41
CA ALA A 297 28.63 3.44 -29.75
C ALA A 297 29.11 4.31 -28.59
N ASP A 298 28.22 5.15 -28.08
CA ASP A 298 28.51 6.03 -26.96
C ASP A 298 28.96 5.22 -25.75
N SER A 299 28.28 4.12 -25.49
CA SER A 299 28.65 3.20 -24.42
C SER A 299 29.97 2.51 -24.73
N SER A 300 30.83 2.40 -23.73
CA SER A 300 32.10 1.71 -23.88
C SER A 300 31.92 0.20 -23.81
N ALA A 301 30.67 -0.24 -23.71
CA ALA A 301 30.35 -1.66 -23.59
C ALA A 301 31.05 -2.50 -24.65
N ALA A 302 31.75 -3.54 -24.21
CA ALA A 302 32.44 -4.43 -25.14
C ALA A 302 31.67 -5.73 -25.25
N ILE A 303 30.72 -5.93 -24.34
CA ILE A 303 29.97 -7.16 -24.24
C ILE A 303 28.47 -6.90 -24.38
N LEU A 304 27.79 -7.74 -25.14
CA LEU A 304 26.33 -7.61 -25.28
C LEU A 304 25.57 -8.88 -24.90
N LEU A 305 24.78 -8.80 -23.83
CA LEU A 305 23.90 -9.88 -23.43
C LEU A 305 22.58 -9.77 -24.18
N THR A 306 22.27 -10.75 -25.02
CA THR A 306 21.06 -10.66 -25.83
C THR A 306 20.53 -11.98 -26.41
N ASN A 307 19.34 -11.92 -26.99
CA ASN A 307 18.70 -13.05 -27.65
C ASN A 307 19.27 -13.33 -29.03
N ALA A 308 19.00 -14.53 -29.54
CA ALA A 308 19.26 -14.83 -30.93
C ALA A 308 18.29 -14.04 -31.79
N LEU A 309 17.15 -13.72 -31.21
CA LEU A 309 16.11 -12.93 -31.87
C LEU A 309 16.60 -11.51 -32.20
N HIS A 310 17.16 -10.82 -31.22
CA HIS A 310 17.57 -9.42 -31.38
C HIS A 310 19.06 -9.26 -31.62
N GLU A 311 19.79 -10.38 -31.64
CA GLU A 311 21.22 -10.42 -31.93
C GLU A 311 21.62 -9.47 -33.06
N GLU A 312 21.08 -9.72 -34.25
CA GLU A 312 21.45 -8.99 -35.46
C GLU A 312 21.23 -7.49 -35.41
N LYS A 313 20.33 -7.03 -34.55
CA LYS A 313 20.10 -5.60 -34.36
C LYS A 313 21.35 -4.87 -33.88
N ALA A 314 22.32 -5.63 -33.35
CA ALA A 314 23.58 -5.06 -32.85
C ALA A 314 24.58 -4.81 -33.98
N ASN A 315 24.45 -5.58 -35.06
CA ASN A 315 25.32 -5.46 -36.23
C ASN A 315 26.80 -5.74 -35.91
N GLY A 316 27.01 -6.60 -34.92
CA GLY A 316 28.35 -7.07 -34.58
C GLY A 316 29.16 -6.02 -33.85
N ALA A 317 28.48 -5.04 -33.30
CA ALA A 317 29.13 -3.92 -32.62
C ALA A 317 30.05 -4.40 -31.49
N CYS A 318 29.65 -5.46 -30.80
CA CYS A 318 30.41 -5.94 -29.64
C CYS A 318 30.32 -7.47 -29.47
N ASP A 319 31.09 -7.99 -28.51
CA ASP A 319 31.05 -9.42 -28.19
C ASP A 319 29.68 -9.81 -27.66
N ILE A 320 29.11 -10.88 -28.22
CA ILE A 320 27.74 -11.23 -27.90
C ILE A 320 27.64 -12.48 -27.02
N ILE A 321 26.97 -12.31 -25.88
CA ILE A 321 26.69 -13.41 -24.98
C ILE A 321 25.22 -13.76 -25.06
N ASP A 322 24.92 -14.93 -25.61
CA ASP A 322 23.55 -15.36 -25.77
C ASP A 322 23.03 -15.93 -24.45
N VAL A 323 21.92 -15.37 -23.98
CA VAL A 323 21.32 -15.78 -22.73
C VAL A 323 20.64 -17.15 -22.83
N HIS A 324 20.59 -17.71 -24.03
CA HIS A 324 19.96 -19.01 -24.25
C HIS A 324 20.99 -20.09 -24.50
N ASP A 325 22.26 -19.72 -24.45
CA ASP A 325 23.34 -20.69 -24.56
C ASP A 325 23.76 -21.14 -23.15
N PRO A 326 23.69 -22.45 -22.90
CA PRO A 326 24.16 -23.03 -21.63
C PRO A 326 25.62 -22.70 -21.36
N ASP A 327 26.42 -22.59 -22.42
CA ASP A 327 27.84 -22.27 -22.29
C ASP A 327 28.07 -20.88 -21.68
N SER A 328 27.06 -20.02 -21.74
CA SER A 328 27.13 -18.69 -21.12
C SER A 328 27.04 -18.80 -19.60
N TYR A 329 26.80 -20.01 -19.11
CA TYR A 329 26.56 -20.23 -17.70
C TYR A 329 27.58 -21.14 -17.06
N SER A 330 28.31 -20.59 -16.08
CA SER A 330 29.28 -21.37 -15.33
C SER A 330 28.57 -22.41 -14.47
N GLU A 331 29.35 -23.31 -13.89
CA GLU A 331 28.82 -24.35 -13.03
C GLU A 331 28.69 -23.82 -11.61
N ASN A 332 29.58 -22.92 -11.25
CA ASN A 332 29.62 -22.32 -9.91
C ASN A 332 28.38 -21.47 -9.60
N THR A 333 27.67 -21.84 -8.55
CA THR A 333 26.47 -21.12 -8.14
C THR A 333 26.72 -20.19 -6.95
N ASN A 334 27.96 -20.14 -6.50
CA ASN A 334 28.31 -19.32 -5.34
C ASN A 334 28.40 -17.85 -5.66
N ASN A 335 28.13 -17.01 -4.66
CA ASN A 335 28.37 -15.58 -4.76
C ASN A 335 29.82 -15.32 -5.15
N LEU A 336 30.01 -14.33 -6.02
CA LEU A 336 31.35 -13.95 -6.43
C LEU A 336 32.01 -13.12 -5.34
N PRO A 337 33.35 -13.20 -5.25
CA PRO A 337 34.07 -12.28 -4.36
C PRO A 337 33.72 -10.82 -4.69
N HIS A 338 33.31 -10.07 -3.68
CA HIS A 338 32.95 -8.66 -3.87
C HIS A 338 34.13 -7.80 -4.33
N VAL A 339 33.99 -7.14 -5.47
CA VAL A 339 35.03 -6.26 -5.97
C VAL A 339 34.58 -4.80 -6.02
N ASN A 340 33.40 -4.54 -5.46
CA ASN A 340 32.73 -3.28 -5.70
C ASN A 340 32.69 -2.31 -4.54
N ARG A 341 32.68 -1.03 -4.87
CA ARG A 341 32.45 0.04 -3.92
C ARG A 341 31.13 0.71 -4.27
N PRO A 342 30.44 1.27 -3.25
CA PRO A 342 29.16 1.94 -3.48
C PRO A 342 29.23 3.08 -4.49
N ASP A 343 30.43 3.58 -4.76
CA ASP A 343 30.60 4.69 -5.69
C ASP A 343 30.90 4.18 -7.10
N ASP A 344 30.82 2.86 -7.29
CA ASP A 344 30.95 2.27 -8.63
C ASP A 344 29.64 2.40 -9.38
N LEU A 345 29.71 2.37 -10.72
CA LEU A 345 28.50 2.51 -11.52
C LEU A 345 27.61 1.28 -11.42
N VAL A 346 26.32 1.50 -11.20
CA VAL A 346 25.37 0.40 -11.22
C VAL A 346 24.67 0.34 -12.57
N TYR A 347 24.29 1.48 -13.12
CA TYR A 347 23.74 1.48 -14.47
C TYR A 347 23.95 2.79 -15.23
N VAL A 348 23.87 2.70 -16.55
CA VAL A 348 23.84 3.86 -17.42
C VAL A 348 22.55 3.86 -18.24
N MET A 349 21.71 4.87 -18.04
CA MET A 349 20.48 4.98 -18.84
C MET A 349 20.46 6.27 -19.66
N TYR A 350 19.91 6.19 -20.86
CA TYR A 350 19.86 7.35 -21.76
C TYR A 350 18.55 8.13 -21.67
N THR A 351 18.66 9.45 -21.76
CA THR A 351 17.49 10.32 -21.83
C THR A 351 17.48 11.09 -23.16
N SER A 352 16.28 11.41 -23.64
CA SER A 352 16.15 12.21 -24.86
C SER A 352 14.93 13.13 -24.77
N LEU A 357 19.68 14.27 -29.89
CA LEU A 357 20.41 14.53 -28.65
C LEU A 357 19.98 13.55 -27.56
N ALA A 358 20.89 12.63 -27.21
CA ALA A 358 20.63 11.65 -26.16
C ALA A 358 21.84 11.45 -25.26
N LYS A 359 21.64 11.68 -23.97
CA LYS A 359 22.73 11.63 -22.99
C LYS A 359 22.67 10.35 -22.15
N GLY A 360 23.83 9.75 -21.94
CA GLY A 360 23.96 8.58 -21.08
C GLY A 360 24.22 8.98 -19.64
N VAL A 361 23.26 8.70 -18.77
CA VAL A 361 23.35 9.12 -17.38
C VAL A 361 23.98 8.01 -16.51
N MET A 362 25.03 8.38 -15.78
CA MET A 362 25.78 7.44 -14.94
C MET A 362 25.31 7.43 -13.48
N ILE A 363 24.64 6.35 -13.09
CA ILE A 363 24.18 6.23 -11.71
C ILE A 363 25.05 5.26 -10.90
N GLU A 364 25.36 5.63 -9.66
CA GLU A 364 26.22 4.81 -8.81
C GLU A 364 25.44 3.94 -7.83
N HIS A 365 26.11 2.93 -7.28
CA HIS A 365 25.49 1.98 -6.36
C HIS A 365 24.84 2.66 -5.17
N HIS A 366 25.55 3.60 -4.55
CA HIS A 366 25.03 4.23 -3.32
C HIS A 366 23.78 5.07 -3.60
N ASN A 367 23.64 5.58 -4.83
CA ASN A 367 22.41 6.24 -5.24
C ASN A 367 21.23 5.27 -5.15
N LEU A 368 21.36 4.18 -5.89
CA LEU A 368 20.38 3.12 -5.89
C LEU A 368 20.07 2.63 -4.47
N VAL A 369 21.12 2.40 -3.69
CA VAL A 369 20.96 1.85 -2.35
C VAL A 369 20.17 2.81 -1.48
N ASN A 370 20.50 4.10 -1.57
CA ASN A 370 19.74 5.10 -0.85
C ASN A 370 18.27 5.03 -1.22
N PHE A 371 18.01 4.91 -2.52
CA PHE A 371 16.62 4.92 -2.96
C PHE A 371 15.85 3.70 -2.46
N CYS A 372 16.41 2.51 -2.65
CA CYS A 372 15.79 1.28 -2.16
C CYS A 372 15.52 1.38 -0.67
N GLU A 373 16.53 1.82 0.07
CA GLU A 373 16.46 1.82 1.52
C GLU A 373 15.49 2.87 2.06
N TRP A 374 15.19 3.90 1.27
CA TRP A 374 14.12 4.82 1.63
C TRP A 374 12.75 4.24 1.24
N TYR A 375 12.75 3.56 0.10
CA TYR A 375 11.55 3.01 -0.49
C TYR A 375 10.87 1.96 0.38
N ARG A 376 11.65 0.98 0.85
CA ARG A 376 11.09 -0.15 1.59
C ARG A 376 10.27 0.27 2.82
N PRO A 377 10.87 1.07 3.74
CA PRO A 377 10.11 1.42 4.94
C PRO A 377 8.97 2.40 4.68
N TYR A 378 9.23 3.44 3.88
CA TYR A 378 8.24 4.46 3.55
C TYR A 378 6.93 3.85 3.07
N PHE A 379 7.02 2.81 2.24
CA PHE A 379 5.82 2.18 1.71
C PHE A 379 5.49 0.89 2.46
N GLY A 380 6.26 0.59 3.51
CA GLY A 380 6.04 -0.59 4.33
C GLY A 380 6.05 -1.87 3.53
N VAL A 381 7.10 -2.09 2.75
CA VAL A 381 7.16 -3.25 1.86
C VAL A 381 7.64 -4.51 2.58
N THR A 382 6.76 -5.50 2.66
CA THR A 382 7.11 -6.80 3.23
C THR A 382 7.01 -7.87 2.14
N PRO A 383 7.65 -9.03 2.36
CA PRO A 383 7.55 -10.14 1.41
C PRO A 383 6.13 -10.54 1.01
N ALA A 384 5.12 -10.05 1.72
CA ALA A 384 3.72 -10.28 1.33
C ALA A 384 3.38 -9.61 0.01
N ASP A 385 4.16 -8.59 -0.34
CA ASP A 385 3.84 -7.75 -1.48
C ASP A 385 4.17 -8.41 -2.82
N LYS A 386 3.44 -7.97 -3.83
CA LYS A 386 3.72 -8.36 -5.20
C LYS A 386 3.72 -7.10 -6.04
N ALA A 387 4.70 -6.99 -6.93
CA ALA A 387 4.86 -5.78 -7.72
C ALA A 387 4.92 -6.07 -9.21
N LEU A 388 4.59 -5.06 -10.01
CA LEU A 388 4.69 -5.14 -11.46
C LEU A 388 6.01 -4.58 -11.94
N VAL A 389 6.64 -5.28 -12.87
CA VAL A 389 7.69 -4.70 -13.68
C VAL A 389 7.00 -4.10 -14.90
N TYR A 390 6.68 -2.82 -14.83
CA TYR A 390 5.87 -2.17 -15.86
C TYR A 390 6.70 -1.35 -16.84
N SER A 391 7.39 -0.34 -16.32
CA SER A 391 8.08 0.63 -17.15
C SER A 391 9.14 0.00 -18.04
N SER A 392 9.47 0.70 -19.13
CA SER A 392 10.41 0.18 -20.11
C SER A 392 11.78 -0.13 -19.52
N PHE A 393 12.45 -1.10 -20.12
CA PHE A 393 13.79 -1.54 -19.72
C PHE A 393 14.77 -0.38 -19.58
N SER A 394 14.62 0.63 -20.43
CA SER A 394 15.59 1.71 -20.54
C SER A 394 15.23 2.93 -19.71
N PHE A 395 14.17 2.83 -18.91
CA PHE A 395 13.76 3.94 -18.03
C PHE A 395 14.05 3.59 -16.58
N ASP A 396 14.25 4.61 -15.74
CA ASP A 396 14.58 4.38 -14.33
C ASP A 396 13.38 3.84 -13.55
N GLY A 397 12.18 3.97 -14.12
CA GLY A 397 11.00 3.41 -13.52
C GLY A 397 11.18 1.91 -13.36
N SER A 398 11.86 1.31 -14.32
CA SER A 398 12.24 -0.10 -14.23
C SER A 398 13.13 -0.36 -13.03
N ALA A 399 14.05 0.56 -12.76
CA ALA A 399 14.95 0.43 -11.62
C ALA A 399 14.14 0.41 -10.33
N LEU A 400 13.19 1.33 -10.22
CA LEU A 400 12.28 1.33 -9.08
C LEU A 400 11.61 -0.04 -8.97
N ASP A 401 10.87 -0.39 -10.02
CA ASP A 401 10.11 -1.62 -10.13
C ASP A 401 10.86 -2.85 -9.62
N ILE A 402 12.03 -3.10 -10.19
CA ILE A 402 12.81 -4.29 -9.88
C ILE A 402 13.49 -4.23 -8.52
N PHE A 403 14.32 -3.20 -8.35
CA PHE A 403 15.26 -3.17 -7.23
C PHE A 403 14.60 -2.85 -5.90
N THR A 404 13.61 -1.96 -5.89
CA THR A 404 13.00 -1.59 -4.62
C THR A 404 12.28 -2.77 -4.00
N HIS A 405 11.70 -3.60 -4.86
CA HIS A 405 10.89 -4.73 -4.42
C HIS A 405 11.70 -6.00 -4.23
N LEU A 406 12.87 -6.09 -4.83
CA LEU A 406 13.73 -7.24 -4.56
C LEU A 406 14.29 -7.19 -3.13
N LEU A 407 14.72 -6.02 -2.70
CA LEU A 407 15.41 -5.86 -1.42
C LEU A 407 14.47 -5.87 -0.22
N ALA A 408 13.17 -5.88 -0.50
CA ALA A 408 12.15 -5.97 0.53
C ALA A 408 11.56 -7.38 0.53
N GLY A 409 12.17 -8.23 -0.29
CA GLY A 409 11.77 -9.62 -0.41
C GLY A 409 10.42 -9.84 -1.05
N ALA A 410 9.98 -8.89 -1.86
CA ALA A 410 8.68 -8.95 -2.51
C ALA A 410 8.72 -9.84 -3.75
N ALA A 411 7.61 -9.87 -4.50
CA ALA A 411 7.50 -10.72 -5.68
C ALA A 411 7.27 -9.90 -6.95
N LEU A 412 8.27 -9.87 -7.81
CA LEU A 412 8.14 -9.16 -9.08
C LEU A 412 7.24 -9.93 -10.03
N HIS A 413 6.41 -9.21 -10.77
CA HIS A 413 5.64 -9.81 -11.85
C HIS A 413 6.00 -9.12 -13.17
N ILE A 414 6.38 -9.91 -14.17
CA ILE A 414 6.67 -9.35 -15.48
C ILE A 414 5.39 -9.01 -16.21
N VAL A 415 5.31 -7.82 -16.78
CA VAL A 415 4.17 -7.52 -17.65
C VAL A 415 4.52 -7.91 -19.09
N PRO A 416 3.62 -8.67 -19.73
CA PRO A 416 3.74 -8.97 -21.16
C PRO A 416 3.11 -7.86 -22.01
N SER A 417 3.53 -7.78 -23.26
CA SER A 417 3.07 -6.74 -24.18
C SER A 417 1.56 -6.57 -24.22
N GLU A 418 0.85 -7.69 -24.38
CA GLU A 418 -0.61 -7.68 -24.51
C GLU A 418 -1.29 -7.00 -23.33
N ARG A 419 -0.82 -7.30 -22.12
CA ARG A 419 -1.39 -6.73 -20.91
C ARG A 419 -1.02 -5.27 -20.72
N LYS A 420 0.12 -4.87 -21.28
CA LYS A 420 0.70 -3.56 -20.99
C LYS A 420 -0.18 -2.35 -21.34
N TYR A 421 -0.74 -2.34 -22.54
CA TYR A 421 -1.55 -1.19 -22.97
C TYR A 421 -3.03 -1.37 -22.66
N ASP A 422 -3.51 -2.61 -22.74
CA ASP A 422 -4.82 -2.93 -22.22
C ASP A 422 -4.79 -2.86 -20.70
N LEU A 423 -5.16 -1.70 -20.16
CA LEU A 423 -5.14 -1.51 -18.71
C LEU A 423 -6.30 -2.21 -18.02
N ASP A 424 -7.31 -2.61 -18.81
CA ASP A 424 -8.44 -3.39 -18.31
C ASP A 424 -7.99 -4.82 -17.99
N ALA A 425 -7.29 -5.41 -18.94
CA ALA A 425 -6.77 -6.77 -18.79
C ALA A 425 -5.63 -6.80 -17.78
N LEU A 426 -4.82 -5.76 -17.76
CA LEU A 426 -3.75 -5.65 -16.76
C LEU A 426 -4.36 -5.49 -15.37
N ASN A 427 -5.48 -4.75 -15.29
CA ASN A 427 -6.25 -4.66 -14.06
C ASN A 427 -6.70 -6.05 -13.62
N ASP A 428 -7.27 -6.80 -14.55
CA ASP A 428 -7.73 -8.16 -14.27
C ASP A 428 -6.59 -9.02 -13.72
N TYR A 429 -5.44 -8.97 -14.39
CA TYR A 429 -4.27 -9.72 -13.96
C TYR A 429 -3.86 -9.31 -12.55
N CYS A 430 -3.92 -8.01 -12.26
CA CYS A 430 -3.59 -7.51 -10.94
C CYS A 430 -4.54 -8.06 -9.88
N ASN A 431 -5.83 -8.12 -10.18
CA ASN A 431 -6.81 -8.64 -9.24
C ASN A 431 -6.68 -10.15 -9.03
N GLN A 432 -6.35 -10.88 -10.09
CA GLN A 432 -6.17 -12.33 -10.00
C GLN A 432 -4.92 -12.69 -9.21
N GLU A 433 -3.82 -11.99 -9.49
CA GLU A 433 -2.57 -12.27 -8.80
C GLU A 433 -2.48 -11.51 -7.48
N GLY A 434 -3.40 -10.58 -7.26
CA GLY A 434 -3.42 -9.77 -6.05
C GLY A 434 -2.17 -8.93 -5.91
N ILE A 435 -1.94 -8.06 -6.90
CA ILE A 435 -0.73 -7.22 -6.90
C ILE A 435 -0.89 -6.01 -6.00
N THR A 436 -0.04 -5.95 -4.97
CA THR A 436 -0.21 -4.95 -3.92
C THR A 436 0.27 -3.55 -4.30
N ILE A 437 1.39 -3.46 -4.99
CA ILE A 437 2.06 -2.16 -5.18
C ILE A 437 2.85 -2.10 -6.50
N SER A 438 2.82 -0.95 -7.16
CA SER A 438 3.57 -0.74 -8.40
C SER A 438 3.69 0.72 -8.78
N TYR A 439 4.56 1.00 -9.75
CA TYR A 439 4.76 2.35 -10.26
C TYR A 439 4.33 2.48 -11.72
N LEU A 440 3.28 3.27 -11.94
CA LEU A 440 2.81 3.54 -13.29
C LEU A 440 3.06 5.00 -13.64
N PRO A 441 3.69 5.24 -14.81
CA PRO A 441 3.86 6.61 -15.31
C PRO A 441 2.52 7.36 -15.36
N THR A 442 2.53 8.67 -15.13
CA THR A 442 1.33 9.50 -15.19
C THR A 442 0.52 9.27 -16.47
N GLY A 443 -0.80 9.18 -16.36
CA GLY A 443 -1.64 9.00 -17.54
C GLY A 443 -1.96 7.54 -17.77
N ALA A 444 -0.95 6.70 -17.55
CA ALA A 444 -1.18 5.28 -17.42
C ALA A 444 -1.90 5.08 -16.08
N ALA A 445 -1.35 5.72 -15.05
CA ALA A 445 -1.96 5.79 -13.74
C ALA A 445 -3.41 6.29 -13.80
N GLU A 446 -3.58 7.50 -14.34
CA GLU A 446 -4.89 8.15 -14.47
C GLU A 446 -5.92 7.22 -15.09
N GLN A 447 -5.49 6.48 -16.11
CA GLN A 447 -6.33 5.51 -16.75
C GLN A 447 -6.67 4.34 -15.81
N PHE A 448 -5.69 3.87 -15.05
CA PHE A 448 -5.94 2.74 -14.15
C PHE A 448 -6.94 3.13 -13.06
N MET A 449 -7.00 4.42 -12.74
CA MET A 449 -7.97 4.89 -11.75
C MET A 449 -9.40 4.61 -12.23
N GLN A 450 -9.60 4.63 -13.54
CA GLN A 450 -10.90 4.33 -14.15
C GLN A 450 -11.29 2.87 -13.93
N MET A 451 -10.37 1.97 -14.24
CA MET A 451 -10.54 0.54 -13.98
C MET A 451 -10.82 0.29 -12.51
N ASP A 452 -11.89 -0.43 -12.19
CA ASP A 452 -12.15 -0.76 -10.79
C ASP A 452 -11.11 -1.76 -10.33
N ASN A 453 -10.28 -1.35 -9.38
CA ASN A 453 -9.24 -2.22 -8.88
C ASN A 453 -9.33 -2.39 -7.38
N GLN A 454 -9.10 -3.62 -6.91
CA GLN A 454 -9.15 -3.92 -5.49
C GLN A 454 -7.93 -4.75 -5.15
N SER A 455 -6.95 -4.67 -6.04
CA SER A 455 -5.73 -5.43 -5.89
C SER A 455 -4.64 -4.63 -5.22
N PHE A 456 -4.62 -3.33 -5.45
CA PHE A 456 -3.51 -2.51 -4.98
C PHE A 456 -3.71 -1.96 -3.58
N ARG A 457 -2.63 -1.98 -2.81
CA ARG A 457 -2.57 -1.27 -1.54
C ARG A 457 -2.01 0.13 -1.78
N VAL A 458 -1.09 0.22 -2.74
CA VAL A 458 -0.40 1.47 -3.05
C VAL A 458 -0.07 1.55 -4.54
N VAL A 459 -0.35 2.70 -5.15
CA VAL A 459 0.15 2.97 -6.50
C VAL A 459 0.97 4.26 -6.50
N ILE A 460 2.00 4.30 -7.32
CA ILE A 460 2.93 5.43 -7.32
C ILE A 460 3.03 5.99 -8.73
N THR A 461 2.95 7.31 -8.86
CA THR A 461 3.00 7.94 -10.18
C THR A 461 3.87 9.20 -10.16
N GLY A 462 4.34 9.58 -11.35
CA GLY A 462 5.22 10.73 -11.51
C GLY A 462 5.87 10.71 -12.89
N GLY A 463 6.52 11.81 -13.27
CA GLY A 463 7.19 11.89 -14.56
C GLY A 463 6.47 12.82 -15.51
N ASP A 464 5.17 12.96 -15.28
CA ASP A 464 4.36 13.96 -15.95
C ASP A 464 3.45 14.59 -14.90
N VAL A 465 2.82 15.70 -15.25
CA VAL A 465 2.03 16.43 -14.26
C VAL A 465 0.68 15.76 -13.98
N LEU A 466 0.55 15.16 -12.79
CA LEU A 466 -0.69 14.52 -12.35
C LEU A 466 -1.80 15.55 -12.23
N LYS A 467 -3.01 15.21 -12.65
CA LYS A 467 -4.16 16.13 -12.53
C LYS A 467 -5.41 15.42 -11.99
N LYS A 468 -5.63 14.18 -12.41
CA LYS A 468 -6.80 13.41 -11.95
C LYS A 468 -6.45 12.51 -10.76
N ILE A 469 -7.19 12.62 -9.66
CA ILE A 469 -6.90 11.83 -8.47
C ILE A 469 -8.05 10.92 -8.08
N GLU A 470 -9.17 11.03 -8.78
CA GLU A 470 -10.32 10.18 -8.53
C GLU A 470 -10.06 8.77 -9.04
N ARG A 471 -10.45 7.77 -8.25
CA ARG A 471 -10.16 6.38 -8.57
C ARG A 471 -11.17 5.41 -7.97
N ASN A 472 -11.29 4.24 -8.57
CA ASN A 472 -12.25 3.24 -8.14
C ASN A 472 -11.73 2.38 -6.99
N GLY A 473 -10.42 2.39 -6.80
CA GLY A 473 -9.78 1.55 -5.80
C GLY A 473 -9.78 2.10 -4.39
N THR A 474 -9.44 1.24 -3.44
CA THR A 474 -9.36 1.62 -2.03
C THR A 474 -7.95 2.02 -1.66
N TYR A 475 -7.06 2.06 -2.65
CA TYR A 475 -5.63 2.23 -2.40
C TYR A 475 -5.19 3.68 -2.24
N LYS A 476 -4.07 3.85 -1.55
CA LYS A 476 -3.43 5.16 -1.42
C LYS A 476 -2.72 5.53 -2.72
N LEU A 477 -2.69 6.82 -3.00
CA LEU A 477 -2.09 7.32 -4.24
C LEU A 477 -0.91 8.22 -3.90
N TYR A 478 0.17 8.08 -4.66
CA TYR A 478 1.37 8.88 -4.42
C TYR A 478 1.87 9.57 -5.68
N ASN A 479 2.23 10.84 -5.53
CA ASN A 479 2.84 11.59 -6.62
C ASN A 479 4.27 11.95 -6.25
N GLY A 480 5.22 11.37 -6.97
CA GLY A 480 6.63 11.65 -6.74
C GLY A 480 7.23 12.49 -7.84
N TYR A 481 8.49 12.90 -7.65
CA TYR A 481 9.18 13.71 -8.64
C TYR A 481 10.70 13.50 -8.59
N GLY A 482 11.35 13.52 -9.75
CA GLY A 482 12.80 13.45 -9.82
C GLY A 482 13.36 13.04 -11.17
N PRO A 483 14.41 13.74 -11.62
CA PRO A 483 15.15 13.50 -12.86
C PRO A 483 15.88 12.16 -12.86
N THR A 484 16.30 11.72 -14.05
CA THR A 484 17.12 10.52 -14.20
C THR A 484 18.51 10.76 -13.64
N GLU A 485 18.89 12.04 -13.61
CA GLU A 485 20.21 12.44 -13.12
C GLU A 485 20.37 12.16 -11.64
N CYS A 486 19.32 12.34 -10.86
CA CYS A 486 19.43 12.16 -9.42
C CYS A 486 18.85 10.83 -8.97
N THR A 487 18.86 9.85 -9.89
CA THR A 487 18.44 8.47 -9.61
C THR A 487 16.97 8.36 -9.21
N ILE A 488 16.12 8.15 -10.21
CA ILE A 488 14.67 8.11 -10.01
C ILE A 488 14.21 9.35 -9.23
N MET A 489 13.35 9.17 -8.23
CA MET A 489 12.64 10.28 -7.63
C MET A 489 13.30 10.83 -6.36
N VAL A 490 13.36 12.15 -6.25
CA VAL A 490 13.96 12.79 -5.10
C VAL A 490 12.89 13.40 -4.19
N THR A 491 11.62 13.34 -4.61
CA THR A 491 10.50 13.60 -3.69
C THR A 491 9.32 12.64 -3.89
N MET A 492 8.47 12.60 -2.87
CA MET A 492 7.24 11.79 -2.86
C MET A 492 6.17 12.55 -2.07
N PHE A 493 4.91 12.41 -2.48
CA PHE A 493 3.79 13.04 -1.77
C PHE A 493 2.61 12.10 -1.74
N GLU A 494 1.89 12.09 -0.62
CA GLU A 494 0.69 11.27 -0.51
C GLU A 494 -0.56 12.10 -0.80
N VAL A 495 -1.21 11.80 -1.92
CA VAL A 495 -2.37 12.54 -2.38
C VAL A 495 -3.61 12.25 -1.55
N ASP A 496 -3.92 13.16 -0.63
CA ASP A 496 -5.07 12.99 0.26
C ASP A 496 -6.34 13.60 -0.32
N LYS A 497 -6.24 14.85 -0.77
CA LYS A 497 -7.39 15.56 -1.30
C LYS A 497 -7.06 16.06 -2.72
N PRO A 498 -8.08 16.49 -3.48
CA PRO A 498 -7.77 17.04 -4.80
C PRO A 498 -7.06 18.39 -4.71
N TYR A 499 -6.23 18.69 -5.70
CA TYR A 499 -5.58 19.98 -5.79
C TYR A 499 -5.60 20.46 -7.25
N ALA A 500 -5.54 21.77 -7.44
CA ALA A 500 -5.38 22.32 -8.79
C ALA A 500 -3.95 22.09 -9.25
N ASN A 501 -3.00 22.42 -8.38
CA ASN A 501 -1.62 22.02 -8.54
C ASN A 501 -1.29 20.98 -7.47
N ILE A 502 -1.21 19.72 -7.88
CA ILE A 502 -0.87 18.65 -6.96
C ILE A 502 0.61 18.72 -6.62
N PRO A 503 0.93 19.04 -5.35
CA PRO A 503 2.32 19.14 -4.90
C PRO A 503 3.10 17.84 -5.07
N ILE A 504 4.41 17.95 -5.21
CA ILE A 504 5.26 16.78 -5.38
C ILE A 504 5.84 16.30 -4.05
N GLY A 505 5.62 17.09 -3.00
CA GLY A 505 5.86 16.65 -1.64
C GLY A 505 7.18 17.00 -0.97
N LYS A 506 7.71 16.03 -0.23
CA LYS A 506 8.94 16.23 0.53
C LYS A 506 10.04 15.28 0.04
N PRO A 507 11.31 15.64 0.27
CA PRO A 507 12.45 14.85 -0.21
C PRO A 507 12.61 13.50 0.48
N ILE A 508 13.39 12.61 -0.13
CA ILE A 508 13.64 11.28 0.43
C ILE A 508 14.87 11.29 1.29
N ASP A 509 15.25 10.12 1.79
CA ASP A 509 16.45 9.96 2.62
C ASP A 509 17.70 10.51 1.96
N ARG A 510 18.43 11.32 2.72
CA ARG A 510 19.73 11.84 2.32
C ARG A 510 19.68 12.75 1.09
N THR A 511 18.57 13.47 0.93
CA THR A 511 18.43 14.43 -0.15
C THR A 511 17.72 15.69 0.31
N ARG A 512 18.34 16.83 0.06
CA ARG A 512 17.73 18.15 0.28
C ARG A 512 17.38 18.82 -1.04
N ILE A 513 16.35 19.65 -1.03
CA ILE A 513 15.98 20.40 -2.22
C ILE A 513 15.89 21.89 -1.95
N LEU A 514 16.62 22.66 -2.75
CA LEU A 514 16.75 24.10 -2.55
C LEU A 514 16.06 24.92 -3.64
N ILE A 515 15.12 25.75 -3.23
CA ILE A 515 14.51 26.71 -4.14
C ILE A 515 15.41 27.94 -4.24
N LEU A 516 15.95 28.18 -5.43
CA LEU A 516 16.92 29.23 -5.60
C LEU A 516 16.49 30.29 -6.61
N ASP A 517 17.00 31.50 -6.46
CA ASP A 517 16.77 32.51 -7.48
C ASP A 517 17.84 32.33 -8.55
N GLU A 518 17.74 33.12 -9.61
CA GLU A 518 18.71 33.06 -10.70
C GLU A 518 20.15 33.21 -10.20
N ALA A 519 20.30 33.87 -9.06
CA ALA A 519 21.62 34.18 -8.52
C ALA A 519 22.16 33.05 -7.63
N LEU A 520 21.39 31.97 -7.50
CA LEU A 520 21.74 30.81 -6.67
C LEU A 520 21.69 31.12 -5.17
N ALA A 521 20.79 32.02 -4.78
CA ALA A 521 20.56 32.32 -3.37
C ALA A 521 19.23 31.70 -2.92
N LEU A 522 19.09 31.46 -1.62
CA LEU A 522 17.87 30.89 -1.09
C LEU A 522 16.67 31.80 -1.36
N GLN A 523 15.51 31.19 -1.56
CA GLN A 523 14.24 31.90 -1.63
C GLN A 523 13.48 31.65 -0.34
N PRO A 524 12.76 32.67 0.15
CA PRO A 524 11.84 32.44 1.27
C PRO A 524 10.73 31.46 0.88
N ILE A 525 10.18 30.74 1.85
CA ILE A 525 9.13 29.76 1.57
C ILE A 525 7.89 30.41 0.96
N GLY A 526 7.41 29.83 -0.14
CA GLY A 526 6.26 30.35 -0.85
C GLY A 526 6.69 31.09 -2.10
N VAL A 527 7.97 31.40 -2.19
CA VAL A 527 8.51 32.18 -3.30
C VAL A 527 9.19 31.29 -4.33
N ALA A 528 8.66 31.33 -5.55
CA ALA A 528 9.14 30.49 -6.65
C ALA A 528 10.61 30.72 -6.99
N GLY A 529 11.24 29.69 -7.55
CA GLY A 529 12.63 29.72 -7.93
C GLY A 529 13.02 28.34 -8.45
N GLU A 530 14.14 28.26 -9.15
CA GLU A 530 14.61 26.98 -9.69
C GLU A 530 14.83 25.95 -8.59
N LEU A 531 14.56 24.69 -8.92
CA LEU A 531 14.70 23.61 -7.95
C LEU A 531 16.06 22.93 -8.07
N PHE A 532 16.86 23.00 -7.01
CA PHE A 532 18.16 22.35 -7.00
C PHE A 532 18.20 21.14 -6.09
N ILE A 533 18.66 20.01 -6.61
CA ILE A 533 18.74 18.80 -5.82
C ILE A 533 20.14 18.61 -5.26
N VAL A 534 20.20 18.41 -3.95
CA VAL A 534 21.45 18.16 -3.24
C VAL A 534 21.35 16.81 -2.53
N GLY A 535 22.38 15.98 -2.60
CA GLY A 535 22.37 14.76 -1.80
C GLY A 535 22.75 13.43 -2.42
N GLU A 536 22.31 12.36 -1.76
CA GLU A 536 22.79 11.01 -2.04
C GLU A 536 22.39 10.53 -3.43
N GLY A 537 21.30 11.08 -3.97
CA GLY A 537 20.78 10.65 -5.25
C GLY A 537 21.55 11.15 -6.46
N LEU A 538 22.22 12.28 -6.31
CA LEU A 538 23.04 12.85 -7.38
C LEU A 538 24.00 11.81 -7.95
N GLY A 539 23.87 11.54 -9.24
CA GLY A 539 24.68 10.53 -9.91
C GLY A 539 26.07 11.01 -10.25
N ARG A 540 26.72 10.33 -11.19
CA ARG A 540 28.09 10.65 -11.55
C ARG A 540 28.12 11.68 -12.66
N GLY A 541 27.07 11.66 -13.49
CA GLY A 541 26.93 12.62 -14.56
C GLY A 541 26.77 11.95 -15.90
N TYR A 542 26.85 12.75 -16.95
CA TYR A 542 26.67 12.24 -18.31
C TYR A 542 27.96 11.62 -18.84
N LEU A 543 27.81 10.49 -19.53
CA LEU A 543 28.94 9.77 -20.09
C LEU A 543 29.58 10.51 -21.27
N ASN A 544 30.87 10.81 -21.13
CA ASN A 544 31.68 11.45 -22.18
C ASN A 544 31.28 12.89 -22.47
N ARG A 545 30.52 13.51 -21.57
CA ARG A 545 30.12 14.90 -21.76
C ARG A 545 30.51 15.75 -20.55
N PRO A 546 31.82 15.87 -20.27
CA PRO A 546 32.27 16.47 -19.01
C PRO A 546 31.88 17.94 -18.85
N GLU A 547 31.82 18.67 -19.96
CA GLU A 547 31.44 20.07 -19.92
C GLU A 547 29.96 20.22 -19.58
N LEU A 548 29.14 19.36 -20.18
CA LEU A 548 27.70 19.36 -19.92
C LEU A 548 27.46 18.99 -18.46
N THR A 549 28.22 18.02 -17.97
CA THR A 549 28.20 17.64 -16.57
C THR A 549 28.54 18.85 -15.70
N ALA A 550 29.55 19.61 -16.12
CA ALA A 550 30.00 20.79 -15.40
C ALA A 550 28.93 21.87 -15.37
N GLU A 551 28.07 21.89 -16.39
CA GLU A 551 26.97 22.84 -16.44
C GLU A 551 25.79 22.41 -15.56
N LYS A 552 25.48 21.12 -15.57
CA LYS A 552 24.33 20.64 -14.80
C LYS A 552 24.64 20.38 -13.33
N PHE A 553 25.74 19.68 -13.06
CA PHE A 553 26.14 19.40 -11.67
C PHE A 553 27.10 20.47 -11.15
N ILE A 554 26.60 21.39 -10.35
CA ILE A 554 27.36 22.58 -9.98
C ILE A 554 27.90 22.59 -8.55
N VAL A 555 28.95 23.39 -8.35
CA VAL A 555 29.51 23.65 -7.03
C VAL A 555 29.04 25.02 -6.55
N HIS A 556 28.18 25.04 -5.54
CA HIS A 556 27.52 26.28 -5.14
C HIS A 556 28.54 27.34 -4.74
N PRO A 557 28.39 28.55 -5.30
CA PRO A 557 29.25 29.70 -5.05
C PRO A 557 29.38 30.02 -3.57
N GLN A 558 28.25 30.25 -2.91
CA GLN A 558 28.29 30.53 -1.47
C GLN A 558 28.61 29.27 -0.67
N THR A 559 27.99 28.16 -1.05
CA THR A 559 27.97 26.98 -0.19
C THR A 559 29.09 25.98 -0.50
N GLY A 560 29.32 25.71 -1.77
CA GLY A 560 30.35 24.77 -2.16
C GLY A 560 29.88 23.32 -2.15
N GLU A 561 28.57 23.12 -2.05
CA GLU A 561 28.02 21.78 -2.16
C GLU A 561 27.72 21.42 -3.62
N ARG A 562 27.97 20.16 -3.97
CA ARG A 562 27.52 19.64 -5.25
C ARG A 562 26.00 19.66 -5.26
N MET A 563 25.42 20.31 -6.26
CA MET A 563 23.98 20.37 -6.42
C MET A 563 23.62 20.12 -7.87
N TYR A 564 22.40 19.68 -8.14
CA TYR A 564 21.97 19.49 -9.52
C TYR A 564 21.03 20.60 -9.96
N ARG A 565 21.33 21.20 -11.11
CA ARG A 565 20.43 22.17 -11.71
C ARG A 565 19.40 21.43 -12.57
N THR A 566 18.16 21.39 -12.12
CA THR A 566 17.13 20.66 -12.85
C THR A 566 16.65 21.46 -14.06
N GLY A 567 16.51 22.75 -13.88
CA GLY A 567 15.89 23.59 -14.89
C GLY A 567 14.40 23.64 -14.64
N ASP A 568 13.98 23.12 -13.49
CA ASP A 568 12.58 23.13 -13.11
C ASP A 568 12.25 24.26 -12.13
N ARG A 569 11.08 24.84 -12.31
CA ARG A 569 10.59 25.84 -11.39
C ARG A 569 9.70 25.19 -10.34
N ALA A 570 9.83 25.63 -9.10
CA ALA A 570 9.12 25.03 -7.99
C ALA A 570 9.16 25.94 -6.78
N ARG A 571 8.27 25.70 -5.82
CA ARG A 571 8.30 26.50 -4.59
C ARG A 571 7.87 25.68 -3.37
N PHE A 572 8.24 26.16 -2.18
CA PHE A 572 7.86 25.48 -0.95
C PHE A 572 6.48 25.94 -0.47
N LEU A 573 5.68 24.98 -0.01
CA LEU A 573 4.41 25.29 0.63
C LEU A 573 4.62 25.56 2.12
N PRO A 574 3.61 26.15 2.79
CA PRO A 574 3.72 26.32 4.24
C PRO A 574 3.87 24.98 4.99
N ASP A 575 3.18 23.93 4.55
CA ASP A 575 3.28 22.65 5.23
C ASP A 575 4.55 21.89 4.82
N GLY A 576 5.40 22.53 4.03
CA GLY A 576 6.69 21.96 3.68
C GLY A 576 6.74 21.23 2.34
N ASN A 577 5.59 20.77 1.87
CA ASN A 577 5.51 20.06 0.61
C ASN A 577 5.91 20.95 -0.57
N ILE A 578 6.58 20.37 -1.56
CA ILE A 578 7.07 21.13 -2.69
C ILE A 578 6.05 21.14 -3.84
N GLU A 579 5.88 22.30 -4.46
CA GLU A 579 4.91 22.48 -5.53
C GLU A 579 5.60 22.76 -6.85
N PHE A 580 5.21 22.02 -7.88
CA PHE A 580 5.83 22.15 -9.20
C PHE A 580 5.08 23.10 -10.11
N LEU A 581 5.83 24.02 -10.72
CA LEU A 581 5.25 25.04 -11.58
C LEU A 581 6.19 25.48 -12.70
N GLY A 582 6.24 24.67 -13.76
CA GLY A 582 6.96 25.04 -14.96
C GLY A 582 8.39 24.52 -15.05
N ARG A 583 9.12 25.00 -16.06
CA ARG A 583 10.52 24.61 -16.24
C ARG A 583 11.49 25.79 -16.21
N LEU A 584 12.47 25.76 -17.11
CA LEU A 584 13.57 26.76 -17.20
C LEU A 584 13.19 28.19 -16.81
N ASP A 585 12.84 28.98 -17.81
CA ASP A 585 12.13 30.25 -17.65
C ASP A 585 12.00 30.78 -19.06
N ASN A 586 11.95 29.86 -20.01
CA ASN A 586 12.11 30.24 -21.42
C ASN A 586 10.87 29.99 -22.30
N LEU A 587 11.07 29.29 -23.42
CA LEU A 587 10.11 29.23 -24.52
C LEU A 587 10.16 30.60 -25.15
N VAL A 588 9.54 31.61 -24.50
CA VAL A 588 9.69 33.01 -24.93
C VAL A 588 9.53 33.98 -23.70
N LYS A 589 10.05 35.23 -23.76
CA LYS A 589 9.68 36.30 -22.78
C LYS A 589 8.45 37.11 -23.26
N ILE A 590 8.28 38.37 -22.80
CA ILE A 590 7.32 39.32 -23.40
C ILE A 590 7.65 40.77 -23.11
N ARG A 591 7.73 41.58 -24.17
CA ARG A 591 7.92 43.02 -24.04
C ARG A 591 9.15 43.37 -23.21
N GLY A 592 10.17 42.50 -23.20
CA GLY A 592 11.39 42.75 -22.45
C GLY A 592 11.42 42.06 -21.10
N TYR A 593 10.32 41.36 -20.80
CA TYR A 593 10.13 40.65 -19.53
C TYR A 593 10.21 39.13 -19.62
N ARG A 594 10.99 38.51 -18.73
CA ARG A 594 11.04 37.06 -18.67
C ARG A 594 9.73 36.48 -18.15
N ILE A 595 9.08 35.65 -18.97
CA ILE A 595 7.76 35.12 -18.68
C ILE A 595 7.66 33.62 -18.89
N GLU A 596 7.08 32.95 -17.90
CA GLU A 596 6.60 31.59 -18.07
C GLU A 596 5.09 31.51 -18.13
N PRO A 597 4.57 31.03 -19.27
CA PRO A 597 3.16 30.73 -19.43
C PRO A 597 2.64 29.80 -18.33
N GLY A 598 3.45 28.79 -18.01
CA GLY A 598 3.14 27.82 -16.98
C GLY A 598 2.83 28.50 -15.66
N GLU A 599 3.56 29.58 -15.36
CA GLU A 599 3.37 30.31 -14.11
C GLU A 599 1.99 30.97 -14.06
N ILE A 600 1.45 31.27 -15.23
CA ILE A 600 0.20 32.03 -15.34
C ILE A 600 -1.01 31.11 -15.33
N GLU A 601 -0.86 29.94 -15.97
CA GLU A 601 -1.97 28.99 -16.11
C GLU A 601 -2.73 28.65 -14.79
N PRO A 602 -2.01 28.38 -13.68
CA PRO A 602 -2.76 28.09 -12.45
C PRO A 602 -3.55 29.27 -11.90
N PHE A 603 -2.96 30.47 -11.95
CA PHE A 603 -3.67 31.66 -11.49
C PHE A 603 -4.90 31.91 -12.33
N LEU A 604 -4.84 31.52 -13.59
CA LEU A 604 -6.00 31.61 -14.46
C LEU A 604 -7.03 30.60 -14.01
N MET A 605 -6.58 29.39 -13.73
CA MET A 605 -7.47 28.26 -13.50
C MET A 605 -8.38 28.35 -12.26
N ASN A 606 -7.92 29.02 -11.20
CA ASN A 606 -8.75 29.05 -9.99
C ASN A 606 -9.91 30.04 -10.10
N HIS A 607 -10.09 30.61 -11.30
CA HIS A 607 -11.29 31.37 -11.60
C HIS A 607 -12.47 30.39 -11.63
N PRO A 608 -13.48 30.64 -10.80
CA PRO A 608 -14.60 29.70 -10.58
C PRO A 608 -15.24 29.13 -11.84
N LEU A 609 -15.11 29.81 -12.98
CA LEU A 609 -15.85 29.41 -14.17
C LEU A 609 -15.04 28.61 -15.20
N ILE A 610 -13.71 28.60 -15.08
CA ILE A 610 -12.90 27.91 -16.09
C ILE A 610 -12.19 26.67 -15.55
N GLU A 611 -12.21 25.60 -16.36
CA GLU A 611 -11.76 24.27 -15.94
C GLU A 611 -10.40 23.90 -16.54
N LEU A 612 -10.05 24.54 -17.65
CA LEU A 612 -8.76 24.29 -18.27
C LEU A 612 -8.23 25.53 -18.95
N THR A 613 -6.96 25.83 -18.71
CA THR A 613 -6.30 26.97 -19.33
C THR A 613 -4.90 26.62 -19.76
N THR A 614 -4.54 27.08 -20.95
CA THR A 614 -3.13 27.11 -21.34
C THR A 614 -2.88 28.45 -21.98
N VAL A 615 -1.72 29.03 -21.70
CA VAL A 615 -1.42 30.32 -22.31
C VAL A 615 -0.15 30.21 -23.15
N LEU A 616 -0.14 30.91 -24.28
CA LEU A 616 0.95 30.83 -25.23
C LEU A 616 1.45 32.20 -25.63
N ALA A 617 2.59 32.22 -26.32
CA ALA A 617 3.13 33.45 -26.87
C ALA A 617 3.10 33.39 -28.40
N LYS A 618 2.56 34.42 -29.03
CA LYS A 618 2.45 34.43 -30.49
C LYS A 618 3.13 35.64 -31.11
N GLU A 619 3.49 35.54 -32.38
CA GLU A 619 4.25 36.60 -33.04
C GLU A 619 3.38 37.62 -33.78
N GLN A 620 3.75 38.89 -33.68
CA GLN A 620 3.06 39.96 -34.38
C GLN A 620 3.49 40.07 -35.83
N ALA A 621 4.28 39.10 -36.29
CA ALA A 621 4.96 39.14 -37.58
C ALA A 621 5.94 40.33 -37.63
N ASP A 622 6.24 40.88 -36.47
CA ASP A 622 7.29 41.89 -36.33
C ASP A 622 8.50 41.25 -35.70
N GLY A 623 8.39 39.95 -35.41
CA GLY A 623 9.51 39.17 -34.93
C GLY A 623 9.48 38.83 -33.46
N ARG A 624 8.63 39.55 -32.70
CA ARG A 624 8.56 39.34 -31.26
C ARG A 624 7.18 38.81 -30.86
N LYS A 625 6.96 38.60 -29.56
CA LYS A 625 5.75 37.90 -29.15
C LYS A 625 4.92 38.58 -28.07
N TYR A 626 3.63 38.20 -28.04
CA TYR A 626 2.67 38.69 -27.06
C TYR A 626 1.95 37.51 -26.41
N LEU A 627 1.25 37.79 -25.30
CA LEU A 627 0.65 36.72 -24.50
C LEU A 627 -0.85 36.50 -24.72
N VAL A 628 -1.17 35.25 -25.03
CA VAL A 628 -2.54 34.83 -25.24
C VAL A 628 -2.96 33.76 -24.23
N GLY A 629 -3.91 34.11 -23.38
CA GLY A 629 -4.48 33.18 -22.43
C GLY A 629 -5.67 32.44 -23.00
N TYR A 630 -5.50 31.14 -23.21
CA TYR A 630 -6.59 30.31 -23.70
C TYR A 630 -7.32 29.64 -22.54
N TYR A 631 -8.63 29.82 -22.49
CA TYR A 631 -9.43 29.21 -21.44
C TYR A 631 -10.67 28.51 -21.99
N VAL A 632 -10.96 27.32 -21.46
CA VAL A 632 -12.20 26.62 -21.75
C VAL A 632 -13.25 27.09 -20.74
N ALA A 633 -14.48 27.30 -21.20
CA ALA A 633 -15.49 27.86 -20.30
C ALA A 633 -16.93 27.65 -20.78
N PRO A 634 -17.92 27.82 -19.88
CA PRO A 634 -19.32 27.77 -20.33
C PRO A 634 -19.61 28.83 -21.38
N GLU A 635 -19.24 30.06 -21.07
CA GLU A 635 -19.39 31.18 -21.99
C GLU A 635 -18.18 32.09 -21.94
N GLU A 636 -18.12 33.04 -22.86
CA GLU A 636 -17.04 34.02 -22.89
C GLU A 636 -17.02 34.86 -21.63
N ILE A 637 -15.83 35.06 -21.07
CA ILE A 637 -15.66 35.92 -19.92
C ILE A 637 -15.09 37.25 -20.38
N PRO A 638 -15.74 38.36 -19.98
CA PRO A 638 -15.32 39.71 -20.35
C PRO A 638 -13.85 39.98 -19.99
N HIS A 639 -13.11 40.58 -20.92
CA HIS A 639 -11.67 40.77 -20.78
C HIS A 639 -11.28 41.52 -19.50
N GLY A 640 -12.05 42.54 -19.14
CA GLY A 640 -11.76 43.33 -17.97
C GLY A 640 -11.72 42.48 -16.71
N GLU A 641 -12.70 41.60 -16.58
CA GLU A 641 -12.79 40.74 -15.40
C GLU A 641 -11.59 39.81 -15.29
N LEU A 642 -11.18 39.21 -16.40
CA LEU A 642 -10.04 38.31 -16.38
C LEU A 642 -8.78 39.08 -16.04
N ARG A 643 -8.65 40.27 -16.63
CA ARG A 643 -7.50 41.13 -16.38
C ARG A 643 -7.39 41.48 -14.90
N GLU A 644 -8.52 41.79 -14.27
CA GLU A 644 -8.54 42.09 -12.84
C GLU A 644 -8.21 40.84 -12.02
N TRP A 645 -8.86 39.74 -12.38
CA TRP A 645 -8.68 38.47 -11.68
C TRP A 645 -7.21 38.09 -11.61
N LEU A 646 -6.57 37.97 -12.77
CA LEU A 646 -5.13 37.70 -12.81
C LEU A 646 -4.36 38.83 -12.13
N GLY A 647 -4.89 40.05 -12.25
CA GLY A 647 -4.26 41.22 -11.67
C GLY A 647 -4.12 41.18 -10.17
N ASN A 648 -4.94 40.37 -9.51
CA ASN A 648 -4.88 40.28 -8.05
C ASN A 648 -3.66 39.52 -7.52
N ASP A 649 -3.11 38.61 -8.30
CA ASP A 649 -1.96 37.81 -7.87
C ASP A 649 -0.70 38.09 -8.68
N LEU A 650 -0.87 38.53 -9.93
CA LEU A 650 0.23 38.69 -10.86
C LEU A 650 0.57 40.12 -11.23
N PRO A 651 1.85 40.38 -11.54
CA PRO A 651 2.29 41.64 -12.16
C PRO A 651 1.67 41.85 -13.54
N ASP A 652 1.34 43.10 -13.84
CA ASP A 652 0.66 43.44 -15.08
C ASP A 652 1.34 42.94 -16.34
N TYR A 653 2.68 42.91 -16.36
CA TYR A 653 3.38 42.47 -17.55
C TYR A 653 3.20 40.97 -17.79
N MET A 654 2.78 40.25 -16.75
CA MET A 654 2.48 38.83 -16.89
C MET A 654 1.07 38.63 -17.39
N ILE A 655 0.17 39.55 -17.01
CA ILE A 655 -1.21 39.50 -17.48
C ILE A 655 -1.22 39.53 -19.01
N PRO A 656 -1.79 38.48 -19.62
CA PRO A 656 -1.86 38.37 -21.07
C PRO A 656 -2.60 39.56 -21.69
N THR A 657 -2.24 39.91 -22.92
CA THR A 657 -2.93 40.96 -23.64
C THR A 657 -4.12 40.38 -24.37
N TYR A 658 -4.20 39.06 -24.42
CA TYR A 658 -5.34 38.43 -25.09
C TYR A 658 -5.90 37.25 -24.28
N PHE A 659 -7.19 36.96 -24.49
CA PHE A 659 -7.87 35.90 -23.76
C PHE A 659 -8.91 35.16 -24.61
N VAL A 660 -8.53 34.05 -25.22
CA VAL A 660 -9.46 33.32 -26.07
C VAL A 660 -10.38 32.39 -25.28
N HIS A 661 -11.69 32.52 -25.47
CA HIS A 661 -12.63 31.54 -24.95
C HIS A 661 -12.79 30.39 -25.92
N MET A 662 -12.83 29.18 -25.39
CA MET A 662 -13.23 28.03 -26.20
C MET A 662 -14.16 27.12 -25.41
N LYS A 663 -15.02 26.43 -26.14
CA LYS A 663 -15.95 25.48 -25.56
C LYS A 663 -15.25 24.16 -25.30
N ALA A 664 -14.26 23.86 -26.13
CA ALA A 664 -13.49 22.62 -25.99
C ALA A 664 -12.06 22.81 -26.51
N PHE A 665 -11.13 22.10 -25.89
CA PHE A 665 -9.74 22.08 -26.36
C PHE A 665 -9.53 20.92 -27.31
N PRO A 666 -8.81 21.16 -28.41
CA PRO A 666 -8.38 20.04 -29.26
C PRO A 666 -7.32 19.20 -28.55
N LEU A 667 -7.39 17.88 -28.73
CA LEU A 667 -6.52 16.96 -28.02
C LEU A 667 -5.77 16.04 -28.96
N THR A 668 -4.46 15.91 -28.75
CA THR A 668 -3.72 14.82 -29.39
C THR A 668 -4.08 13.54 -28.65
N ALA A 669 -3.97 12.40 -29.34
CA ALA A 669 -4.25 11.12 -28.71
C ALA A 669 -3.34 10.91 -27.50
N ASN A 670 -2.06 11.23 -27.69
CA ASN A 670 -1.10 11.16 -26.60
C ASN A 670 -0.83 12.52 -26.00
N GLY A 671 -1.08 12.64 -24.70
CA GLY A 671 -0.96 13.90 -24.03
C GLY A 671 -2.31 14.58 -24.00
N LYS A 672 -2.35 15.83 -23.58
CA LYS A 672 -3.64 16.45 -23.31
C LYS A 672 -4.09 17.33 -24.47
N VAL A 673 -3.48 18.50 -24.62
CA VAL A 673 -3.89 19.38 -25.70
C VAL A 673 -2.76 19.52 -26.70
N ASP A 674 -3.11 19.74 -27.95
CA ASP A 674 -2.13 19.93 -29.00
C ASP A 674 -1.98 21.42 -29.30
N ARG A 675 -0.73 21.89 -29.37
CA ARG A 675 -0.43 23.30 -29.58
C ARG A 675 -0.54 23.71 -31.04
N ARG A 676 -0.11 22.81 -31.93
CA ARG A 676 -0.14 23.09 -33.36
C ARG A 676 -1.57 23.24 -33.87
N ALA A 677 -2.47 22.44 -33.31
CA ALA A 677 -3.87 22.47 -33.68
C ALA A 677 -4.58 23.66 -33.06
N LEU A 678 -3.96 24.24 -32.04
CA LEU A 678 -4.53 25.38 -31.33
C LEU A 678 -4.61 26.60 -32.23
N PRO A 679 -5.70 27.37 -32.11
CA PRO A 679 -5.88 28.60 -32.91
C PRO A 679 -4.76 29.60 -32.66
N ASP A 680 -4.68 30.62 -33.50
CA ASP A 680 -3.66 31.64 -33.34
C ASP A 680 -4.28 33.02 -33.44
N VAL A 681 -3.66 33.99 -32.75
CA VAL A 681 -4.22 35.32 -32.64
C VAL A 681 -3.28 36.31 -33.33
N GLN A 682 -3.66 37.58 -33.42
CA GLN A 682 -2.81 38.55 -34.12
C GLN A 682 -3.07 40.01 -33.79
N ALA A 683 -2.00 40.80 -33.85
CA ALA A 683 -2.08 42.23 -33.62
C ALA A 683 -0.89 42.93 -34.26
N ASP A 684 -1.13 44.12 -34.81
CA ASP A 684 -0.04 44.96 -35.29
C ASP A 684 0.70 45.51 -34.07
N ALA A 685 -0.06 45.69 -32.99
CA ALA A 685 0.45 46.24 -31.74
C ALA A 685 1.06 47.63 -31.95
N VAL A 693 5.22 50.86 -20.47
CA VAL A 693 4.12 51.82 -20.36
C VAL A 693 4.35 52.77 -19.19
N ALA A 694 4.01 54.04 -19.39
CA ALA A 694 4.17 55.07 -18.37
C ALA A 694 3.10 54.94 -17.28
N PRO A 695 3.31 55.57 -16.12
CA PRO A 695 2.29 55.54 -15.07
C PRO A 695 0.94 56.09 -15.55
N THR A 696 -0.11 55.32 -15.35
CA THR A 696 -1.44 55.69 -15.82
C THR A 696 -2.04 56.85 -15.04
N ASP A 697 -2.38 56.61 -13.77
CA ASP A 697 -2.94 57.64 -12.91
C ASP A 697 -1.84 58.52 -12.32
N GLU A 698 -2.23 59.54 -11.57
CA GLU A 698 -1.29 60.51 -11.04
C GLU A 698 -0.84 60.18 -9.60
N LEU A 699 -1.39 59.10 -9.04
CA LEU A 699 -0.93 58.60 -7.75
C LEU A 699 0.37 57.82 -7.93
N GLU A 700 0.33 56.82 -8.80
CA GLU A 700 1.52 56.05 -9.11
C GLU A 700 2.53 56.88 -9.89
N GLN A 701 2.08 58.02 -10.43
CA GLN A 701 2.98 58.93 -11.13
C GLN A 701 3.74 59.77 -10.11
N GLN A 702 3.15 59.91 -8.91
CA GLN A 702 3.79 60.65 -7.85
C GLN A 702 4.66 59.73 -6.99
N LEU A 703 4.36 58.43 -6.99
CA LEU A 703 5.26 57.50 -6.31
C LEU A 703 6.33 57.00 -7.28
N ALA A 704 6.12 57.24 -8.57
CA ALA A 704 7.15 56.98 -9.56
C ALA A 704 8.35 57.87 -9.27
N GLN A 705 8.05 59.07 -8.76
CA GLN A 705 9.07 60.03 -8.37
C GLN A 705 9.91 59.52 -7.21
N VAL A 706 9.25 58.94 -6.21
CA VAL A 706 9.98 58.46 -5.04
C VAL A 706 10.75 57.19 -5.37
N TRP A 707 10.26 56.38 -6.30
CA TRP A 707 11.06 55.24 -6.74
C TRP A 707 12.32 55.74 -7.45
N SER A 708 12.10 56.61 -8.44
CA SER A 708 13.16 57.26 -9.19
C SER A 708 14.18 57.99 -8.31
N HIS A 709 13.75 58.41 -7.13
CA HIS A 709 14.61 59.18 -6.24
C HIS A 709 15.32 58.29 -5.23
N VAL A 710 14.69 57.20 -4.83
CA VAL A 710 15.36 56.22 -3.98
C VAL A 710 16.49 55.57 -4.73
N LEU A 711 16.19 55.00 -5.90
CA LEU A 711 17.18 54.14 -6.55
C LEU A 711 17.98 54.83 -7.66
N GLY A 712 17.47 55.92 -8.19
CA GLY A 712 18.20 56.65 -9.21
C GLY A 712 17.95 56.11 -10.60
N ILE A 713 16.68 56.12 -10.99
CA ILE A 713 16.27 55.77 -12.34
C ILE A 713 15.70 57.01 -13.02
N PRO A 714 16.03 57.20 -14.30
CA PRO A 714 15.38 58.29 -15.06
C PRO A 714 13.87 58.09 -15.22
N GLN A 715 13.45 56.93 -15.74
CA GLN A 715 12.03 56.73 -16.03
C GLN A 715 11.41 55.56 -15.25
N MET A 716 10.18 55.75 -14.80
CA MET A 716 9.46 54.73 -14.05
C MET A 716 8.19 54.29 -14.77
N GLY A 717 8.04 52.98 -14.95
CA GLY A 717 6.87 52.44 -15.62
C GLY A 717 5.85 51.89 -14.65
N ILE A 718 4.72 51.47 -15.17
CA ILE A 718 3.63 50.92 -14.35
C ILE A 718 3.89 49.45 -14.04
N ASP A 719 4.45 48.73 -14.99
CA ASP A 719 4.72 47.31 -14.86
C ASP A 719 6.04 47.03 -14.15
N ASP A 720 6.94 48.00 -14.19
CA ASP A 720 8.32 47.78 -13.76
C ASP A 720 8.46 47.39 -12.29
N HIS A 721 9.34 46.42 -12.06
CA HIS A 721 9.60 45.88 -10.74
C HIS A 721 10.40 46.85 -9.88
N PHE A 722 10.56 46.51 -8.60
CA PHE A 722 11.43 47.29 -7.72
C PHE A 722 12.77 46.59 -7.54
N LEU A 723 12.75 45.27 -7.72
CA LEU A 723 13.88 44.42 -7.35
C LEU A 723 14.68 43.88 -8.54
N GLU A 724 14.11 43.93 -9.73
CA GLU A 724 14.84 43.55 -10.93
C GLU A 724 15.67 44.72 -11.45
N ARG A 725 15.61 45.81 -10.70
CA ARG A 725 16.39 46.99 -11.02
C ARG A 725 17.56 47.09 -10.06
N GLY A 726 17.52 46.27 -9.01
CA GLY A 726 18.58 46.24 -8.04
C GLY A 726 18.13 46.85 -6.72
N GLY A 727 16.83 46.89 -6.50
CA GLY A 727 16.30 47.29 -5.21
C GLY A 727 16.78 46.29 -4.17
N ASP A 728 16.89 46.72 -2.93
CA ASP A 728 17.45 45.88 -1.89
C ASP A 728 16.96 46.32 -0.51
N SER A 729 17.47 45.68 0.54
CA SER A 729 16.91 45.84 1.89
C SER A 729 16.93 47.32 2.28
N ILE A 730 18.10 47.90 2.08
CA ILE A 730 18.33 49.32 2.26
C ILE A 730 17.38 50.17 1.43
N LYS A 731 17.09 49.75 0.19
CA LYS A 731 16.29 50.55 -0.71
C LYS A 731 14.79 50.37 -0.53
N VAL A 732 14.36 49.18 -0.10
CA VAL A 732 12.97 49.00 0.26
C VAL A 732 12.71 49.90 1.48
N MET A 733 13.68 49.92 2.39
CA MET A 733 13.58 50.78 3.56
C MET A 733 13.52 52.24 3.16
N GLN A 734 14.54 52.70 2.43
CA GLN A 734 14.58 54.07 1.91
C GLN A 734 13.27 54.46 1.24
N LEU A 735 12.69 53.51 0.48
CA LEU A 735 11.38 53.71 -0.10
C LEU A 735 10.38 54.10 0.98
N ILE A 736 10.19 53.20 1.94
CA ILE A 736 9.12 53.39 2.93
C ILE A 736 9.36 54.60 3.86
N HIS A 737 10.59 54.72 4.37
CA HIS A 737 11.01 55.85 5.20
C HIS A 737 10.79 57.18 4.49
N GLN A 738 11.23 57.27 3.24
CA GLN A 738 11.07 58.50 2.48
C GLN A 738 9.61 58.79 2.15
N LEU A 739 8.83 57.77 1.82
CA LEU A 739 7.45 58.00 1.38
C LEU A 739 6.54 58.39 2.54
N LYS A 740 6.81 57.83 3.73
CA LYS A 740 5.99 58.11 4.90
C LYS A 740 5.86 59.60 5.24
N ASN A 741 6.92 60.36 5.02
CA ASN A 741 6.90 61.77 5.44
C ASN A 741 6.59 62.76 4.32
N ILE A 742 6.61 62.29 3.07
CA ILE A 742 6.15 63.12 1.95
C ILE A 742 4.84 62.58 1.38
N GLY A 743 4.40 61.43 1.89
CA GLY A 743 3.16 60.82 1.45
C GLY A 743 2.65 59.79 2.45
N LEU A 744 1.68 58.99 2.03
CA LEU A 744 1.13 57.94 2.88
C LEU A 744 2.13 56.82 3.12
N SER A 745 2.20 56.36 4.36
CA SER A 745 3.10 55.27 4.72
C SER A 745 2.66 53.94 4.15
N LEU A 746 3.61 53.02 4.02
CA LEU A 746 3.32 51.67 3.59
C LEU A 746 3.91 50.67 4.58
N ARG A 747 3.55 49.40 4.42
CA ARG A 747 4.16 48.34 5.21
C ARG A 747 5.15 47.59 4.35
N TYR A 748 6.25 47.16 4.97
CA TYR A 748 7.36 46.57 4.24
C TYR A 748 6.99 45.21 3.61
N ASP A 749 5.98 44.55 4.16
CA ASP A 749 5.48 43.29 3.61
C ASP A 749 4.78 43.52 2.26
N GLN A 750 4.01 44.61 2.20
CA GLN A 750 3.22 44.96 1.03
C GLN A 750 4.08 45.09 -0.21
N LEU A 751 5.28 45.63 -0.03
CA LEU A 751 6.19 45.89 -1.14
C LEU A 751 6.81 44.60 -1.68
N PHE A 752 7.04 43.62 -0.82
CA PHE A 752 7.63 42.37 -1.28
C PHE A 752 6.55 41.43 -1.84
N THR A 753 5.32 41.61 -1.39
CA THR A 753 4.21 40.84 -1.94
C THR A 753 3.67 41.49 -3.21
N HIS A 754 3.61 42.81 -3.23
CA HIS A 754 3.10 43.56 -4.37
C HIS A 754 4.17 44.52 -4.90
N PRO A 755 5.19 43.98 -5.57
CA PRO A 755 6.41 44.75 -5.80
C PRO A 755 6.43 45.65 -7.04
N THR A 756 5.47 45.51 -7.94
CA THR A 756 5.42 46.39 -9.10
C THR A 756 4.74 47.70 -8.74
N ILE A 757 4.75 48.64 -9.68
CA ILE A 757 4.22 49.98 -9.44
C ILE A 757 2.71 49.98 -9.23
N ARG A 758 1.97 49.37 -10.16
CA ARG A 758 0.52 49.39 -10.08
C ARG A 758 -0.01 48.45 -9.02
N GLN A 759 0.73 47.42 -8.64
CA GLN A 759 0.31 46.57 -7.54
C GLN A 759 0.34 47.39 -6.26
N LEU A 760 1.46 48.07 -6.05
CA LEU A 760 1.60 49.04 -4.96
C LEU A 760 0.47 50.08 -5.01
N LYS A 761 0.12 50.49 -6.21
CA LYS A 761 -0.99 51.44 -6.40
C LYS A 761 -2.33 50.86 -5.97
N ARG A 762 -2.58 49.60 -6.33
CA ARG A 762 -3.81 48.91 -5.98
C ARG A 762 -3.95 48.87 -4.47
N LEU A 763 -2.83 48.55 -3.81
CA LEU A 763 -2.77 48.63 -2.36
C LEU A 763 -3.14 50.04 -1.93
N LEU A 764 -2.23 51.00 -2.13
CA LEU A 764 -2.43 52.41 -1.74
C LEU A 764 -3.84 52.98 -1.98
N THR A 765 -4.49 52.55 -3.05
CA THR A 765 -5.84 53.01 -3.37
C THR A 765 -6.87 52.29 -2.50
N GLU A 766 -6.71 50.98 -2.34
CA GLU A 766 -7.67 50.22 -1.54
C GLU A 766 -7.22 50.11 -0.08
N GLN A 767 -6.28 50.95 0.32
CA GLN A 767 -5.66 50.87 1.64
C GLN A 767 -6.24 51.93 2.57
N ALA A 768 -6.08 53.18 2.17
CA ALA A 768 -6.58 54.31 2.95
C ALA A 768 -8.07 54.50 2.74
N ALA A 769 -8.57 54.05 1.60
CA ALA A 769 -9.98 54.19 1.26
C ALA A 769 -10.83 53.12 1.94
N ALA A 770 -10.18 52.15 2.57
CA ALA A 770 -10.88 51.08 3.27
C ALA A 770 -10.07 50.60 4.47
N MET B 1 -49.77 -24.78 -48.51
CA MET B 1 -49.11 -23.49 -48.62
C MET B 1 -47.60 -23.64 -48.78
N GLY B 2 -46.95 -24.01 -47.67
CA GLY B 2 -45.51 -24.19 -47.67
C GLY B 2 -45.08 -25.35 -46.79
N ARG B 3 -43.92 -25.91 -47.10
CA ARG B 3 -43.39 -27.03 -46.32
C ARG B 3 -42.38 -26.53 -45.29
N ILE B 4 -42.72 -26.71 -44.02
CA ILE B 4 -41.92 -26.18 -42.92
C ILE B 4 -41.08 -27.26 -42.22
N LEU B 5 -39.81 -26.96 -42.00
CA LEU B 5 -38.91 -27.84 -41.25
C LEU B 5 -38.81 -27.41 -39.79
N PHE B 6 -39.27 -28.28 -38.90
CA PHE B 6 -39.26 -28.05 -37.46
C PHE B 6 -38.13 -28.84 -36.81
N LEU B 7 -37.21 -28.11 -36.18
CA LEU B 7 -36.03 -28.70 -35.56
C LEU B 7 -36.07 -28.58 -34.05
N THR B 8 -36.11 -29.72 -33.37
CA THR B 8 -36.10 -29.73 -31.91
C THR B 8 -35.45 -31.02 -31.42
N THR B 9 -34.85 -30.98 -30.24
CA THR B 9 -34.32 -32.18 -29.60
C THR B 9 -34.95 -32.37 -28.24
N PHE B 10 -35.58 -31.31 -27.74
CA PHE B 10 -36.23 -31.37 -26.44
C PHE B 10 -37.76 -31.39 -26.56
N MET B 11 -38.31 -30.49 -27.36
CA MET B 11 -39.76 -30.32 -27.41
C MET B 11 -40.44 -31.48 -28.16
N SER B 12 -41.69 -31.76 -27.79
CA SER B 12 -42.44 -32.86 -28.38
C SER B 12 -42.76 -32.59 -29.85
N LYS B 13 -43.41 -33.54 -30.50
CA LYS B 13 -43.80 -33.41 -31.90
C LYS B 13 -45.22 -32.87 -32.05
N GLY B 14 -45.96 -32.88 -30.95
CA GLY B 14 -47.32 -32.37 -30.94
C GLY B 14 -47.42 -31.00 -30.28
N ASN B 15 -46.34 -30.23 -30.39
CA ASN B 15 -46.29 -28.86 -29.89
C ASN B 15 -47.48 -28.02 -30.37
N LYS B 16 -47.85 -27.01 -29.57
CA LYS B 16 -48.88 -26.07 -29.97
C LYS B 16 -48.49 -25.42 -31.30
N VAL B 17 -47.21 -25.10 -31.43
CA VAL B 17 -46.65 -24.52 -32.65
C VAL B 17 -46.86 -25.42 -33.85
N VAL B 18 -46.40 -26.66 -33.76
CA VAL B 18 -46.54 -27.64 -34.84
C VAL B 18 -47.99 -27.76 -35.31
N ARG B 19 -48.90 -27.86 -34.33
CA ARG B 19 -50.31 -28.03 -34.59
C ARG B 19 -50.93 -26.77 -35.21
N TYR B 20 -50.38 -25.61 -34.87
CA TYR B 20 -50.88 -24.37 -35.44
C TYR B 20 -50.45 -24.25 -36.90
N LEU B 21 -49.16 -24.46 -37.15
CA LEU B 21 -48.65 -24.46 -38.52
C LEU B 21 -49.37 -25.48 -39.39
N GLU B 22 -49.60 -26.67 -38.86
CA GLU B 22 -50.37 -27.68 -39.56
C GLU B 22 -51.80 -27.20 -39.79
N SER B 23 -52.34 -26.50 -38.80
CA SER B 23 -53.65 -25.90 -38.91
C SER B 23 -53.71 -24.89 -40.06
N LEU B 24 -52.55 -24.37 -40.46
CA LEU B 24 -52.52 -23.44 -41.58
C LEU B 24 -52.23 -24.16 -42.89
N HIS B 25 -52.38 -25.48 -42.87
CA HIS B 25 -52.13 -26.33 -44.03
C HIS B 25 -50.67 -26.32 -44.44
N HIS B 26 -49.78 -26.28 -43.45
CA HIS B 26 -48.35 -26.46 -43.70
C HIS B 26 -47.95 -27.89 -43.36
N GLU B 27 -47.23 -28.55 -44.27
CA GLU B 27 -46.62 -29.84 -43.94
C GLU B 27 -45.41 -29.59 -43.06
N VAL B 28 -45.46 -30.08 -41.83
CA VAL B 28 -44.39 -29.85 -40.88
C VAL B 28 -43.52 -31.09 -40.68
N VAL B 29 -42.34 -31.06 -41.29
CA VAL B 29 -41.36 -32.12 -41.12
C VAL B 29 -40.62 -31.94 -39.80
N ILE B 30 -40.64 -32.94 -38.94
CA ILE B 30 -39.96 -32.80 -37.67
C ILE B 30 -38.69 -33.63 -37.63
N CYS B 31 -37.57 -32.96 -37.34
CA CYS B 31 -36.28 -33.62 -37.33
C CYS B 31 -35.50 -33.35 -36.05
N GLN B 32 -35.10 -34.43 -35.38
CA GLN B 32 -34.51 -34.34 -34.06
C GLN B 32 -32.99 -34.53 -34.07
N GLU B 33 -32.37 -34.57 -35.24
CA GLU B 33 -30.93 -34.82 -35.31
C GLU B 33 -30.20 -33.77 -36.16
N LYS B 34 -28.87 -33.82 -36.12
CA LYS B 34 -28.05 -32.95 -36.95
C LYS B 34 -28.18 -33.33 -38.42
N VAL B 35 -28.39 -32.32 -39.27
CA VAL B 35 -28.56 -32.56 -40.70
C VAL B 35 -27.49 -31.89 -41.54
N HIS B 36 -27.25 -32.47 -42.71
CA HIS B 36 -26.33 -31.89 -43.67
C HIS B 36 -27.11 -31.40 -44.88
N ALA B 37 -26.42 -30.78 -45.83
CA ALA B 37 -27.07 -30.15 -46.98
C ALA B 37 -27.74 -31.17 -47.91
N GLN B 38 -27.20 -32.38 -47.95
CA GLN B 38 -27.74 -33.41 -48.83
C GLN B 38 -29.07 -33.96 -48.31
N SER B 39 -29.33 -33.74 -47.03
CA SER B 39 -30.48 -34.32 -46.33
C SER B 39 -31.79 -34.22 -47.09
N ALA B 40 -32.60 -35.28 -46.97
CA ALA B 40 -33.92 -35.32 -47.57
C ALA B 40 -34.88 -34.41 -46.83
N ASN B 41 -34.57 -34.11 -45.57
CA ASN B 41 -35.41 -33.22 -44.78
C ASN B 41 -35.38 -31.79 -45.33
N LEU B 42 -34.30 -31.45 -46.03
CA LEU B 42 -34.14 -30.10 -46.54
C LEU B 42 -34.66 -29.96 -47.96
N GLN B 43 -35.39 -30.96 -48.42
CA GLN B 43 -35.93 -30.95 -49.77
C GLN B 43 -37.24 -30.15 -49.84
N GLU B 44 -37.25 -29.13 -50.69
CA GLU B 44 -38.44 -28.30 -50.94
C GLU B 44 -38.97 -27.64 -49.67
N ILE B 45 -38.06 -27.11 -48.85
CA ILE B 45 -38.45 -26.45 -47.61
C ILE B 45 -38.49 -24.94 -47.79
N ASP B 46 -39.59 -24.31 -47.38
CA ASP B 46 -39.70 -22.86 -47.46
C ASP B 46 -39.20 -22.21 -46.18
N TRP B 47 -39.54 -22.80 -45.04
CA TRP B 47 -39.22 -22.22 -43.74
C TRP B 47 -38.59 -23.24 -42.81
N ILE B 48 -37.56 -22.82 -42.09
CA ILE B 48 -36.96 -23.63 -41.05
C ILE B 48 -37.21 -22.98 -39.69
N VAL B 49 -37.86 -23.71 -38.79
CA VAL B 49 -38.17 -23.20 -37.46
C VAL B 49 -37.56 -24.08 -36.40
N SER B 50 -36.67 -23.52 -35.61
CA SER B 50 -35.96 -24.29 -34.59
C SER B 50 -36.39 -23.90 -33.19
N TYR B 51 -36.73 -24.91 -32.39
CA TYR B 51 -37.25 -24.71 -31.05
C TYR B 51 -36.54 -25.67 -30.08
N ALA B 52 -35.62 -25.12 -29.31
CA ALA B 52 -34.78 -25.91 -28.40
C ALA B 52 -34.10 -27.04 -29.16
N TYR B 53 -33.31 -26.66 -30.16
CA TYR B 53 -32.62 -27.60 -31.02
C TYR B 53 -31.15 -27.73 -30.59
N GLY B 54 -30.75 -28.95 -30.24
CA GLY B 54 -29.46 -29.16 -29.61
C GLY B 54 -28.23 -29.14 -30.50
N TYR B 55 -28.41 -28.85 -31.78
CA TYR B 55 -27.28 -28.86 -32.71
C TYR B 55 -27.11 -27.53 -33.44
N ILE B 56 -25.98 -27.38 -34.10
CA ILE B 56 -25.77 -26.24 -34.98
C ILE B 56 -25.84 -26.71 -36.43
N LEU B 57 -26.46 -25.91 -37.28
CA LEU B 57 -26.53 -26.23 -38.70
C LEU B 57 -25.24 -25.79 -39.38
N ASP B 58 -24.83 -26.54 -40.39
CA ASP B 58 -23.67 -26.18 -41.20
C ASP B 58 -23.93 -24.84 -41.87
N LYS B 59 -22.91 -24.00 -41.96
CA LYS B 59 -23.05 -22.62 -42.45
C LYS B 59 -23.62 -22.56 -43.87
N GLU B 60 -23.36 -23.60 -44.65
CA GLU B 60 -23.96 -23.80 -45.96
C GLU B 60 -25.48 -23.59 -45.91
N ILE B 61 -26.11 -24.31 -44.98
CA ILE B 61 -27.56 -24.29 -44.83
C ILE B 61 -28.06 -22.97 -44.27
N VAL B 62 -27.27 -22.37 -43.38
CA VAL B 62 -27.66 -21.11 -42.76
C VAL B 62 -27.53 -19.95 -43.75
N SER B 63 -26.78 -20.17 -44.83
CA SER B 63 -26.66 -19.15 -45.87
C SER B 63 -27.67 -19.38 -46.99
N ARG B 64 -27.98 -20.64 -47.27
CA ARG B 64 -28.98 -20.95 -48.29
C ARG B 64 -30.39 -20.56 -47.84
N PHE B 65 -30.67 -20.70 -46.55
CA PHE B 65 -31.98 -20.42 -46.00
C PHE B 65 -32.00 -19.08 -45.26
N ARG B 66 -31.06 -18.22 -45.61
CA ARG B 66 -30.89 -16.92 -44.95
C ARG B 66 -32.17 -16.10 -45.02
N GLY B 67 -32.63 -15.67 -43.85
CA GLY B 67 -33.88 -14.92 -43.75
C GLY B 67 -35.07 -15.83 -43.50
N ARG B 68 -34.87 -17.13 -43.65
CA ARG B 68 -35.96 -18.09 -43.52
C ARG B 68 -35.77 -19.08 -42.38
N ILE B 69 -34.75 -18.85 -41.55
CA ILE B 69 -34.57 -19.64 -40.34
C ILE B 69 -34.99 -18.84 -39.12
N ILE B 70 -36.04 -19.28 -38.45
CA ILE B 70 -36.56 -18.63 -37.27
C ILE B 70 -36.30 -19.51 -36.04
N ASN B 71 -35.84 -18.91 -34.96
CA ASN B 71 -35.57 -19.67 -33.74
C ASN B 71 -36.34 -19.14 -32.52
N LEU B 72 -36.85 -20.10 -31.75
CA LEU B 72 -37.56 -19.84 -30.50
C LEU B 72 -36.66 -20.14 -29.30
N HIS B 73 -36.23 -19.07 -28.64
CA HIS B 73 -35.27 -19.12 -27.55
C HIS B 73 -35.87 -18.48 -26.30
N PRO B 74 -36.39 -19.30 -25.37
CA PRO B 74 -37.08 -18.80 -24.17
C PRO B 74 -36.19 -17.97 -23.26
N SER B 75 -35.75 -16.82 -23.76
CA SER B 75 -34.96 -15.88 -22.97
C SER B 75 -35.12 -14.50 -23.61
N LEU B 76 -34.76 -13.45 -22.89
CA LEU B 76 -34.47 -12.19 -23.56
C LEU B 76 -33.19 -12.44 -24.26
N LEU B 77 -33.29 -12.67 -25.57
CA LEU B 77 -32.18 -13.16 -26.36
C LEU B 77 -30.78 -12.57 -26.10
N PRO B 78 -30.66 -11.24 -25.92
CA PRO B 78 -29.33 -10.76 -25.50
C PRO B 78 -28.81 -11.57 -24.32
N TRP B 79 -29.70 -11.82 -23.35
CA TRP B 79 -29.40 -12.58 -22.14
C TRP B 79 -29.56 -14.07 -22.30
N ASN B 80 -28.82 -14.80 -21.46
CA ASN B 80 -28.88 -16.26 -21.41
C ASN B 80 -28.82 -16.93 -22.76
N LYS B 81 -27.93 -16.42 -23.62
CA LYS B 81 -27.59 -17.09 -24.87
C LYS B 81 -27.11 -18.50 -24.54
N GLY B 82 -27.35 -19.44 -25.44
CA GLY B 82 -26.94 -20.82 -25.17
C GLY B 82 -27.87 -21.57 -24.23
N ARG B 83 -27.35 -22.68 -23.70
CA ARG B 83 -28.15 -23.71 -23.04
C ARG B 83 -28.70 -23.33 -21.66
N ASP B 84 -29.79 -23.99 -21.29
CA ASP B 84 -30.53 -23.76 -20.05
C ASP B 84 -30.75 -22.27 -19.75
N PRO B 85 -31.38 -21.55 -20.68
CA PRO B 85 -31.51 -20.10 -20.58
C PRO B 85 -32.47 -19.64 -19.49
N VAL B 86 -33.51 -20.43 -19.23
CA VAL B 86 -34.48 -20.11 -18.17
C VAL B 86 -33.78 -20.14 -16.82
N PHE B 87 -33.06 -21.24 -16.59
CA PHE B 87 -32.30 -21.44 -15.36
C PHE B 87 -31.37 -20.27 -15.11
N TRP B 88 -30.41 -20.09 -16.01
CA TRP B 88 -29.42 -19.02 -15.90
C TRP B 88 -30.10 -17.65 -15.81
N SER B 89 -31.30 -17.53 -16.36
CA SER B 89 -32.08 -16.31 -16.18
C SER B 89 -32.36 -16.13 -14.71
N VAL B 90 -32.79 -17.20 -14.05
CA VAL B 90 -33.09 -17.14 -12.63
C VAL B 90 -31.83 -16.97 -11.76
N TRP B 91 -30.81 -17.79 -12.03
CA TRP B 91 -29.56 -17.81 -11.28
C TRP B 91 -28.83 -16.47 -11.34
N ASP B 92 -28.43 -16.05 -12.53
CA ASP B 92 -27.68 -14.80 -12.69
C ASP B 92 -28.54 -13.57 -12.43
N GLU B 93 -29.84 -13.79 -12.19
CA GLU B 93 -30.78 -12.72 -11.92
C GLU B 93 -30.82 -11.70 -13.05
N THR B 94 -30.71 -12.22 -14.28
CA THR B 94 -30.82 -11.40 -15.47
C THR B 94 -32.29 -10.99 -15.65
N PRO B 95 -32.56 -10.04 -16.57
CA PRO B 95 -33.97 -9.81 -16.88
C PRO B 95 -34.59 -11.03 -17.58
N LYS B 96 -35.90 -11.22 -17.47
CA LYS B 96 -36.55 -12.45 -17.95
C LYS B 96 -37.45 -12.22 -19.16
N GLY B 97 -37.53 -13.23 -20.03
CA GLY B 97 -38.35 -13.12 -21.21
C GLY B 97 -38.29 -14.32 -22.15
N VAL B 98 -38.85 -14.15 -23.35
CA VAL B 98 -38.78 -15.13 -24.44
C VAL B 98 -38.51 -14.43 -25.78
N THR B 99 -37.80 -15.12 -26.69
CA THR B 99 -37.40 -14.47 -27.95
C THR B 99 -37.53 -15.31 -29.22
N ILE B 100 -38.23 -14.74 -30.20
CA ILE B 100 -38.20 -15.24 -31.57
C ILE B 100 -37.26 -14.40 -32.41
N HIS B 101 -36.21 -15.03 -32.93
CA HIS B 101 -35.20 -14.30 -33.69
C HIS B 101 -34.70 -15.03 -34.93
N LEU B 102 -33.84 -14.38 -35.68
CA LEU B 102 -33.21 -14.97 -36.85
C LEU B 102 -31.95 -15.72 -36.44
N ILE B 103 -31.59 -16.74 -37.21
CA ILE B 103 -30.39 -17.53 -36.96
C ILE B 103 -29.23 -17.05 -37.81
N ASP B 104 -28.07 -16.85 -37.17
CA ASP B 104 -26.85 -16.50 -37.87
C ASP B 104 -25.79 -17.57 -37.64
N GLU B 105 -24.54 -17.24 -37.91
CA GLU B 105 -23.45 -18.21 -37.84
C GLU B 105 -22.99 -18.51 -36.42
N HIS B 106 -23.47 -17.73 -35.45
CA HIS B 106 -23.08 -17.91 -34.07
C HIS B 106 -24.25 -18.38 -33.24
N VAL B 107 -24.09 -18.39 -31.91
CA VAL B 107 -25.12 -18.92 -31.04
C VAL B 107 -26.04 -17.83 -30.52
N ASP B 108 -27.25 -17.80 -31.06
CA ASP B 108 -28.31 -16.92 -30.58
C ASP B 108 -27.94 -15.45 -30.71
N THR B 109 -27.20 -15.11 -31.75
CA THR B 109 -26.78 -13.72 -31.95
C THR B 109 -27.49 -13.04 -33.12
N GLY B 110 -28.39 -13.78 -33.76
CA GLY B 110 -29.12 -13.24 -34.90
C GLY B 110 -30.16 -12.21 -34.50
N ASP B 111 -30.48 -11.32 -35.43
CA ASP B 111 -31.36 -10.19 -35.17
C ASP B 111 -32.76 -10.61 -34.70
N ILE B 112 -33.38 -9.72 -33.93
CA ILE B 112 -34.64 -10.02 -33.25
C ILE B 112 -35.88 -9.66 -34.07
N LEU B 113 -36.76 -10.64 -34.26
CA LEU B 113 -38.07 -10.39 -34.83
C LEU B 113 -39.02 -9.94 -33.74
N VAL B 114 -39.38 -10.85 -32.85
CA VAL B 114 -40.27 -10.47 -31.76
C VAL B 114 -39.74 -10.99 -30.43
N GLN B 115 -40.10 -10.30 -29.34
CA GLN B 115 -39.44 -10.49 -28.05
C GLN B 115 -40.34 -10.00 -26.92
N GLU B 116 -40.45 -10.78 -25.86
CA GLU B 116 -41.43 -10.47 -24.81
C GLU B 116 -40.88 -10.64 -23.40
N GLU B 117 -41.18 -9.67 -22.53
CA GLU B 117 -40.85 -9.79 -21.12
C GLU B 117 -41.74 -10.83 -20.43
N ILE B 118 -41.15 -11.60 -19.51
CA ILE B 118 -41.92 -12.57 -18.72
C ILE B 118 -41.55 -12.44 -17.24
N ALA B 119 -42.44 -12.85 -16.36
CA ALA B 119 -42.22 -12.71 -14.92
C ALA B 119 -42.38 -14.05 -14.19
N PHE B 120 -41.44 -14.34 -13.29
CA PHE B 120 -41.48 -15.55 -12.49
C PHE B 120 -41.80 -15.22 -11.04
N ALA B 121 -42.62 -16.04 -10.40
CA ALA B 121 -42.96 -15.82 -9.01
C ALA B 121 -41.93 -16.46 -8.09
N ASP B 122 -41.71 -15.82 -6.94
CA ASP B 122 -40.76 -16.32 -5.94
C ASP B 122 -41.04 -17.76 -5.55
N GLU B 123 -42.30 -18.16 -5.65
CA GLU B 123 -42.73 -19.51 -5.25
C GLU B 123 -42.84 -20.48 -6.42
N ASP B 124 -42.45 -20.03 -7.61
CA ASP B 124 -42.39 -20.91 -8.76
C ASP B 124 -41.18 -21.82 -8.69
N THR B 125 -41.34 -23.08 -9.07
CA THR B 125 -40.20 -23.97 -9.20
C THR B 125 -39.54 -23.67 -10.54
N LEU B 126 -38.32 -24.12 -10.72
CA LEU B 126 -37.60 -23.85 -11.96
C LEU B 126 -38.21 -24.61 -13.12
N LEU B 127 -38.77 -25.78 -12.82
CA LEU B 127 -39.51 -26.54 -13.82
C LEU B 127 -40.75 -25.74 -14.26
N ASP B 128 -41.44 -25.16 -13.28
CA ASP B 128 -42.57 -24.29 -13.55
C ASP B 128 -42.17 -23.16 -14.49
N CYS B 129 -41.07 -22.50 -14.17
CA CYS B 129 -40.60 -21.35 -14.96
C CYS B 129 -40.23 -21.77 -16.36
N TYR B 130 -39.60 -22.94 -16.48
CA TYR B 130 -39.29 -23.53 -17.77
C TYR B 130 -40.55 -23.68 -18.61
N ASN B 131 -41.57 -24.28 -17.99
CA ASN B 131 -42.85 -24.50 -18.66
C ASN B 131 -43.59 -23.22 -19.03
N LYS B 132 -43.55 -22.23 -18.14
CA LYS B 132 -44.24 -20.97 -18.39
C LYS B 132 -43.56 -20.21 -19.51
N ALA B 133 -42.23 -20.27 -19.55
CA ALA B 133 -41.48 -19.61 -20.62
C ALA B 133 -41.76 -20.27 -21.96
N ASN B 134 -41.74 -21.60 -21.98
CA ASN B 134 -42.07 -22.35 -23.19
C ASN B 134 -43.49 -22.04 -23.70
N GLN B 135 -44.46 -22.10 -22.79
CA GLN B 135 -45.85 -21.76 -23.12
C GLN B 135 -45.90 -20.35 -23.72
N ALA B 136 -45.29 -19.41 -23.01
CA ALA B 136 -45.30 -18.01 -23.41
C ALA B 136 -44.76 -17.80 -24.82
N ILE B 137 -43.65 -18.46 -25.14
CA ILE B 137 -43.07 -18.25 -26.46
C ILE B 137 -43.83 -19.01 -27.55
N GLU B 138 -44.50 -20.10 -27.19
CA GLU B 138 -45.35 -20.80 -28.15
C GLU B 138 -46.54 -19.92 -28.53
N GLU B 139 -47.17 -19.32 -27.53
CA GLU B 139 -48.26 -18.39 -27.80
C GLU B 139 -47.80 -17.15 -28.55
N LEU B 140 -46.61 -16.65 -28.21
CA LEU B 140 -46.08 -15.46 -28.90
C LEU B 140 -45.85 -15.77 -30.36
N PHE B 141 -45.27 -16.95 -30.62
CA PHE B 141 -45.11 -17.41 -31.99
C PHE B 141 -46.44 -17.45 -32.70
N ILE B 142 -47.43 -18.03 -32.04
CA ILE B 142 -48.75 -18.19 -32.65
C ILE B 142 -49.37 -16.85 -33.03
N ARG B 143 -49.18 -15.84 -32.18
CA ARG B 143 -49.66 -14.50 -32.50
C ARG B 143 -48.92 -13.89 -33.68
N GLU B 144 -47.60 -13.89 -33.61
CA GLU B 144 -46.79 -13.10 -34.55
C GLU B 144 -46.37 -13.84 -35.81
N TRP B 145 -46.83 -15.08 -35.98
CA TRP B 145 -46.43 -15.91 -37.12
C TRP B 145 -46.83 -15.29 -38.47
N GLU B 146 -48.07 -14.84 -38.59
CA GLU B 146 -48.52 -14.17 -39.81
C GLU B 146 -47.62 -12.98 -40.16
N ASN B 147 -47.41 -12.11 -39.17
CA ASN B 147 -46.53 -10.97 -39.31
C ASN B 147 -45.13 -11.36 -39.78
N ILE B 148 -44.65 -12.52 -39.33
CA ILE B 148 -43.31 -12.98 -39.71
C ILE B 148 -43.26 -13.55 -41.13
N VAL B 149 -44.29 -14.32 -41.52
CA VAL B 149 -44.34 -14.90 -42.87
C VAL B 149 -44.31 -13.84 -43.96
N HIS B 150 -45.16 -12.83 -43.80
CA HIS B 150 -45.38 -11.84 -44.85
C HIS B 150 -44.29 -10.76 -44.86
N GLY B 151 -43.24 -10.98 -44.08
CA GLY B 151 -42.06 -10.12 -44.09
C GLY B 151 -42.34 -8.65 -43.80
N ARG B 152 -43.33 -8.38 -42.95
CA ARG B 152 -43.65 -7.00 -42.61
C ARG B 152 -42.93 -6.57 -41.34
N ILE B 153 -42.22 -7.50 -40.72
CA ILE B 153 -41.52 -7.23 -39.47
C ILE B 153 -40.08 -6.78 -39.72
N ALA B 154 -39.72 -5.63 -39.14
CA ALA B 154 -38.37 -5.10 -39.27
C ALA B 154 -37.46 -5.65 -38.18
N PRO B 155 -36.50 -6.51 -38.58
CA PRO B 155 -35.60 -7.15 -37.62
C PRO B 155 -34.61 -6.16 -37.01
N TYR B 156 -34.46 -6.18 -35.69
CA TYR B 156 -33.51 -5.30 -35.04
C TYR B 156 -32.38 -6.08 -34.38
N ARG B 157 -31.19 -5.48 -34.37
CA ARG B 157 -30.02 -6.12 -33.78
C ARG B 157 -30.15 -6.14 -32.26
N GLN B 158 -29.67 -7.21 -31.65
CA GLN B 158 -29.72 -7.33 -30.20
C GLN B 158 -28.96 -6.21 -29.52
N THR B 159 -29.37 -5.92 -28.29
CA THR B 159 -28.66 -4.96 -27.45
C THR B 159 -27.25 -5.46 -27.19
N ALA B 160 -26.33 -4.53 -26.97
CA ALA B 160 -24.95 -4.89 -26.64
C ALA B 160 -24.89 -5.57 -25.28
N GLY B 161 -24.02 -6.57 -25.17
CA GLY B 161 -23.83 -7.29 -23.92
C GLY B 161 -24.56 -8.62 -23.89
N GLY B 162 -25.03 -9.00 -22.71
CA GLY B 162 -25.72 -10.27 -22.54
C GLY B 162 -24.76 -11.33 -22.01
N THR B 163 -25.29 -12.52 -21.73
CA THR B 163 -24.48 -13.61 -21.23
C THR B 163 -24.60 -14.85 -22.10
N LEU B 164 -23.62 -15.73 -22.02
CA LEU B 164 -23.63 -16.98 -22.77
C LEU B 164 -23.36 -18.18 -21.85
N HIS B 165 -24.11 -19.26 -22.05
CA HIS B 165 -23.90 -20.47 -21.27
C HIS B 165 -23.81 -21.69 -22.17
N PHE B 166 -22.96 -22.64 -21.79
CA PHE B 166 -22.76 -23.84 -22.58
C PHE B 166 -23.49 -25.02 -21.95
N LYS B 167 -23.31 -26.20 -22.54
CA LYS B 167 -24.07 -27.38 -22.14
C LYS B 167 -23.68 -27.91 -20.76
N ALA B 168 -22.40 -27.84 -20.42
CA ALA B 168 -21.92 -28.47 -19.19
C ALA B 168 -21.92 -27.52 -17.99
N ASP B 169 -22.24 -26.24 -18.24
CA ASP B 169 -22.19 -25.22 -17.20
C ASP B 169 -23.19 -25.45 -16.07
N ARG B 170 -24.17 -26.31 -16.29
CA ARG B 170 -25.21 -26.54 -15.29
C ARG B 170 -25.01 -27.86 -14.53
N ASP B 171 -23.90 -28.55 -14.83
CA ASP B 171 -23.56 -29.80 -14.17
C ASP B 171 -23.59 -29.71 -12.64
N PHE B 172 -22.79 -28.79 -12.10
CA PHE B 172 -22.66 -28.56 -10.66
C PHE B 172 -24.01 -28.40 -9.95
N TYR B 173 -24.98 -27.89 -10.68
CA TYR B 173 -26.26 -27.49 -10.09
C TYR B 173 -27.37 -28.48 -10.39
N LYS B 174 -26.99 -29.59 -11.04
CA LYS B 174 -27.94 -30.57 -11.58
C LYS B 174 -29.07 -31.00 -10.65
N ASN B 175 -28.90 -30.84 -9.34
CA ASN B 175 -29.90 -31.31 -8.38
C ASN B 175 -30.99 -30.28 -8.08
N LEU B 176 -30.84 -29.08 -8.64
CA LEU B 176 -31.69 -27.95 -8.26
C LEU B 176 -32.99 -27.82 -9.07
N ASN B 177 -33.22 -28.73 -9.99
CA ASN B 177 -34.34 -28.60 -10.94
C ASN B 177 -35.71 -28.36 -10.32
N MET B 178 -35.98 -29.00 -9.19
CA MET B 178 -37.28 -28.85 -8.54
C MET B 178 -37.28 -27.79 -7.44
N THR B 179 -36.17 -27.07 -7.31
CA THR B 179 -36.07 -26.05 -6.27
C THR B 179 -36.90 -24.82 -6.65
N THR B 180 -37.19 -24.01 -5.65
CA THR B 180 -37.97 -22.79 -5.84
C THR B 180 -37.05 -21.63 -6.20
N VAL B 181 -37.59 -20.62 -6.88
CA VAL B 181 -36.84 -19.41 -7.19
C VAL B 181 -36.26 -18.80 -5.92
N ARG B 182 -37.10 -18.69 -4.89
CA ARG B 182 -36.70 -18.16 -3.60
C ARG B 182 -35.58 -19.01 -2.98
N GLU B 183 -35.81 -20.32 -2.94
CA GLU B 183 -34.83 -21.26 -2.40
C GLU B 183 -33.54 -21.26 -3.23
N LEU B 184 -33.68 -21.15 -4.54
CA LEU B 184 -32.52 -21.14 -5.43
C LEU B 184 -31.64 -19.93 -5.18
N LEU B 185 -32.26 -18.77 -5.14
CA LEU B 185 -31.54 -17.52 -4.93
C LEU B 185 -30.94 -17.48 -3.52
N ALA B 186 -31.63 -18.08 -2.57
CA ALA B 186 -31.10 -18.21 -1.22
C ALA B 186 -29.81 -19.03 -1.25
N LEU B 187 -29.89 -20.19 -1.90
CA LEU B 187 -28.73 -21.06 -2.07
C LEU B 187 -27.58 -20.36 -2.80
N LYS B 188 -27.92 -19.47 -3.72
CA LYS B 188 -26.90 -18.70 -4.42
C LYS B 188 -26.24 -17.74 -3.45
N ARG B 189 -27.05 -17.06 -2.65
CA ARG B 189 -26.53 -16.11 -1.68
C ARG B 189 -25.62 -16.78 -0.66
N LEU B 190 -25.89 -18.05 -0.36
CA LEU B 190 -25.07 -18.78 0.59
C LEU B 190 -23.81 -19.38 -0.03
N CYS B 191 -23.94 -19.89 -1.25
CA CYS B 191 -22.89 -20.74 -1.82
C CYS B 191 -22.22 -20.21 -3.07
N ALA B 192 -22.56 -19.00 -3.51
CA ALA B 192 -21.91 -18.47 -4.70
C ALA B 192 -20.60 -17.78 -4.35
N GLU B 193 -19.77 -17.60 -5.37
CA GLU B 193 -18.41 -17.09 -5.25
C GLU B 193 -18.33 -15.74 -4.54
N PRO B 194 -17.16 -15.41 -3.96
CA PRO B 194 -17.02 -14.16 -3.21
C PRO B 194 -17.17 -12.94 -4.12
N LYS B 195 -17.72 -11.86 -3.58
CA LYS B 195 -17.89 -10.63 -4.34
C LYS B 195 -16.55 -10.09 -4.79
N ARG B 196 -16.54 -9.47 -5.96
CA ARG B 196 -15.38 -8.69 -6.37
C ARG B 196 -15.13 -7.62 -5.31
N GLY B 197 -13.86 -7.34 -5.06
CA GLY B 197 -13.46 -6.34 -4.09
C GLY B 197 -12.39 -6.80 -3.10
N GLU B 198 -12.07 -8.08 -3.13
CA GLU B 198 -11.20 -8.65 -2.11
C GLU B 198 -9.75 -8.83 -2.54
N LYS B 199 -8.88 -8.52 -1.60
CA LYS B 199 -7.45 -8.59 -1.76
C LYS B 199 -6.92 -9.70 -0.87
N PRO B 200 -5.89 -10.45 -1.34
CA PRO B 200 -5.26 -11.44 -0.46
C PRO B 200 -4.74 -10.80 0.83
N ILE B 201 -4.51 -11.62 1.85
CA ILE B 201 -4.02 -11.12 3.13
C ILE B 201 -2.53 -10.84 3.05
N ASP B 202 -2.13 -9.66 3.54
CA ASP B 202 -0.76 -9.19 3.38
C ASP B 202 0.04 -9.17 4.68
N LYS B 203 -0.54 -9.71 5.76
CA LYS B 203 0.12 -9.61 7.06
C LYS B 203 0.42 -10.97 7.68
N THR B 204 1.52 -11.02 8.44
CA THR B 204 1.85 -12.19 9.22
C THR B 204 1.44 -11.93 10.67
N PHE B 205 1.39 -12.96 11.49
CA PHE B 205 0.86 -12.80 12.85
C PHE B 205 1.75 -11.90 13.70
N HIS B 206 3.06 -12.07 13.57
CA HIS B 206 3.97 -11.31 14.42
C HIS B 206 4.05 -9.83 14.01
N GLN B 207 3.68 -9.51 12.78
CA GLN B 207 3.55 -8.10 12.39
C GLN B 207 2.39 -7.46 13.13
N LEU B 208 1.23 -8.12 13.08
CA LEU B 208 0.05 -7.66 13.79
C LEU B 208 0.32 -7.56 15.28
N PHE B 209 1.03 -8.55 15.82
CA PHE B 209 1.40 -8.54 17.23
C PHE B 209 2.27 -7.34 17.56
N GLU B 210 3.41 -7.21 16.88
CA GLU B 210 4.33 -6.10 17.09
C GLU B 210 3.61 -4.75 17.05
N GLN B 211 2.69 -4.61 16.10
CA GLN B 211 1.82 -3.45 16.02
C GLN B 211 1.02 -3.27 17.32
N GLN B 212 0.35 -4.34 17.74
CA GLN B 212 -0.45 -4.31 18.97
C GLN B 212 0.39 -3.93 20.19
N VAL B 213 1.67 -4.32 20.16
CA VAL B 213 2.61 -3.99 21.20
C VAL B 213 2.88 -2.49 21.19
N GLU B 214 3.16 -1.94 20.02
CA GLU B 214 3.42 -0.51 19.95
C GLU B 214 2.19 0.31 20.31
N MET B 215 1.02 -0.30 20.17
CA MET B 215 -0.23 0.37 20.50
C MET B 215 -0.57 0.34 22.00
N THR B 216 -0.26 -0.78 22.68
CA THR B 216 -0.58 -0.90 24.10
C THR B 216 0.55 -1.54 24.90
N PRO B 217 1.72 -0.87 24.96
CA PRO B 217 2.93 -1.55 25.43
C PRO B 217 2.93 -1.93 26.91
N ASP B 218 2.23 -1.18 27.75
CA ASP B 218 2.29 -1.40 29.19
C ASP B 218 1.07 -2.14 29.73
N HIS B 219 0.24 -2.61 28.81
CA HIS B 219 -0.91 -3.43 29.18
C HIS B 219 -0.45 -4.86 29.43
N VAL B 220 -1.16 -5.59 30.28
CA VAL B 220 -0.75 -6.94 30.62
C VAL B 220 -1.08 -7.93 29.50
N ALA B 221 -0.08 -8.68 29.08
CA ALA B 221 -0.24 -9.67 28.02
C ALA B 221 -0.53 -11.06 28.59
N VAL B 222 0.39 -11.60 29.37
CA VAL B 222 0.21 -12.95 29.90
C VAL B 222 0.47 -13.05 31.41
N VAL B 223 -0.45 -13.68 32.12
CA VAL B 223 -0.32 -13.89 33.56
C VAL B 223 -0.25 -15.37 33.90
N ASP B 224 0.75 -15.72 34.71
CA ASP B 224 0.86 -17.08 35.20
C ASP B 224 1.13 -17.07 36.69
N ARG B 225 0.15 -17.55 37.46
CA ARG B 225 0.17 -17.45 38.91
C ARG B 225 0.31 -16.00 39.35
N GLY B 226 1.46 -15.65 39.89
CA GLY B 226 1.71 -14.30 40.34
C GLY B 226 2.46 -13.48 39.31
N GLN B 227 3.25 -14.15 38.48
CA GLN B 227 4.10 -13.47 37.53
C GLN B 227 3.30 -13.00 36.32
N SER B 228 3.77 -11.91 35.70
CA SER B 228 3.08 -11.34 34.55
C SER B 228 4.05 -10.61 33.62
N LEU B 229 3.71 -10.64 32.34
CA LEU B 229 4.50 -9.94 31.32
C LEU B 229 3.64 -8.92 30.58
N THR B 230 4.13 -7.69 30.45
CA THR B 230 3.43 -6.69 29.64
C THR B 230 3.73 -6.97 28.17
N TYR B 231 2.96 -6.35 27.28
CA TYR B 231 3.16 -6.54 25.85
C TYR B 231 4.56 -6.15 25.42
N LYS B 232 5.05 -5.03 25.95
CA LYS B 232 6.40 -4.58 25.67
C LYS B 232 7.44 -5.61 26.13
N GLN B 233 7.30 -6.08 27.37
CA GLN B 233 8.20 -7.06 27.95
C GLN B 233 8.22 -8.36 27.15
N LEU B 234 7.04 -8.97 27.02
CA LEU B 234 6.86 -10.18 26.23
C LEU B 234 7.50 -10.02 24.85
N ASN B 235 7.27 -8.87 24.22
CA ASN B 235 7.87 -8.60 22.92
C ASN B 235 9.38 -8.62 22.97
N GLU B 236 9.97 -7.88 23.91
CA GLU B 236 11.42 -7.76 24.02
C GLU B 236 12.10 -9.11 24.27
N ARG B 237 11.58 -9.89 25.21
CA ARG B 237 12.15 -11.21 25.50
C ARG B 237 12.02 -12.15 24.30
N ALA B 238 10.82 -12.16 23.72
CA ALA B 238 10.58 -12.97 22.53
C ALA B 238 11.55 -12.58 21.42
N ASN B 239 11.90 -11.30 21.38
CA ASN B 239 12.83 -10.76 20.39
C ASN B 239 14.23 -11.25 20.62
N GLN B 240 14.67 -11.23 21.87
CA GLN B 240 15.98 -11.76 22.23
C GLN B 240 16.11 -13.22 21.78
N LEU B 241 15.16 -14.03 22.22
CA LEU B 241 15.15 -15.45 21.87
C LEU B 241 15.09 -15.65 20.35
N ALA B 242 14.35 -14.78 19.67
CA ALA B 242 14.21 -14.85 18.21
C ALA B 242 15.53 -14.56 17.50
N HIS B 243 16.20 -13.49 17.93
CA HIS B 243 17.54 -13.16 17.44
C HIS B 243 18.43 -14.38 17.51
N HIS B 244 18.43 -15.02 18.68
CA HIS B 244 19.25 -16.22 18.83
C HIS B 244 18.84 -17.33 17.84
N LEU B 245 17.54 -17.61 17.81
CA LEU B 245 16.97 -18.62 16.93
C LEU B 245 17.40 -18.45 15.47
N ARG B 246 17.16 -17.27 14.91
CA ARG B 246 17.55 -16.99 13.53
C ARG B 246 19.07 -17.05 13.37
N GLY B 247 19.78 -16.71 14.45
CA GLY B 247 21.23 -16.83 14.46
C GLY B 247 21.66 -18.28 14.22
N LYS B 248 20.91 -19.21 14.79
CA LYS B 248 21.20 -20.63 14.60
C LYS B 248 20.75 -21.14 13.23
N GLY B 249 20.17 -20.26 12.42
CA GLY B 249 19.91 -20.58 11.04
C GLY B 249 18.48 -20.92 10.65
N VAL B 250 17.54 -20.68 11.55
CA VAL B 250 16.12 -20.88 11.26
C VAL B 250 15.71 -20.03 10.07
N LYS B 251 14.91 -20.61 9.18
CA LYS B 251 14.48 -19.93 7.97
C LYS B 251 12.97 -20.01 7.80
N PRO B 252 12.40 -19.14 6.96
CA PRO B 252 10.95 -19.23 6.72
C PRO B 252 10.53 -20.60 6.17
N ASP B 253 9.48 -21.17 6.77
CA ASP B 253 8.96 -22.52 6.52
C ASP B 253 9.74 -23.63 7.24
N ASP B 254 10.63 -23.26 8.16
CA ASP B 254 11.32 -24.25 8.98
C ASP B 254 10.49 -24.59 10.22
N GLN B 255 10.55 -25.84 10.64
CA GLN B 255 9.87 -26.27 11.86
C GLN B 255 10.80 -26.18 13.06
N VAL B 256 10.25 -25.70 14.16
CA VAL B 256 10.97 -25.57 15.42
C VAL B 256 10.12 -26.18 16.52
N ALA B 257 10.56 -27.33 17.03
CA ALA B 257 9.81 -28.05 18.04
C ALA B 257 9.84 -27.32 19.38
N ILE B 258 8.67 -27.12 19.98
CA ILE B 258 8.60 -26.57 21.33
C ILE B 258 7.95 -27.57 22.28
N MET B 259 8.67 -27.85 23.36
CA MET B 259 8.23 -28.80 24.37
C MET B 259 8.34 -28.16 25.75
N LEU B 260 7.21 -27.72 26.29
CA LEU B 260 7.14 -27.11 27.61
C LEU B 260 5.78 -27.36 28.23
N ASP B 261 5.65 -27.07 29.51
CA ASP B 261 4.33 -27.04 30.13
C ASP B 261 3.78 -25.63 29.95
N LYS B 262 2.50 -25.47 30.25
CA LYS B 262 1.87 -24.16 30.21
C LYS B 262 2.62 -23.19 31.13
N SER B 263 3.09 -22.07 30.57
CA SER B 263 3.85 -21.08 31.33
C SER B 263 4.10 -19.80 30.53
N LEU B 264 4.85 -18.87 31.12
CA LEU B 264 5.27 -17.66 30.41
C LEU B 264 6.28 -18.02 29.32
N ASP B 265 7.12 -19.00 29.64
CA ASP B 265 8.17 -19.46 28.74
C ASP B 265 7.62 -20.01 27.45
N MET B 266 6.48 -20.69 27.54
CA MET B 266 5.79 -21.25 26.38
C MET B 266 5.44 -20.15 25.39
N ILE B 267 4.76 -19.12 25.89
CA ILE B 267 4.38 -17.96 25.12
C ILE B 267 5.58 -17.29 24.45
N VAL B 268 6.55 -16.93 25.29
CA VAL B 268 7.78 -16.30 24.80
C VAL B 268 8.39 -17.15 23.68
N SER B 269 8.39 -18.46 23.86
CA SER B 269 8.94 -19.41 22.90
C SER B 269 8.20 -19.41 21.56
N ILE B 270 6.88 -19.53 21.59
CA ILE B 270 6.04 -19.44 20.39
C ILE B 270 6.34 -18.18 19.58
N LEU B 271 6.20 -17.05 20.26
CA LEU B 271 6.31 -15.77 19.58
C LEU B 271 7.73 -15.60 19.02
N ALA B 272 8.71 -16.06 19.78
CA ALA B 272 10.10 -16.03 19.31
C ALA B 272 10.30 -16.88 18.06
N VAL B 273 9.64 -18.04 18.02
CA VAL B 273 9.69 -18.91 16.84
C VAL B 273 9.16 -18.20 15.61
N MET B 274 8.01 -17.55 15.76
CA MET B 274 7.45 -16.77 14.65
C MET B 274 8.40 -15.67 14.20
N LYS B 275 8.81 -14.83 15.15
CA LYS B 275 9.62 -13.65 14.86
C LYS B 275 10.97 -14.03 14.26
N ALA B 276 11.42 -15.25 14.55
CA ALA B 276 12.65 -15.78 13.95
C ALA B 276 12.40 -16.16 12.50
N GLY B 277 11.16 -16.48 12.18
CA GLY B 277 10.77 -16.77 10.82
C GLY B 277 10.21 -18.17 10.61
N GLY B 278 10.22 -18.98 11.65
CA GLY B 278 9.82 -20.36 11.52
C GLY B 278 8.39 -20.67 11.90
N ALA B 279 8.07 -21.96 11.95
CA ALA B 279 6.78 -22.42 12.43
C ALA B 279 7.03 -23.30 13.64
N TYR B 280 6.21 -23.21 14.67
CA TYR B 280 6.48 -23.99 15.88
C TYR B 280 5.65 -25.26 15.94
N VAL B 281 6.28 -26.36 16.36
CA VAL B 281 5.57 -27.62 16.55
C VAL B 281 5.41 -27.91 18.03
N PRO B 282 4.20 -27.71 18.57
CA PRO B 282 4.01 -27.90 20.00
C PRO B 282 3.96 -29.38 20.35
N ILE B 283 4.71 -29.78 21.36
CA ILE B 283 4.71 -31.18 21.81
C ILE B 283 4.44 -31.28 23.30
N ASP B 284 3.30 -31.88 23.65
CA ASP B 284 2.96 -32.10 25.04
C ASP B 284 3.94 -33.07 25.68
N PRO B 285 4.63 -32.63 26.75
CA PRO B 285 5.59 -33.47 27.48
C PRO B 285 4.92 -34.65 28.18
N ASP B 286 3.60 -34.57 28.38
CA ASP B 286 2.87 -35.64 29.02
C ASP B 286 2.48 -36.73 28.03
N TYR B 287 2.80 -36.52 26.75
CA TYR B 287 2.59 -37.56 25.74
C TYR B 287 3.50 -38.74 26.01
N PRO B 288 3.07 -39.94 25.58
CA PRO B 288 3.95 -41.11 25.59
C PRO B 288 5.24 -40.84 24.80
N GLY B 289 6.38 -41.31 25.32
CA GLY B 289 7.67 -41.06 24.70
C GLY B 289 7.72 -41.54 23.27
N GLU B 290 6.93 -42.56 22.96
CA GLU B 290 6.77 -43.06 21.60
C GLU B 290 6.27 -41.96 20.68
N ARG B 291 5.13 -41.37 21.02
CA ARG B 291 4.53 -40.34 20.19
C ARG B 291 5.45 -39.14 20.06
N ILE B 292 6.18 -38.81 21.11
CA ILE B 292 7.11 -37.68 21.07
C ILE B 292 8.27 -37.95 20.11
N ALA B 293 8.83 -39.15 20.21
CA ALA B 293 9.87 -39.58 19.28
C ALA B 293 9.37 -39.49 17.84
N TYR B 294 8.12 -39.90 17.63
CA TYR B 294 7.52 -39.84 16.31
C TYR B 294 7.32 -38.40 15.82
N MET B 295 6.69 -37.57 16.64
CA MET B 295 6.43 -36.16 16.32
C MET B 295 7.72 -35.42 16.01
N LEU B 296 8.80 -35.85 16.65
CA LEU B 296 10.12 -35.25 16.41
C LEU B 296 10.81 -35.87 15.20
N ALA B 297 10.39 -37.07 14.81
CA ALA B 297 10.91 -37.72 13.60
C ALA B 297 10.28 -37.15 12.34
N ASP B 298 8.95 -37.21 12.28
CA ASP B 298 8.16 -36.74 11.15
C ASP B 298 8.49 -35.29 10.78
N SER B 299 8.21 -34.37 11.71
CA SER B 299 8.59 -32.97 11.54
C SER B 299 10.08 -32.85 11.28
N SER B 300 10.47 -31.88 10.46
CA SER B 300 11.87 -31.72 10.05
C SER B 300 12.70 -30.94 11.07
N ALA B 301 12.08 -30.62 12.20
CA ALA B 301 12.69 -29.77 13.22
C ALA B 301 14.12 -30.15 13.59
N ALA B 302 15.06 -29.25 13.32
CA ALA B 302 16.46 -29.43 13.71
C ALA B 302 16.69 -28.83 15.08
N ILE B 303 15.71 -28.05 15.54
CA ILE B 303 15.81 -27.32 16.81
C ILE B 303 14.64 -27.58 17.74
N LEU B 304 14.93 -27.74 19.03
CA LEU B 304 13.92 -27.92 20.06
C LEU B 304 14.10 -26.91 21.19
N LEU B 305 13.01 -26.28 21.59
CA LEU B 305 13.01 -25.39 22.74
C LEU B 305 12.40 -26.11 23.94
N THR B 306 13.18 -26.32 25.00
CA THR B 306 12.66 -27.07 26.13
C THR B 306 13.33 -26.82 27.47
N ASN B 307 12.67 -27.29 28.52
CA ASN B 307 13.19 -27.27 29.89
C ASN B 307 14.31 -28.27 30.09
N ALA B 308 15.07 -28.07 31.18
CA ALA B 308 15.99 -29.09 31.67
C ALA B 308 15.20 -30.32 32.08
N LEU B 309 14.04 -30.06 32.69
CA LEU B 309 13.14 -31.09 33.18
C LEU B 309 12.74 -32.10 32.12
N HIS B 310 12.24 -31.61 30.98
CA HIS B 310 11.78 -32.49 29.92
C HIS B 310 12.87 -32.84 28.92
N GLU B 311 14.01 -32.16 29.02
CA GLU B 311 15.12 -32.29 28.07
C GLU B 311 15.42 -33.72 27.59
N GLU B 312 15.36 -34.69 28.49
CA GLU B 312 15.71 -36.07 28.15
C GLU B 312 14.61 -36.81 27.37
N LYS B 313 13.39 -36.29 27.43
CA LYS B 313 12.26 -36.88 26.71
C LYS B 313 12.51 -36.96 25.20
N ALA B 314 13.38 -36.09 24.69
CA ALA B 314 13.63 -36.02 23.26
C ALA B 314 14.70 -37.01 22.80
N ASN B 315 15.42 -37.60 23.76
CA ASN B 315 16.48 -38.57 23.47
C ASN B 315 17.52 -38.06 22.47
N GLY B 316 17.91 -36.79 22.61
CA GLY B 316 18.91 -36.18 21.76
C GLY B 316 18.64 -36.21 20.26
N ALA B 317 17.36 -36.12 19.88
CA ALA B 317 16.99 -36.19 18.47
C ALA B 317 17.40 -34.94 17.70
N CYS B 318 17.46 -33.82 18.40
CA CYS B 318 17.77 -32.54 17.78
C CYS B 318 18.48 -31.61 18.76
N ASP B 319 19.19 -30.63 18.21
CA ASP B 319 19.82 -29.60 19.01
C ASP B 319 18.81 -28.97 19.96
N ILE B 320 19.22 -28.79 21.22
CA ILE B 320 18.32 -28.28 22.23
C ILE B 320 18.69 -26.86 22.63
N ILE B 321 17.66 -26.02 22.77
CA ILE B 321 17.81 -24.68 23.29
C ILE B 321 17.12 -24.59 24.65
N ASP B 322 17.89 -24.29 25.68
CA ASP B 322 17.34 -24.19 27.01
C ASP B 322 16.69 -22.83 27.19
N VAL B 323 15.37 -22.83 27.43
CA VAL B 323 14.63 -21.59 27.62
C VAL B 323 15.01 -20.90 28.92
N HIS B 324 15.76 -21.62 29.75
CA HIS B 324 16.18 -21.13 31.06
C HIS B 324 17.65 -20.72 31.07
N ASP B 325 18.37 -21.00 29.98
CA ASP B 325 19.76 -20.59 29.84
C ASP B 325 19.83 -19.17 29.30
N PRO B 326 20.44 -18.26 30.07
CA PRO B 326 20.62 -16.85 29.70
C PRO B 326 21.54 -16.63 28.49
N ASP B 327 22.08 -17.72 27.94
CA ASP B 327 22.86 -17.64 26.72
C ASP B 327 22.00 -17.95 25.50
N SER B 328 20.77 -18.41 25.76
CA SER B 328 19.80 -18.71 24.70
C SER B 328 19.06 -17.45 24.28
N TYR B 329 19.38 -16.35 24.94
CA TYR B 329 18.75 -15.07 24.65
C TYR B 329 19.80 -14.04 24.25
N SER B 330 19.56 -13.37 23.14
CA SER B 330 20.46 -12.33 22.64
C SER B 330 20.21 -11.02 23.36
N GLU B 331 21.20 -10.14 23.36
CA GLU B 331 21.10 -8.86 24.04
C GLU B 331 20.06 -7.95 23.38
N ASN B 332 19.92 -8.09 22.06
CA ASN B 332 19.06 -7.22 21.25
C ASN B 332 17.57 -7.43 21.50
N THR B 333 16.86 -6.33 21.79
CA THR B 333 15.43 -6.39 22.09
C THR B 333 14.54 -5.89 20.96
N ASN B 334 15.15 -5.38 19.89
CA ASN B 334 14.38 -4.85 18.77
C ASN B 334 13.67 -5.93 17.98
N ASN B 335 12.60 -5.55 17.29
CA ASN B 335 11.93 -6.42 16.33
C ASN B 335 12.88 -6.84 15.22
N LEU B 336 12.81 -8.09 14.82
CA LEU B 336 13.65 -8.59 13.73
C LEU B 336 13.12 -8.12 12.39
N PRO B 337 14.03 -7.87 11.43
CA PRO B 337 13.64 -7.57 10.04
C PRO B 337 12.67 -8.62 9.52
N HIS B 338 11.63 -8.17 8.80
CA HIS B 338 10.57 -9.06 8.36
C HIS B 338 11.00 -9.90 7.17
N VAL B 339 10.97 -11.22 7.33
CA VAL B 339 11.39 -12.12 6.26
C VAL B 339 10.23 -13.02 5.85
N ASN B 340 9.07 -12.76 6.44
CA ASN B 340 7.95 -13.67 6.30
C ASN B 340 6.89 -13.21 5.29
N ARG B 341 6.20 -14.18 4.69
CA ARG B 341 4.94 -13.95 3.99
C ARG B 341 3.82 -14.63 4.72
N PRO B 342 2.60 -14.17 4.44
CA PRO B 342 1.37 -14.80 4.92
C PRO B 342 1.07 -16.19 4.33
N ASP B 343 1.86 -16.68 3.39
CA ASP B 343 1.60 -18.03 2.88
C ASP B 343 2.65 -19.01 3.44
N ASP B 344 3.46 -18.50 4.36
CA ASP B 344 4.43 -19.32 5.10
C ASP B 344 3.79 -19.95 6.33
N LEU B 345 4.42 -21.03 6.79
CA LEU B 345 3.96 -21.80 7.92
C LEU B 345 4.10 -21.04 9.22
N VAL B 346 3.03 -21.05 10.01
CA VAL B 346 3.05 -20.46 11.34
C VAL B 346 3.19 -21.57 12.39
N TYR B 347 2.54 -22.71 12.15
CA TYR B 347 2.67 -23.85 13.04
C TYR B 347 2.24 -25.18 12.43
N VAL B 348 2.67 -26.27 13.06
CA VAL B 348 2.29 -27.63 12.65
C VAL B 348 1.73 -28.42 13.83
N MET B 349 0.45 -28.77 13.76
CA MET B 349 -0.20 -29.54 14.82
C MET B 349 -0.62 -30.92 14.34
N TYR B 350 -0.32 -31.93 15.14
CA TYR B 350 -0.66 -33.32 14.81
C TYR B 350 -2.02 -33.74 15.35
N THR B 351 -2.73 -34.54 14.58
CA THR B 351 -4.04 -35.06 14.98
C THR B 351 -4.00 -36.59 15.08
N SER B 352 -4.92 -37.17 15.85
CA SER B 352 -5.07 -38.63 15.89
C SER B 352 -6.53 -39.01 16.15
N LEU B 357 -4.01 -42.72 10.96
CA LEU B 357 -3.53 -42.41 12.31
C LEU B 357 -2.29 -41.51 12.25
N ALA B 358 -2.37 -40.41 13.00
CA ALA B 358 -1.28 -39.44 13.18
C ALA B 358 -0.85 -38.70 11.91
N LYS B 359 -1.31 -37.45 11.78
CA LYS B 359 -0.92 -36.56 10.67
C LYS B 359 -0.51 -35.16 11.09
N GLY B 360 0.61 -34.69 10.58
CA GLY B 360 0.99 -33.30 10.79
C GLY B 360 0.19 -32.36 9.93
N VAL B 361 -0.60 -31.49 10.56
CA VAL B 361 -1.36 -30.48 9.83
C VAL B 361 -0.54 -29.21 9.73
N MET B 362 -0.34 -28.75 8.49
CA MET B 362 0.39 -27.53 8.22
C MET B 362 -0.55 -26.33 8.13
N ILE B 363 -0.30 -25.32 8.96
CA ILE B 363 -1.08 -24.09 8.94
C ILE B 363 -0.19 -22.92 8.60
N GLU B 364 -0.69 -22.03 7.73
CA GLU B 364 0.10 -20.89 7.29
C GLU B 364 -0.36 -19.62 7.99
N HIS B 365 0.44 -18.56 7.90
CA HIS B 365 0.14 -17.30 8.59
C HIS B 365 -1.24 -16.74 8.25
N HIS B 366 -1.57 -16.63 6.96
CA HIS B 366 -2.81 -16.00 6.53
C HIS B 366 -4.04 -16.72 7.08
N ASN B 367 -3.95 -18.04 7.20
CA ASN B 367 -5.00 -18.81 7.87
C ASN B 367 -5.29 -18.23 9.25
N LEU B 368 -4.25 -18.21 10.08
CA LEU B 368 -4.34 -17.73 11.45
C LEU B 368 -4.80 -16.27 11.53
N VAL B 369 -4.10 -15.40 10.81
CA VAL B 369 -4.45 -13.99 10.74
C VAL B 369 -5.93 -13.80 10.42
N ASN B 370 -6.40 -14.56 9.44
CA ASN B 370 -7.81 -14.57 9.08
C ASN B 370 -8.67 -14.86 10.29
N PHE B 371 -8.36 -15.96 10.99
CA PHE B 371 -9.15 -16.33 12.15
C PHE B 371 -9.17 -15.25 13.23
N CYS B 372 -7.99 -14.74 13.59
CA CYS B 372 -7.88 -13.76 14.66
C CYS B 372 -8.63 -12.48 14.32
N GLU B 373 -8.43 -12.00 13.10
CA GLU B 373 -9.07 -10.78 12.64
C GLU B 373 -10.59 -10.95 12.55
N TRP B 374 -11.07 -12.17 12.32
CA TRP B 374 -12.50 -12.43 12.42
C TRP B 374 -12.95 -12.40 13.88
N TYR B 375 -12.16 -13.06 14.72
CA TYR B 375 -12.48 -13.30 16.12
C TYR B 375 -12.65 -12.03 16.92
N ARG B 376 -11.71 -11.09 16.78
CA ARG B 376 -11.69 -9.87 17.61
C ARG B 376 -13.00 -9.06 17.56
N PRO B 377 -13.48 -8.68 16.36
CA PRO B 377 -14.70 -7.86 16.39
C PRO B 377 -15.98 -8.67 16.57
N TYR B 378 -15.99 -9.92 16.11
CA TYR B 378 -17.15 -10.80 16.30
C TYR B 378 -17.52 -10.90 17.77
N PHE B 379 -16.52 -11.03 18.63
CA PHE B 379 -16.77 -11.17 20.05
C PHE B 379 -16.60 -9.86 20.80
N GLY B 380 -16.27 -8.80 20.07
CA GLY B 380 -16.03 -7.49 20.66
C GLY B 380 -14.91 -7.52 21.68
N VAL B 381 -13.78 -8.09 21.29
CA VAL B 381 -12.67 -8.25 22.22
C VAL B 381 -11.89 -6.93 22.38
N THR B 382 -11.72 -6.52 23.62
CA THR B 382 -11.03 -5.26 23.94
C THR B 382 -9.94 -5.50 24.98
N PRO B 383 -8.98 -4.57 25.10
CA PRO B 383 -7.95 -4.66 26.15
C PRO B 383 -8.50 -4.86 27.56
N ALA B 384 -9.77 -4.54 27.78
CA ALA B 384 -10.37 -4.71 29.10
C ALA B 384 -10.50 -6.19 29.46
N ASP B 385 -10.56 -7.04 28.44
CA ASP B 385 -10.84 -8.46 28.62
C ASP B 385 -9.68 -9.27 29.18
N LYS B 386 -10.00 -10.46 29.69
CA LYS B 386 -9.01 -11.41 30.18
C LYS B 386 -9.41 -12.83 29.76
N ALA B 387 -8.46 -13.57 29.19
CA ALA B 387 -8.77 -14.89 28.64
C ALA B 387 -7.82 -15.99 29.14
N LEU B 388 -8.38 -17.17 29.36
CA LEU B 388 -7.63 -18.32 29.84
C LEU B 388 -6.82 -19.02 28.74
N VAL B 389 -5.61 -19.46 29.08
CA VAL B 389 -4.88 -20.40 28.24
C VAL B 389 -5.11 -21.79 28.82
N TYR B 390 -6.18 -22.42 28.36
CA TYR B 390 -6.69 -23.68 28.93
C TYR B 390 -6.33 -24.90 28.10
N SER B 391 -6.83 -24.93 26.87
CA SER B 391 -6.62 -26.04 25.95
C SER B 391 -5.15 -26.41 25.83
N SER B 392 -4.85 -27.70 25.68
CA SER B 392 -3.46 -28.15 25.68
C SER B 392 -2.65 -27.52 24.56
N PHE B 393 -1.34 -27.63 24.70
CA PHE B 393 -0.38 -26.90 23.88
C PHE B 393 -0.40 -27.40 22.43
N SER B 394 -0.76 -28.67 22.26
CA SER B 394 -0.71 -29.33 20.96
C SER B 394 -1.95 -29.11 20.09
N PHE B 395 -2.88 -28.29 20.57
CA PHE B 395 -4.21 -28.17 19.95
C PHE B 395 -4.50 -26.75 19.43
N ASP B 396 -5.34 -26.65 18.40
CA ASP B 396 -5.66 -25.34 17.83
C ASP B 396 -6.57 -24.56 18.78
N GLY B 397 -7.13 -25.26 19.77
CA GLY B 397 -7.78 -24.61 20.88
C GLY B 397 -6.79 -23.65 21.50
N SER B 398 -5.56 -24.13 21.69
CA SER B 398 -4.49 -23.29 22.21
C SER B 398 -4.29 -22.07 21.33
N ALA B 399 -4.18 -22.28 20.02
CA ALA B 399 -3.99 -21.20 19.06
C ALA B 399 -5.04 -20.10 19.24
N LEU B 400 -6.30 -20.53 19.35
CA LEU B 400 -7.40 -19.64 19.69
C LEU B 400 -7.04 -18.84 20.93
N ASP B 401 -6.94 -19.58 22.05
CA ASP B 401 -6.69 -19.03 23.39
C ASP B 401 -5.63 -17.95 23.44
N ILE B 402 -4.47 -18.25 22.85
CA ILE B 402 -3.33 -17.34 22.87
C ILE B 402 -3.45 -16.20 21.87
N PHE B 403 -3.54 -16.58 20.60
CA PHE B 403 -3.39 -15.63 19.50
C PHE B 403 -4.53 -14.64 19.39
N THR B 404 -5.77 -15.12 19.55
CA THR B 404 -6.91 -14.24 19.35
C THR B 404 -6.89 -13.06 20.33
N HIS B 405 -6.52 -13.34 21.57
CA HIS B 405 -6.55 -12.33 22.60
C HIS B 405 -5.22 -11.60 22.74
N LEU B 406 -4.19 -12.07 22.07
CA LEU B 406 -2.96 -11.27 22.02
C LEU B 406 -3.08 -10.14 20.99
N LEU B 407 -3.85 -10.38 19.93
CA LEU B 407 -4.05 -9.40 18.87
C LEU B 407 -5.10 -8.36 19.20
N ALA B 408 -5.85 -8.59 20.27
CA ALA B 408 -6.90 -7.67 20.69
C ALA B 408 -6.43 -6.77 21.83
N GLY B 409 -5.29 -7.11 22.41
CA GLY B 409 -4.70 -6.31 23.48
C GLY B 409 -5.03 -6.87 24.85
N ALA B 410 -5.77 -7.98 24.84
CA ALA B 410 -6.26 -8.61 26.06
C ALA B 410 -5.14 -9.20 26.91
N ALA B 411 -5.53 -9.86 27.99
CA ALA B 411 -4.58 -10.44 28.95
C ALA B 411 -4.78 -11.95 29.06
N LEU B 412 -3.71 -12.69 28.73
CA LEU B 412 -3.73 -14.13 28.80
C LEU B 412 -3.44 -14.64 30.21
N HIS B 413 -4.27 -15.56 30.68
CA HIS B 413 -4.05 -16.21 31.97
C HIS B 413 -3.80 -17.69 31.77
N ILE B 414 -2.61 -18.14 32.17
CA ILE B 414 -2.25 -19.56 32.12
C ILE B 414 -3.07 -20.35 33.11
N VAL B 415 -3.57 -21.52 32.71
CA VAL B 415 -4.19 -22.41 33.67
C VAL B 415 -3.13 -23.39 34.18
N PRO B 416 -3.00 -23.50 35.51
CA PRO B 416 -2.18 -24.57 36.11
C PRO B 416 -2.94 -25.89 36.17
N SER B 417 -2.20 -26.99 36.30
CA SER B 417 -2.78 -28.33 36.25
C SER B 417 -3.86 -28.57 37.31
N GLU B 418 -3.62 -28.05 38.51
CA GLU B 418 -4.57 -28.24 39.62
C GLU B 418 -5.93 -27.66 39.29
N ARG B 419 -5.94 -26.42 38.83
CA ARG B 419 -7.19 -25.75 38.45
C ARG B 419 -7.85 -26.40 37.25
N LYS B 420 -7.07 -27.09 36.43
CA LYS B 420 -7.54 -27.55 35.12
C LYS B 420 -8.72 -28.53 35.16
N TYR B 421 -8.67 -29.54 36.04
CA TYR B 421 -9.75 -30.53 36.07
C TYR B 421 -10.76 -30.28 37.19
N ASP B 422 -10.40 -29.41 38.14
CA ASP B 422 -11.37 -28.88 39.09
C ASP B 422 -11.95 -27.60 38.53
N LEU B 423 -13.07 -27.71 37.83
CA LEU B 423 -13.69 -26.55 37.20
C LEU B 423 -14.38 -25.63 38.22
N ASP B 424 -14.52 -26.09 39.45
CA ASP B 424 -15.06 -25.26 40.52
C ASP B 424 -13.99 -24.29 41.02
N ALA B 425 -12.77 -24.80 41.13
CA ALA B 425 -11.63 -23.99 41.55
C ALA B 425 -11.22 -23.07 40.40
N LEU B 426 -11.27 -23.61 39.19
CA LEU B 426 -11.06 -22.82 37.98
C LEU B 426 -12.10 -21.70 37.92
N ASN B 427 -13.33 -22.05 38.30
CA ASN B 427 -14.42 -21.09 38.35
C ASN B 427 -14.15 -19.99 39.36
N ASP B 428 -13.65 -20.37 40.53
CA ASP B 428 -13.26 -19.42 41.56
C ASP B 428 -12.21 -18.45 41.02
N TYR B 429 -11.16 -19.02 40.43
CA TYR B 429 -10.09 -18.22 39.85
C TYR B 429 -10.63 -17.23 38.83
N CYS B 430 -11.55 -17.70 38.00
CA CYS B 430 -12.17 -16.84 36.99
C CYS B 430 -12.97 -15.71 37.62
N ASN B 431 -13.67 -16.01 38.71
CA ASN B 431 -14.47 -15.00 39.39
C ASN B 431 -13.62 -13.99 40.14
N GLN B 432 -12.44 -14.42 40.57
CA GLN B 432 -11.53 -13.56 41.32
C GLN B 432 -10.76 -12.64 40.39
N GLU B 433 -10.31 -13.19 39.27
CA GLU B 433 -9.49 -12.44 38.31
C GLU B 433 -10.34 -11.65 37.31
N GLY B 434 -11.63 -11.96 37.26
CA GLY B 434 -12.52 -11.32 36.32
C GLY B 434 -12.21 -11.74 34.90
N ILE B 435 -12.25 -13.05 34.66
CA ILE B 435 -12.04 -13.60 33.33
C ILE B 435 -13.29 -13.42 32.48
N THR B 436 -13.16 -12.66 31.40
CA THR B 436 -14.33 -12.19 30.67
C THR B 436 -14.74 -13.08 29.50
N ILE B 437 -13.78 -13.83 28.95
CA ILE B 437 -14.01 -14.63 27.74
C ILE B 437 -12.95 -15.73 27.58
N SER B 438 -13.36 -16.90 27.09
CA SER B 438 -12.45 -18.03 26.91
C SER B 438 -13.09 -19.16 26.11
N TYR B 439 -12.27 -20.11 25.65
CA TYR B 439 -12.77 -21.30 24.95
C TYR B 439 -12.52 -22.57 25.74
N LEU B 440 -13.61 -23.29 26.06
CA LEU B 440 -13.50 -24.61 26.67
C LEU B 440 -14.08 -25.63 25.70
N PRO B 441 -13.40 -26.78 25.51
CA PRO B 441 -13.97 -27.83 24.65
C PRO B 441 -15.29 -28.34 25.22
N THR B 442 -16.10 -29.01 24.39
CA THR B 442 -17.41 -29.48 24.81
C THR B 442 -17.32 -30.58 25.86
N GLY B 443 -17.94 -30.33 27.01
CA GLY B 443 -17.90 -31.28 28.11
C GLY B 443 -17.19 -30.67 29.30
N ALA B 444 -16.16 -29.88 29.03
CA ALA B 444 -15.57 -29.02 30.04
C ALA B 444 -16.44 -27.78 30.14
N ALA B 445 -16.90 -27.34 28.98
CA ALA B 445 -17.90 -26.28 28.88
C ALA B 445 -19.17 -26.69 29.60
N GLU B 446 -19.73 -27.83 29.19
CA GLU B 446 -20.99 -28.33 29.74
C GLU B 446 -20.95 -28.47 31.26
N GLN B 447 -19.78 -28.78 31.79
CA GLN B 447 -19.60 -28.83 33.24
C GLN B 447 -19.53 -27.44 33.84
N PHE B 448 -18.84 -26.53 33.15
CA PHE B 448 -18.71 -25.16 33.65
C PHE B 448 -20.06 -24.46 33.74
N MET B 449 -21.02 -24.94 32.96
CA MET B 449 -22.38 -24.42 32.99
C MET B 449 -23.04 -24.71 34.35
N GLN B 450 -22.47 -25.67 35.07
CA GLN B 450 -22.99 -26.08 36.38
C GLN B 450 -22.45 -25.17 37.49
N MET B 451 -21.17 -24.82 37.41
CA MET B 451 -20.58 -23.88 38.35
C MET B 451 -21.18 -22.49 38.14
N ASP B 452 -21.56 -21.82 39.23
CA ASP B 452 -22.13 -20.48 39.14
C ASP B 452 -21.02 -19.48 38.85
N ASN B 453 -21.23 -18.65 37.84
CA ASN B 453 -20.17 -17.77 37.38
C ASN B 453 -20.66 -16.37 37.02
N GLN B 454 -20.00 -15.37 37.59
CA GLN B 454 -20.33 -13.99 37.29
C GLN B 454 -19.21 -13.35 36.51
N SER B 455 -18.24 -14.17 36.13
CA SER B 455 -17.01 -13.67 35.54
C SER B 455 -17.12 -13.45 34.02
N PHE B 456 -17.61 -14.45 33.32
CA PHE B 456 -17.57 -14.46 31.87
C PHE B 456 -18.64 -13.58 31.23
N ARG B 457 -18.24 -12.93 30.13
CA ARG B 457 -19.17 -12.20 29.28
C ARG B 457 -19.56 -13.12 28.12
N VAL B 458 -18.59 -13.94 27.71
CA VAL B 458 -18.76 -14.87 26.60
C VAL B 458 -17.94 -16.14 26.86
N VAL B 459 -18.53 -17.30 26.56
CA VAL B 459 -17.75 -18.53 26.49
C VAL B 459 -18.01 -19.22 25.15
N ILE B 460 -16.96 -19.84 24.61
CA ILE B 460 -17.05 -20.54 23.34
C ILE B 460 -16.72 -22.01 23.55
N THR B 461 -17.56 -22.89 23.01
CA THR B 461 -17.30 -24.32 23.06
C THR B 461 -17.41 -24.94 21.68
N GLY B 462 -17.04 -26.22 21.57
CA GLY B 462 -17.11 -26.89 20.29
C GLY B 462 -16.04 -27.94 20.08
N GLY B 463 -15.96 -28.44 18.86
CA GLY B 463 -15.08 -29.53 18.52
C GLY B 463 -15.90 -30.79 18.55
N ASP B 464 -17.00 -30.73 19.30
CA ASP B 464 -17.86 -31.89 19.51
C ASP B 464 -19.31 -31.50 19.72
N VAL B 465 -20.17 -32.51 19.70
CA VAL B 465 -21.62 -32.30 19.73
C VAL B 465 -22.11 -31.74 21.06
N LEU B 466 -22.36 -30.44 21.09
CA LEU B 466 -22.95 -29.78 22.25
C LEU B 466 -24.40 -30.21 22.47
N LYS B 467 -24.75 -30.60 23.69
CA LYS B 467 -26.12 -30.99 24.00
C LYS B 467 -26.81 -30.04 24.99
N LYS B 468 -26.17 -29.82 26.14
CA LYS B 468 -26.75 -28.98 27.19
C LYS B 468 -26.39 -27.52 27.00
N ILE B 469 -27.38 -26.62 27.07
CA ILE B 469 -27.12 -25.20 26.95
C ILE B 469 -27.44 -24.45 28.24
N GLU B 470 -28.03 -25.17 29.20
CA GLU B 470 -28.45 -24.57 30.46
C GLU B 470 -27.26 -24.23 31.33
N ARG B 471 -27.21 -22.99 31.81
CA ARG B 471 -26.06 -22.48 32.54
C ARG B 471 -26.42 -21.49 33.64
N ASN B 472 -25.53 -21.36 34.62
CA ASN B 472 -25.76 -20.47 35.76
C ASN B 472 -25.31 -19.03 35.51
N GLY B 473 -24.57 -18.81 34.43
CA GLY B 473 -23.97 -17.50 34.18
C GLY B 473 -24.79 -16.55 33.35
N THR B 474 -24.38 -15.28 33.36
CA THR B 474 -25.05 -14.23 32.60
C THR B 474 -24.39 -14.07 31.24
N TYR B 475 -23.45 -14.95 30.93
CA TYR B 475 -22.67 -14.85 29.70
C TYR B 475 -23.37 -15.48 28.50
N LYS B 476 -23.03 -14.98 27.32
CA LYS B 476 -23.49 -15.57 26.07
C LYS B 476 -22.71 -16.85 25.78
N LEU B 477 -23.39 -17.85 25.23
CA LEU B 477 -22.76 -19.11 24.88
C LEU B 477 -22.65 -19.28 23.37
N TYR B 478 -21.49 -19.76 22.93
CA TYR B 478 -21.24 -19.98 21.51
C TYR B 478 -20.79 -21.41 21.24
N ASN B 479 -21.43 -22.05 20.27
CA ASN B 479 -21.00 -23.36 19.78
C ASN B 479 -20.40 -23.23 18.38
N GLY B 480 -19.18 -23.69 18.21
CA GLY B 480 -18.52 -23.61 16.93
C GLY B 480 -18.24 -24.97 16.31
N TYR B 481 -17.57 -24.96 15.17
CA TYR B 481 -17.15 -26.19 14.50
C TYR B 481 -16.03 -25.89 13.52
N GLY B 482 -15.08 -26.82 13.41
CA GLY B 482 -13.99 -26.67 12.46
C GLY B 482 -12.94 -27.73 12.60
N PRO B 483 -12.43 -28.23 11.47
CA PRO B 483 -11.33 -29.20 11.48
C PRO B 483 -9.97 -28.55 11.72
N THR B 484 -9.02 -29.34 12.20
CA THR B 484 -7.65 -28.87 12.42
C THR B 484 -7.03 -28.43 11.09
N GLU B 485 -7.44 -29.08 10.01
CA GLU B 485 -6.90 -28.80 8.69
C GLU B 485 -7.30 -27.43 8.16
N CYS B 486 -8.38 -26.87 8.70
CA CYS B 486 -8.91 -25.60 8.21
C CYS B 486 -8.72 -24.46 9.20
N THR B 487 -7.69 -24.58 10.03
CA THR B 487 -7.33 -23.54 11.00
C THR B 487 -8.47 -23.28 11.98
N ILE B 488 -8.55 -24.13 13.01
CA ILE B 488 -9.59 -24.07 14.05
C ILE B 488 -10.99 -24.11 13.41
N MET B 489 -11.91 -23.28 13.91
CA MET B 489 -13.32 -23.36 13.53
C MET B 489 -13.67 -22.53 12.30
N VAL B 490 -14.36 -23.16 11.34
CA VAL B 490 -14.86 -22.44 10.18
C VAL B 490 -16.26 -21.91 10.44
N THR B 491 -16.97 -22.48 11.42
CA THR B 491 -18.30 -21.96 11.76
C THR B 491 -18.48 -21.61 13.23
N MET B 492 -19.34 -20.62 13.46
CA MET B 492 -19.65 -20.12 14.78
C MET B 492 -21.14 -19.86 14.93
N PHE B 493 -21.73 -20.30 16.05
CA PHE B 493 -23.14 -20.08 16.33
C PHE B 493 -23.34 -19.53 17.73
N GLU B 494 -24.15 -18.47 17.84
CA GLU B 494 -24.58 -18.00 19.15
C GLU B 494 -25.83 -18.75 19.57
N VAL B 495 -25.76 -19.39 20.73
CA VAL B 495 -26.89 -20.17 21.20
C VAL B 495 -27.89 -19.30 21.95
N ASP B 496 -29.05 -19.13 21.35
CA ASP B 496 -30.11 -18.33 21.96
C ASP B 496 -31.08 -19.23 22.72
N LYS B 497 -31.42 -20.35 22.10
CA LYS B 497 -32.43 -21.25 22.65
C LYS B 497 -31.86 -22.66 22.76
N PRO B 498 -32.55 -23.55 23.48
CA PRO B 498 -32.16 -24.95 23.43
C PRO B 498 -32.58 -25.60 22.11
N TYR B 499 -31.78 -26.53 21.59
CA TYR B 499 -32.10 -27.23 20.34
C TYR B 499 -31.94 -28.73 20.51
N ALA B 500 -32.65 -29.49 19.68
CA ALA B 500 -32.46 -30.94 19.64
C ALA B 500 -31.15 -31.22 18.93
N ASN B 501 -30.96 -30.57 17.79
CA ASN B 501 -29.65 -30.49 17.16
C ASN B 501 -29.21 -29.04 17.15
N ILE B 502 -28.25 -28.73 18.02
CA ILE B 502 -27.72 -27.37 18.13
C ILE B 502 -26.87 -27.03 16.90
N PRO B 503 -27.30 -26.00 16.16
CA PRO B 503 -26.63 -25.57 14.92
C PRO B 503 -25.21 -25.07 15.15
N ILE B 504 -24.34 -25.28 14.17
CA ILE B 504 -22.94 -24.86 14.30
C ILE B 504 -22.72 -23.51 13.63
N GLY B 505 -23.78 -22.98 13.03
CA GLY B 505 -23.83 -21.57 12.66
C GLY B 505 -23.62 -21.20 11.21
N LYS B 506 -23.12 -19.97 11.01
CA LYS B 506 -22.75 -19.47 9.70
C LYS B 506 -21.24 -19.23 9.66
N PRO B 507 -20.63 -19.49 8.49
CA PRO B 507 -19.18 -19.39 8.26
C PRO B 507 -18.57 -18.07 8.74
N ILE B 508 -17.28 -18.11 9.03
CA ILE B 508 -16.52 -16.91 9.40
C ILE B 508 -16.07 -16.16 8.15
N ASP B 509 -15.30 -15.09 8.34
CA ASP B 509 -14.85 -14.27 7.22
C ASP B 509 -14.03 -15.07 6.23
N ARG B 510 -14.18 -14.75 4.94
CA ARG B 510 -13.40 -15.35 3.86
C ARG B 510 -13.47 -16.87 3.82
N THR B 511 -14.58 -17.44 4.28
CA THR B 511 -14.81 -18.88 4.17
C THR B 511 -16.26 -19.16 3.72
N ARG B 512 -16.41 -20.02 2.73
CA ARG B 512 -17.73 -20.53 2.35
C ARG B 512 -17.83 -22.01 2.67
N ILE B 513 -19.05 -22.51 2.82
CA ILE B 513 -19.23 -23.93 3.07
C ILE B 513 -20.30 -24.50 2.15
N LEU B 514 -19.92 -25.59 1.46
CA LEU B 514 -20.76 -26.13 0.42
C LEU B 514 -21.28 -27.52 0.78
N ILE B 515 -22.61 -27.66 0.84
CA ILE B 515 -23.24 -28.96 1.07
C ILE B 515 -23.41 -29.69 -0.26
N LEU B 516 -22.55 -30.68 -0.51
CA LEU B 516 -22.56 -31.37 -1.80
C LEU B 516 -23.05 -32.80 -1.65
N ASP B 517 -23.52 -33.39 -2.75
CA ASP B 517 -23.86 -34.81 -2.76
C ASP B 517 -22.61 -35.59 -3.13
N GLU B 518 -22.73 -36.91 -3.22
CA GLU B 518 -21.58 -37.78 -3.48
C GLU B 518 -20.89 -37.45 -4.79
N ALA B 519 -21.61 -36.84 -5.72
CA ALA B 519 -21.05 -36.46 -7.01
C ALA B 519 -20.40 -35.08 -6.94
N LEU B 520 -20.38 -34.51 -5.74
CA LEU B 520 -19.82 -33.19 -5.46
C LEU B 520 -20.65 -32.08 -6.13
N ALA B 521 -21.91 -32.37 -6.41
CA ALA B 521 -22.82 -31.36 -6.94
C ALA B 521 -23.63 -30.72 -5.81
N LEU B 522 -23.93 -29.44 -5.97
CA LEU B 522 -24.68 -28.67 -4.97
C LEU B 522 -25.96 -29.35 -4.53
N GLN B 523 -26.25 -29.27 -3.24
CA GLN B 523 -27.50 -29.76 -2.68
C GLN B 523 -28.41 -28.58 -2.41
N PRO B 524 -29.73 -28.79 -2.55
CA PRO B 524 -30.69 -27.75 -2.19
C PRO B 524 -30.62 -27.42 -0.70
N ILE B 525 -31.07 -26.23 -0.33
CA ILE B 525 -31.12 -25.84 1.08
C ILE B 525 -32.06 -26.76 1.84
N GLY B 526 -31.56 -27.37 2.91
CA GLY B 526 -32.35 -28.28 3.70
C GLY B 526 -32.16 -29.73 3.30
N VAL B 527 -31.23 -29.98 2.38
CA VAL B 527 -30.93 -31.34 1.95
C VAL B 527 -29.54 -31.75 2.45
N ALA B 528 -29.50 -32.80 3.26
CA ALA B 528 -28.26 -33.29 3.87
C ALA B 528 -27.21 -33.67 2.83
N GLY B 529 -25.96 -33.48 3.16
CA GLY B 529 -24.87 -33.80 2.25
C GLY B 529 -23.51 -33.55 2.88
N GLU B 530 -22.45 -34.00 2.21
CA GLU B 530 -21.11 -33.80 2.73
C GLU B 530 -20.77 -32.32 2.76
N LEU B 531 -20.36 -31.87 3.94
CA LEU B 531 -19.95 -30.49 4.16
C LEU B 531 -18.53 -30.28 3.66
N PHE B 532 -18.38 -29.38 2.71
CA PHE B 532 -17.08 -28.99 2.19
C PHE B 532 -16.75 -27.60 2.64
N ILE B 533 -15.45 -27.33 2.82
CA ILE B 533 -14.99 -26.02 3.26
C ILE B 533 -14.17 -25.38 2.16
N VAL B 534 -14.53 -24.15 1.82
CA VAL B 534 -13.74 -23.33 0.91
C VAL B 534 -13.35 -22.06 1.66
N GLY B 535 -12.23 -21.46 1.30
CA GLY B 535 -11.89 -20.16 1.86
C GLY B 535 -10.46 -19.92 2.29
N GLU B 536 -10.28 -18.91 3.13
CA GLU B 536 -8.95 -18.52 3.61
C GLU B 536 -8.44 -19.51 4.64
N GLY B 537 -9.34 -20.31 5.20
CA GLY B 537 -9.02 -21.18 6.32
C GLY B 537 -8.23 -22.43 5.99
N LEU B 538 -8.34 -22.90 4.75
CA LEU B 538 -7.63 -24.10 4.31
C LEU B 538 -6.12 -23.94 4.48
N GLY B 539 -5.52 -24.86 5.25
CA GLY B 539 -4.08 -24.86 5.43
C GLY B 539 -3.37 -25.57 4.28
N ARG B 540 -2.05 -25.64 4.36
CA ARG B 540 -1.25 -26.21 3.27
C ARG B 540 -1.36 -27.72 3.19
N GLY B 541 -1.89 -28.34 4.24
CA GLY B 541 -2.16 -29.77 4.21
C GLY B 541 -1.28 -30.63 5.11
N TYR B 542 -1.13 -31.89 4.74
CA TYR B 542 -0.46 -32.87 5.59
C TYR B 542 1.05 -32.97 5.31
N LEU B 543 1.85 -32.83 6.37
CA LEU B 543 3.30 -32.88 6.26
C LEU B 543 3.81 -34.25 5.82
N ASN B 544 4.59 -34.26 4.75
CA ASN B 544 5.17 -35.47 4.17
C ASN B 544 4.14 -36.50 3.72
N ARG B 545 2.91 -36.04 3.51
CA ARG B 545 1.82 -36.91 3.04
C ARG B 545 1.13 -36.29 1.82
N PRO B 546 1.83 -36.25 0.68
CA PRO B 546 1.29 -35.57 -0.51
C PRO B 546 -0.02 -36.19 -1.03
N GLU B 547 -0.10 -37.52 -1.06
CA GLU B 547 -1.25 -38.20 -1.64
C GLU B 547 -2.52 -38.05 -0.82
N LEU B 548 -2.39 -38.27 0.48
CA LEU B 548 -3.50 -38.07 1.39
C LEU B 548 -3.98 -36.62 1.34
N THR B 549 -3.02 -35.73 1.17
CA THR B 549 -3.31 -34.30 1.00
C THR B 549 -4.15 -34.08 -0.25
N ALA B 550 -3.74 -34.69 -1.36
CA ALA B 550 -4.49 -34.61 -2.61
C ALA B 550 -5.89 -35.18 -2.45
N GLU B 551 -6.01 -36.20 -1.61
CA GLU B 551 -7.29 -36.83 -1.32
C GLU B 551 -8.23 -35.85 -0.60
N LYS B 552 -7.73 -35.25 0.47
CA LYS B 552 -8.59 -34.44 1.35
C LYS B 552 -8.78 -33.00 0.86
N PHE B 553 -7.74 -32.42 0.28
CA PHE B 553 -7.84 -31.09 -0.32
C PHE B 553 -8.01 -31.25 -1.83
N ILE B 554 -9.22 -31.00 -2.33
CA ILE B 554 -9.54 -31.31 -3.72
C ILE B 554 -9.73 -30.09 -4.61
N VAL B 555 -9.43 -30.26 -5.90
CA VAL B 555 -9.79 -29.29 -6.91
C VAL B 555 -11.13 -29.71 -7.50
N HIS B 556 -12.19 -28.95 -7.20
CA HIS B 556 -13.53 -29.38 -7.59
C HIS B 556 -13.69 -29.50 -9.10
N PRO B 557 -14.25 -30.63 -9.55
CA PRO B 557 -14.47 -30.94 -10.97
C PRO B 557 -15.20 -29.85 -11.75
N GLN B 558 -16.27 -29.31 -11.18
CA GLN B 558 -17.03 -28.28 -11.90
C GLN B 558 -16.42 -26.89 -11.74
N THR B 559 -16.14 -26.51 -10.50
CA THR B 559 -15.78 -25.14 -10.17
C THR B 559 -14.28 -24.86 -10.28
N GLY B 560 -13.48 -25.84 -9.88
CA GLY B 560 -12.03 -25.70 -9.95
C GLY B 560 -11.41 -25.12 -8.69
N GLU B 561 -12.25 -24.87 -7.69
CA GLU B 561 -11.79 -24.31 -6.42
C GLU B 561 -11.13 -25.36 -5.53
N ARG B 562 -10.19 -24.91 -4.69
CA ARG B 562 -9.59 -25.76 -3.68
C ARG B 562 -10.52 -25.86 -2.47
N MET B 563 -10.97 -27.08 -2.18
CA MET B 563 -11.97 -27.29 -1.14
C MET B 563 -11.59 -28.48 -0.26
N TYR B 564 -11.79 -28.35 1.04
CA TYR B 564 -11.43 -29.43 1.96
C TYR B 564 -12.61 -30.36 2.25
N ARG B 565 -12.42 -31.64 1.95
CA ARG B 565 -13.42 -32.67 2.19
C ARG B 565 -13.35 -33.17 3.62
N THR B 566 -14.36 -32.82 4.43
CA THR B 566 -14.36 -33.14 5.85
C THR B 566 -14.74 -34.59 6.17
N GLY B 567 -15.70 -35.12 5.43
CA GLY B 567 -16.24 -36.44 5.71
C GLY B 567 -17.39 -36.34 6.67
N ASP B 568 -17.78 -35.11 6.98
CA ASP B 568 -18.92 -34.86 7.86
C ASP B 568 -20.21 -34.71 7.07
N ARG B 569 -21.31 -35.06 7.72
CA ARG B 569 -22.65 -34.94 7.15
C ARG B 569 -23.35 -33.73 7.74
N ALA B 570 -23.89 -32.88 6.88
CA ALA B 570 -24.51 -31.64 7.32
C ALA B 570 -25.54 -31.12 6.31
N ARG B 571 -26.24 -30.06 6.70
CA ARG B 571 -27.25 -29.44 5.85
C ARG B 571 -27.57 -28.01 6.31
N PHE B 572 -28.01 -27.18 5.38
CA PHE B 572 -28.35 -25.79 5.67
C PHE B 572 -29.74 -25.66 6.27
N LEU B 573 -29.89 -24.71 7.18
CA LEU B 573 -31.21 -24.35 7.71
C LEU B 573 -31.76 -23.16 6.94
N PRO B 574 -33.08 -22.95 6.99
CA PRO B 574 -33.70 -21.79 6.33
C PRO B 574 -33.11 -20.45 6.76
N ASP B 575 -32.70 -20.33 8.02
CA ASP B 575 -32.18 -19.06 8.51
C ASP B 575 -30.69 -18.88 8.21
N GLY B 576 -30.11 -19.84 7.50
CA GLY B 576 -28.72 -19.76 7.09
C GLY B 576 -27.77 -20.62 7.90
N ASN B 577 -28.15 -20.93 9.13
CA ASN B 577 -27.28 -21.69 10.03
C ASN B 577 -27.10 -23.15 9.60
N ILE B 578 -25.85 -23.62 9.68
CA ILE B 578 -25.53 -24.99 9.31
C ILE B 578 -25.81 -25.97 10.46
N GLU B 579 -26.28 -27.16 10.11
CA GLU B 579 -26.62 -28.19 11.09
C GLU B 579 -25.80 -29.45 10.89
N PHE B 580 -25.15 -29.91 11.95
CA PHE B 580 -24.29 -31.10 11.87
C PHE B 580 -25.09 -32.38 12.08
N LEU B 581 -24.91 -33.35 11.20
CA LEU B 581 -25.78 -34.53 11.18
C LEU B 581 -25.05 -35.84 11.51
N GLY B 582 -23.79 -35.72 11.91
CA GLY B 582 -22.98 -36.88 12.24
C GLY B 582 -21.93 -37.15 11.19
N ARG B 583 -21.18 -38.22 11.36
CA ARG B 583 -20.23 -38.66 10.36
C ARG B 583 -20.91 -39.65 9.44
N LEU B 584 -20.44 -39.73 8.19
CA LEU B 584 -21.10 -40.57 7.19
C LEU B 584 -20.69 -42.03 7.29
N ASP B 585 -19.38 -42.26 7.46
CA ASP B 585 -18.80 -43.59 7.41
C ASP B 585 -19.29 -44.55 8.49
N ASN B 586 -19.64 -44.03 9.66
CA ASN B 586 -20.01 -44.89 10.79
C ASN B 586 -21.34 -45.63 10.58
N LEU B 587 -22.00 -45.35 9.46
CA LEU B 587 -23.22 -46.05 9.06
C LEU B 587 -22.91 -47.51 8.79
N VAL B 588 -23.72 -48.41 9.35
CA VAL B 588 -23.42 -49.84 9.25
C VAL B 588 -24.60 -50.73 8.82
N LYS B 589 -24.27 -51.96 8.46
CA LYS B 589 -25.28 -52.98 8.15
C LYS B 589 -25.32 -54.02 9.25
N ILE B 590 -26.34 -53.95 10.10
CA ILE B 590 -26.47 -54.87 11.21
C ILE B 590 -27.58 -55.87 10.95
N ARG B 591 -27.21 -57.12 10.77
CA ARG B 591 -28.15 -58.18 10.43
C ARG B 591 -28.93 -57.84 9.15
N GLY B 592 -28.31 -57.04 8.29
CA GLY B 592 -28.92 -56.65 7.03
C GLY B 592 -29.64 -55.32 7.10
N TYR B 593 -29.59 -54.68 8.27
CA TYR B 593 -30.31 -53.43 8.52
C TYR B 593 -29.43 -52.19 8.39
N ARG B 594 -29.95 -51.14 7.77
CA ARG B 594 -29.26 -49.86 7.71
C ARG B 594 -29.31 -49.16 9.05
N ILE B 595 -28.15 -48.89 9.64
CA ILE B 595 -28.10 -48.34 11.00
C ILE B 595 -27.09 -47.20 11.19
N GLU B 596 -27.61 -46.04 11.57
CA GLU B 596 -26.77 -44.95 12.03
C GLU B 596 -26.77 -44.89 13.54
N PRO B 597 -25.61 -45.15 14.16
CA PRO B 597 -25.40 -45.09 15.61
C PRO B 597 -25.83 -43.76 16.24
N GLY B 598 -25.54 -42.66 15.56
CA GLY B 598 -25.89 -41.34 16.05
C GLY B 598 -27.37 -41.07 16.08
N GLU B 599 -28.15 -41.98 15.50
CA GLU B 599 -29.59 -41.88 15.57
C GLU B 599 -30.06 -42.48 16.90
N ILE B 600 -29.32 -43.47 17.37
CA ILE B 600 -29.66 -44.19 18.60
C ILE B 600 -29.12 -43.48 19.83
N GLU B 601 -27.93 -42.88 19.71
CA GLU B 601 -27.30 -42.20 20.85
C GLU B 601 -28.21 -41.19 21.61
N PRO B 602 -28.92 -40.30 20.88
CA PRO B 602 -29.74 -39.35 21.65
C PRO B 602 -30.91 -39.99 22.38
N PHE B 603 -31.43 -41.11 21.85
CA PHE B 603 -32.52 -41.81 22.51
C PHE B 603 -32.03 -42.52 23.75
N LEU B 604 -30.75 -42.89 23.71
CA LEU B 604 -30.14 -43.53 24.86
C LEU B 604 -29.92 -42.48 25.94
N MET B 605 -29.44 -41.30 25.55
CA MET B 605 -29.01 -40.30 26.52
C MET B 605 -30.11 -39.67 27.37
N ASN B 606 -31.33 -39.50 26.83
CA ASN B 606 -32.38 -38.87 27.62
C ASN B 606 -32.87 -39.75 28.77
N HIS B 607 -32.29 -40.95 28.87
CA HIS B 607 -32.45 -41.79 30.05
C HIS B 607 -31.98 -41.00 31.26
N PRO B 608 -32.76 -41.02 32.36
CA PRO B 608 -32.47 -40.16 33.51
C PRO B 608 -31.12 -40.39 34.21
N LEU B 609 -30.45 -41.50 33.94
CA LEU B 609 -29.26 -41.83 34.70
C LEU B 609 -27.94 -41.68 33.94
N ILE B 610 -28.00 -41.64 32.61
CA ILE B 610 -26.76 -41.58 31.83
C ILE B 610 -26.53 -40.21 31.19
N GLU B 611 -25.27 -39.77 31.26
CA GLU B 611 -24.88 -38.41 30.89
C GLU B 611 -24.24 -38.36 29.51
N LEU B 612 -23.62 -39.46 29.11
CA LEU B 612 -22.92 -39.53 27.83
C LEU B 612 -22.99 -40.92 27.24
N THR B 613 -23.34 -40.99 25.96
CA THR B 613 -23.44 -42.25 25.24
C THR B 613 -22.85 -42.18 23.86
N THR B 614 -22.05 -43.18 23.50
CA THR B 614 -21.72 -43.42 22.10
C THR B 614 -21.93 -44.89 21.83
N VAL B 615 -22.51 -45.21 20.69
CA VAL B 615 -22.74 -46.61 20.34
C VAL B 615 -21.91 -46.98 19.10
N LEU B 616 -21.31 -48.17 19.13
CA LEU B 616 -20.40 -48.58 18.06
C LEU B 616 -20.80 -49.92 17.46
N ALA B 617 -20.19 -50.24 16.32
CA ALA B 617 -20.41 -51.53 15.67
C ALA B 617 -19.10 -52.33 15.69
N LYS B 618 -19.16 -53.56 16.16
CA LYS B 618 -17.95 -54.37 16.30
C LYS B 618 -18.09 -55.71 15.58
N GLU B 619 -16.97 -56.36 15.28
CA GLU B 619 -17.00 -57.58 14.47
C GLU B 619 -17.02 -58.86 15.30
N GLN B 620 -17.71 -59.87 14.78
CA GLN B 620 -17.82 -61.17 15.45
C GLN B 620 -16.67 -62.09 15.06
N ALA B 621 -15.70 -61.55 14.32
CA ALA B 621 -14.65 -62.35 13.66
C ALA B 621 -15.28 -63.32 12.67
N ASP B 622 -16.51 -63.02 12.25
CA ASP B 622 -17.17 -63.75 11.18
C ASP B 622 -17.33 -62.82 9.98
N GLY B 623 -16.89 -61.58 10.15
CA GLY B 623 -16.87 -60.62 9.06
C GLY B 623 -17.90 -59.51 9.14
N ARG B 624 -18.96 -59.71 9.91
CA ARG B 624 -20.02 -58.71 10.01
C ARG B 624 -20.07 -58.10 11.41
N LYS B 625 -21.01 -57.17 11.64
CA LYS B 625 -20.97 -56.39 12.87
C LYS B 625 -22.24 -56.42 13.73
N TYR B 626 -22.05 -56.17 15.02
CA TYR B 626 -23.13 -56.06 16.00
C TYR B 626 -23.03 -54.73 16.74
N LEU B 627 -24.10 -54.35 17.43
CA LEU B 627 -24.15 -53.04 18.07
C LEU B 627 -23.90 -53.07 19.58
N VAL B 628 -22.92 -52.27 20.00
CA VAL B 628 -22.59 -52.11 21.41
C VAL B 628 -22.82 -50.67 21.83
N GLY B 629 -23.80 -50.46 22.70
CA GLY B 629 -24.06 -49.13 23.23
C GLY B 629 -23.23 -48.84 24.46
N TYR B 630 -22.37 -47.84 24.37
CA TYR B 630 -21.51 -47.46 25.49
C TYR B 630 -22.09 -46.26 26.24
N TYR B 631 -22.29 -46.43 27.54
CA TYR B 631 -22.84 -45.34 28.35
C TYR B 631 -22.04 -45.07 29.61
N VAL B 632 -21.90 -43.79 29.95
CA VAL B 632 -21.30 -43.40 31.21
C VAL B 632 -22.43 -43.29 32.25
N ALA B 633 -22.20 -43.83 33.44
CA ALA B 633 -23.29 -43.88 34.43
C ALA B 633 -22.78 -44.06 35.86
N PRO B 634 -23.60 -43.65 36.86
CA PRO B 634 -23.27 -43.86 38.27
C PRO B 634 -22.99 -45.33 38.57
N GLU B 635 -23.87 -46.20 38.07
CA GLU B 635 -23.70 -47.65 38.21
C GLU B 635 -24.31 -48.34 37.00
N GLU B 636 -24.13 -49.66 36.93
CA GLU B 636 -24.67 -50.45 35.82
C GLU B 636 -26.18 -50.30 35.73
N ILE B 637 -26.68 -50.21 34.51
CA ILE B 637 -28.12 -50.25 34.27
C ILE B 637 -28.45 -51.56 33.56
N PRO B 638 -29.38 -52.34 34.15
CA PRO B 638 -29.75 -53.66 33.64
C PRO B 638 -30.06 -53.67 32.14
N HIS B 639 -29.71 -54.76 31.48
CA HIS B 639 -29.96 -54.94 30.05
C HIS B 639 -31.42 -54.67 29.71
N GLY B 640 -32.32 -55.40 30.36
CA GLY B 640 -33.75 -55.30 30.09
C GLY B 640 -34.30 -53.90 30.11
N GLU B 641 -33.95 -53.12 31.14
CA GLU B 641 -34.49 -51.77 31.26
C GLU B 641 -33.99 -50.86 30.15
N LEU B 642 -32.72 -50.99 29.76
CA LEU B 642 -32.20 -50.23 28.63
C LEU B 642 -32.92 -50.61 27.36
N ARG B 643 -33.05 -51.92 27.16
CA ARG B 643 -33.69 -52.47 25.98
C ARG B 643 -35.13 -51.97 25.84
N GLU B 644 -35.82 -51.86 26.96
CA GLU B 644 -37.19 -51.36 26.94
C GLU B 644 -37.20 -49.85 26.74
N TRP B 645 -36.23 -49.18 27.35
CA TRP B 645 -36.13 -47.73 27.29
C TRP B 645 -35.99 -47.29 25.84
N LEU B 646 -35.00 -47.82 25.15
CA LEU B 646 -34.85 -47.54 23.73
C LEU B 646 -36.02 -48.15 22.96
N GLY B 647 -36.53 -49.26 23.48
CA GLY B 647 -37.62 -49.99 22.85
C GLY B 647 -38.86 -49.14 22.68
N ASN B 648 -39.02 -48.14 23.53
CA ASN B 648 -40.18 -47.26 23.44
C ASN B 648 -40.15 -46.33 22.21
N ASP B 649 -38.96 -45.92 21.79
CA ASP B 649 -38.82 -44.95 20.72
C ASP B 649 -38.27 -45.53 19.42
N LEU B 650 -37.58 -46.67 19.53
CA LEU B 650 -36.85 -47.24 18.39
C LEU B 650 -37.33 -48.62 17.98
N PRO B 651 -37.21 -48.93 16.69
CA PRO B 651 -37.47 -50.28 16.16
C PRO B 651 -36.52 -51.31 16.76
N ASP B 652 -36.99 -52.55 16.86
CA ASP B 652 -36.29 -53.58 17.60
C ASP B 652 -34.91 -53.92 17.06
N TYR B 653 -34.72 -53.79 15.74
CA TYR B 653 -33.41 -54.05 15.16
C TYR B 653 -32.43 -52.95 15.53
N MET B 654 -32.96 -51.77 15.84
CA MET B 654 -32.11 -50.62 16.16
C MET B 654 -31.59 -50.69 17.59
N ILE B 655 -32.31 -51.37 18.47
CA ILE B 655 -31.84 -51.57 19.83
C ILE B 655 -30.61 -52.48 19.82
N PRO B 656 -29.51 -51.99 20.39
CA PRO B 656 -28.22 -52.69 20.48
C PRO B 656 -28.29 -54.00 21.23
N THR B 657 -27.51 -54.99 20.77
CA THR B 657 -27.45 -56.28 21.41
C THR B 657 -26.48 -56.29 22.59
N TYR B 658 -25.67 -55.24 22.70
CA TYR B 658 -24.83 -55.13 23.88
C TYR B 658 -24.88 -53.72 24.45
N PHE B 659 -24.60 -53.61 25.74
CA PHE B 659 -24.51 -52.33 26.43
C PHE B 659 -23.38 -52.37 27.45
N VAL B 660 -22.44 -51.44 27.36
CA VAL B 660 -21.33 -51.40 28.30
C VAL B 660 -21.38 -50.18 29.21
N HIS B 661 -21.39 -50.45 30.51
CA HIS B 661 -21.28 -49.40 31.53
C HIS B 661 -19.84 -48.96 31.68
N MET B 662 -19.66 -47.66 31.72
CA MET B 662 -18.36 -47.09 32.09
C MET B 662 -18.57 -45.94 33.06
N LYS B 663 -17.60 -45.78 33.94
CA LYS B 663 -17.65 -44.71 34.93
C LYS B 663 -17.13 -43.43 34.31
N ALA B 664 -16.23 -43.59 33.34
CA ALA B 664 -15.67 -42.46 32.63
C ALA B 664 -15.29 -42.85 31.21
N PHE B 665 -15.43 -41.92 30.28
CA PHE B 665 -15.02 -42.14 28.91
C PHE B 665 -13.57 -41.75 28.72
N PRO B 666 -12.84 -42.54 27.91
CA PRO B 666 -11.50 -42.11 27.50
C PRO B 666 -11.59 -40.96 26.51
N LEU B 667 -10.77 -39.93 26.71
CA LEU B 667 -10.82 -38.77 25.84
C LEU B 667 -9.52 -38.55 25.08
N THR B 668 -9.58 -38.57 23.76
CA THR B 668 -8.55 -37.90 22.98
C THR B 668 -8.66 -36.46 23.42
N ALA B 669 -7.52 -35.87 23.75
CA ALA B 669 -7.55 -34.52 24.29
C ALA B 669 -7.91 -33.52 23.19
N ASN B 670 -7.91 -34.00 21.94
CA ASN B 670 -8.57 -33.31 20.85
C ASN B 670 -9.89 -34.00 20.47
N GLY B 671 -10.96 -33.53 21.09
CA GLY B 671 -12.28 -34.08 20.85
C GLY B 671 -12.92 -34.50 22.16
N LYS B 672 -14.13 -35.05 22.09
CA LYS B 672 -14.80 -35.52 23.30
C LYS B 672 -14.18 -36.87 23.67
N VAL B 673 -14.43 -37.88 22.84
CA VAL B 673 -13.96 -39.23 23.16
C VAL B 673 -13.23 -39.90 22.00
N ASP B 674 -12.29 -40.80 22.34
CA ASP B 674 -11.65 -41.62 21.33
C ASP B 674 -12.37 -42.97 21.28
N ARG B 675 -12.92 -43.28 20.11
CA ARG B 675 -13.81 -44.42 19.95
C ARG B 675 -13.07 -45.76 19.98
N ARG B 676 -11.82 -45.75 19.51
CA ARG B 676 -11.03 -46.97 19.40
C ARG B 676 -10.65 -47.53 20.77
N ALA B 677 -10.65 -46.66 21.78
CA ALA B 677 -10.19 -47.03 23.10
C ALA B 677 -11.21 -47.89 23.87
N LEU B 678 -12.48 -47.73 23.54
CA LEU B 678 -13.55 -48.45 24.23
C LEU B 678 -13.34 -49.96 24.14
N PRO B 679 -13.29 -50.64 25.30
CA PRO B 679 -13.00 -52.06 25.41
C PRO B 679 -13.93 -52.92 24.55
N ASP B 680 -13.36 -53.96 23.96
CA ASP B 680 -14.13 -54.82 23.08
C ASP B 680 -14.31 -56.22 23.63
N VAL B 681 -15.58 -56.59 23.76
CA VAL B 681 -15.96 -57.95 24.08
C VAL B 681 -15.69 -58.81 22.83
N GLN B 682 -16.27 -60.00 22.74
CA GLN B 682 -16.02 -60.95 21.66
C GLN B 682 -17.14 -61.98 21.69
N ALA B 683 -17.87 -62.14 20.59
CA ALA B 683 -18.94 -63.11 20.54
C ALA B 683 -18.51 -64.32 19.72
N ASP B 684 -18.94 -65.51 20.13
CA ASP B 684 -18.70 -66.70 19.33
C ASP B 684 -19.62 -66.69 18.12
N ALA B 685 -20.77 -66.05 18.28
CA ALA B 685 -21.83 -66.01 17.26
C ALA B 685 -22.26 -67.41 16.83
O23 PNS C . 19.74 43.13 2.65
P24 PNS C . 20.21 44.53 2.98
O26 PNS C . 21.44 44.85 2.16
O27 PNS C . 20.59 44.62 4.56
C28 PNS C . 21.49 45.65 4.93
#